data_7KY8
#
_entry.id   7KY8
#
_cell.length_a   1.00
_cell.length_b   1.00
_cell.length_c   1.00
_cell.angle_alpha   90.00
_cell.angle_beta   90.00
_cell.angle_gamma   90.00
#
_symmetry.space_group_name_H-M   'P 1'
#
loop_
_entity.id
_entity.type
_entity.pdbx_description
1 polymer 'Phospholipid-transporting ATPase DNF2'
2 polymer 'Alkylphosphocholine resistance protein LEM3'
3 branched 2-acetamido-2-deoxy-beta-D-glucopyranose-(1-4)-2-acetamido-2-deoxy-beta-D-glucopyranose
4 branched alpha-D-mannopyranose-(3-3)-alpha-D-mannopyranose-(1-4)-2-acetamido-2-deoxy-beta-D-glucopyranose-(1-4)-2-acetamido-2-deoxy-beta-D-glucopyranose
5 non-polymer CHOLESTEROL
6 non-polymer 'MAGNESIUM ION'
7 non-polymer 'PHOSPHOMETHYLPHOSPHONIC ACID ADENYLATE ESTER'
8 non-polymer alpha-D-mannopyranose
9 non-polymer 2-acetamido-2-deoxy-beta-D-glucopyranose
#
loop_
_entity_poly.entity_id
_entity_poly.type
_entity_poly.pdbx_seq_one_letter_code
_entity_poly.pdbx_strand_id
1 'polypeptide(L)'
;MSSPSKPTSPFVDDIEHESGSASNGLSSMSPFDDSFQFEKPSSAHGNIEVAKTGGSVLKRQSKPMKDISTPDLSKVTFDG
IDDYSNDNDINDDDELNGKKTEIHEHENEVDDDLHSFQATPMPNTGGFEDVELDNNEGSNNDSQADHKLKRVRFGTRRNK
SGRIDINRSKTLKWAKKNFHNAIDEFSTKEDSLENSALQNRSDELRTVYYNLPLPEDMLDEDGLPLAVYPRNKIRTTKYT
PLTFFPKNILFQFHNFANIYFLILLILGAFQIFGVTNPGFASVPLIVIVIITAIKDGIEDSRRTVLDLEVNNTRTHILSG
VKNENVAVDNVSLWRRFKKANTRALIKIFEYFSENLTAAGREKKLQKKREELRRKRNSRSFGPRGSLDSIGSYRMSADFG
RPSLDYENLNQTMSQANRYNDGENLVDRTLQPNPECRFAKDYWKNVKVGDIVRVHNNDEIPADMILLSTSDVDGACYVET
KNLDGETNLKVRQSLKCSKIIKSSRDITRTKFWVESEGPHANLYSYQGNFKWQDTQNGNIRNEPVNINNLLLRGCTLRNT
KWAMGMVIFTGDDTKIMINAGVTPTKKSRISRELNFSVILNFVLLFILCFTAGIVNGVYYKQKPRSRDYFEFGTIGGSAS
TNGFVSFWVAVILYQSLVPISLYISVEIIKTAQAIFIYTDVLLYNAKLDYPCTPKSWNISDDLGQIEYIFSDKTGTLTQN
VMEFKKCTINGVSYGRAYTEALAGLRKRQGVDVESEGRREKEEIAKDRETMIDELRSMSDNTQFCPEDLTFVSKEIVEDL
KGSSGDHQQKCCEHFLLALALCHSVLVEPNKDDPKKLDIKAQSPDESALVSTARQLGYSFVGSSKSGLIVEIQGVQKEFQ
VLNVLEFNSSRKRMSCIIKIPGSTPKDEPKALLICKGADSVIYSRLDRTQNDATLLEKTALHLEEYATEGLRTLCLAQRE
LTWSEYERWVKTYDVAAASVTNREEELDKVTDVIERELILLGGTAIEDRLQDGVPDSIALLAEAGIKLWVLTGDKVETAI
NIGFSCNVLNNDMELLVVKASGEDVEEFGSDPIQVVNNLVTKYLREKFGMSGSEEELKEAKREHGLPQGNFAVIIDGDAL
KVALNGEEMRRKFLLLCKNCKAVLCCRVSPAQKAAVVKLVKKTLDVMTLAIGDGSNDVAMIQSADVGVGIAGEEGRQAVM
CSDYAIGQFRYVTRLVLVHGKWCYKRLAEMIPQFFYKNVIFTLSLFWYGIYNNFDGSYLFEYTYLTFYNLAFTSVPVILL
AVLDQDVSDTVSMLVPQLYRVGILRKEWNQTKFLWYMLDGVYQSVICFFFPYLAYHKNMVVTENGLGLDHRYFVGVFVTA
IAVTSCNFYVFMEQYRWDWFCGLFICLSLAVFYGWTGIWTSSSSSNEFYKGAARVFAQPAYWAVLFVGVLFCLLPRFTID
CIRKIFYPKDIEIVREMWLRGDFDLYPQGYDPTDPSRPRINEIRPLTDFKEPISLDTHFDGVSHSQETIVTEEIPMSILN
GEQGSRKGYRVSTTLERRDQLSPVTTTNNLPRRSMASARGNKLRTSLDRTREEMLANHQLDTRYSVERARASLDLPGINH
AETLLSQRSRDR
;
A
2 'polypeptide(L)'
;MVNFDLGQVGEVFRRKDKGAIVSGDNPEEEEDVDASEFEEDEVKPVRTKNRRPKEDAFTQQRLAAINPVLTPRTVLPLYL
LIAVVFVIVGGCILAQNSKVDEVTIYYQDCMTNATSSWSDIPSEHWQFVFHKYKTYNTAPQWRFVDDESDDFTKQRGTCQ
IRFTTPSDMKNNVYLNYVLEKFAANHRRYVLSFSEDQIRGEDASYETVHDATGINCKPLSKNADGKIYYPCGLIANSMFN
DTFPLQLTNVGDTSNNYSLTNKGINWESDKKRYKKTKYNYTQIAPPPYWEKMYPDGYNETNIPDIQDWEEFQNWMRPGAF
DKITKLIRINKNDTLPAGEYQLDIGLHWPVLEFNGKKGIYLTHGSHLGGRNPFLGIVYLIGGCICAAMALILLTFWLFGG
RKIADASSLSWNMK
;
B
#
loop_
_chem_comp.id
_chem_comp.type
_chem_comp.name
_chem_comp.formula
ACP non-polymer 'PHOSPHOMETHYLPHOSPHONIC ACID ADENYLATE ESTER' 'C11 H18 N5 O12 P3'
CLR non-polymer CHOLESTEROL 'C27 H46 O'
MAN D-saccharide, alpha linking alpha-D-mannopyranose 'C6 H12 O6'
MG non-polymer 'MAGNESIUM ION' 'Mg 2'
NAG D-saccharide, beta linking 2-acetamido-2-deoxy-beta-D-glucopyranose 'C8 H15 N O6'
#
# COMPACT_ATOMS: atom_id res chain seq x y z
N GLY A 279 -19.30 8.88 -19.50
CA GLY A 279 -18.96 7.54 -19.08
C GLY A 279 -19.21 7.29 -17.62
N PHE A 280 -18.84 6.08 -17.16
CA PHE A 280 -19.02 5.71 -15.76
C PHE A 280 -17.72 5.21 -15.13
N ALA A 281 -16.64 5.10 -15.90
CA ALA A 281 -15.35 4.70 -15.37
C ALA A 281 -14.48 5.88 -14.97
N SER A 282 -14.92 7.11 -15.22
CA SER A 282 -14.15 8.30 -14.89
C SER A 282 -14.94 9.37 -14.15
N VAL A 283 -16.27 9.38 -14.23
CA VAL A 283 -17.08 10.38 -13.54
C VAL A 283 -17.25 10.03 -12.07
N PRO A 284 -17.58 8.79 -11.70
CA PRO A 284 -17.74 8.47 -10.26
C PRO A 284 -16.45 8.53 -9.47
N LEU A 285 -15.30 8.74 -10.11
CA LEU A 285 -14.06 8.94 -9.38
C LEU A 285 -13.85 10.37 -8.95
N ILE A 286 -14.48 11.33 -9.64
CA ILE A 286 -14.33 12.74 -9.29
C ILE A 286 -14.95 13.02 -7.92
N VAL A 287 -16.06 12.36 -7.61
CA VAL A 287 -16.67 12.55 -6.30
C VAL A 287 -15.81 11.93 -5.20
N ILE A 288 -15.22 10.76 -5.46
CA ILE A 288 -14.44 10.10 -4.44
C ILE A 288 -13.14 10.84 -4.17
N VAL A 289 -12.50 11.36 -5.21
CA VAL A 289 -11.22 12.04 -5.04
C VAL A 289 -11.36 13.36 -4.29
N ILE A 290 -12.58 13.89 -4.17
CA ILE A 290 -12.79 15.10 -3.40
C ILE A 290 -13.38 14.75 -2.04
N ILE A 291 -14.10 13.63 -1.96
CA ILE A 291 -14.58 13.16 -0.67
C ILE A 291 -13.41 12.76 0.22
N THR A 292 -12.39 12.13 -0.36
CA THR A 292 -11.22 11.74 0.42
C THR A 292 -10.46 12.95 0.94
N ALA A 293 -10.56 14.10 0.28
CA ALA A 293 -9.95 15.33 0.78
C ALA A 293 -10.84 16.04 1.80
N ILE A 294 -12.16 15.97 1.62
CA ILE A 294 -13.08 16.49 2.62
C ILE A 294 -12.91 15.74 3.93
N LYS A 295 -12.65 14.43 3.85
CA LYS A 295 -12.37 13.66 5.06
C LYS A 295 -11.13 14.17 5.77
N ASP A 296 -10.07 14.48 5.02
CA ASP A 296 -8.87 15.05 5.62
C ASP A 296 -9.17 16.40 6.26
N GLY A 297 -9.94 17.24 5.56
CA GLY A 297 -10.27 18.55 6.10
C GLY A 297 -11.08 18.47 7.39
N ILE A 298 -12.03 17.53 7.45
CA ILE A 298 -12.81 17.33 8.67
C ILE A 298 -11.91 16.80 9.79
N GLU A 299 -11.00 15.89 9.45
CA GLU A 299 -10.11 15.27 10.43
C GLU A 299 -8.87 16.11 10.69
N ASP A 300 -8.89 17.40 10.37
CA ASP A 300 -7.79 18.30 10.65
C ASP A 300 -8.17 19.50 11.49
N SER A 301 -9.45 19.87 11.54
CA SER A 301 -9.93 20.98 12.35
C SER A 301 -10.22 20.58 13.79
N ARG A 302 -10.08 19.30 14.13
CA ARG A 302 -10.33 18.83 15.49
C ARG A 302 -9.03 18.72 16.28
N THR A 585 2.25 17.18 -0.38
CA THR A 585 3.47 17.99 -0.46
C THR A 585 4.61 17.19 -1.08
N LYS A 586 5.01 16.12 -0.40
CA LYS A 586 6.09 15.25 -0.87
C LYS A 586 5.64 13.80 -0.79
N LYS A 587 6.09 13.01 -1.77
CA LYS A 587 5.58 11.67 -1.99
C LYS A 587 6.28 10.66 -1.08
N SER A 588 5.78 9.42 -1.12
CA SER A 588 6.35 8.32 -0.37
C SER A 588 7.49 7.69 -1.16
N ARG A 589 7.95 6.51 -0.74
CA ARG A 589 8.97 5.78 -1.48
C ARG A 589 8.38 4.78 -2.46
N ILE A 590 7.23 4.18 -2.14
CA ILE A 590 6.61 3.21 -3.03
C ILE A 590 5.98 3.84 -4.26
N SER A 591 5.79 5.17 -4.27
CA SER A 591 5.14 5.81 -5.40
C SER A 591 5.97 5.70 -6.68
N ARG A 592 7.30 5.79 -6.56
CA ARG A 592 8.14 5.71 -7.75
C ARG A 592 8.06 4.33 -8.38
N GLU A 593 8.17 3.28 -7.56
CA GLU A 593 8.00 1.92 -8.08
C GLU A 593 6.59 1.71 -8.62
N LEU A 594 5.59 2.37 -8.01
CA LEU A 594 4.24 2.29 -8.52
C LEU A 594 4.14 2.86 -9.93
N ASN A 595 4.77 4.01 -10.16
CA ASN A 595 4.77 4.61 -11.49
C ASN A 595 5.50 3.72 -12.49
N PHE A 596 6.61 3.11 -12.08
CA PHE A 596 7.31 2.19 -12.97
C PHE A 596 6.43 0.99 -13.33
N SER A 597 5.72 0.44 -12.33
CA SER A 597 4.85 -0.70 -12.58
C SER A 597 3.70 -0.32 -13.51
N VAL A 598 3.15 0.88 -13.34
CA VAL A 598 2.09 1.33 -14.25
C VAL A 598 2.62 1.45 -15.67
N ILE A 599 3.85 1.97 -15.82
CA ILE A 599 4.45 2.04 -17.15
C ILE A 599 4.60 0.66 -17.76
N LEU A 600 5.05 -0.31 -16.97
CA LEU A 600 5.23 -1.66 -17.51
C LEU A 600 3.87 -2.29 -17.84
N ASN A 601 2.84 -1.97 -17.07
CA ASN A 601 1.50 -2.45 -17.41
C ASN A 601 1.03 -1.88 -18.74
N PHE A 602 1.29 -0.59 -18.98
CA PHE A 602 0.97 -0.02 -20.28
C PHE A 602 1.76 -0.69 -21.39
N VAL A 603 3.01 -1.08 -21.11
CA VAL A 603 3.80 -1.81 -22.10
C VAL A 603 3.14 -3.14 -22.44
N LEU A 604 2.66 -3.86 -21.42
CA LEU A 604 1.96 -5.12 -21.66
C LEU A 604 0.70 -4.89 -22.48
N LEU A 605 -0.07 -3.85 -22.15
CA LEU A 605 -1.25 -3.52 -22.93
C LEU A 605 -0.88 -3.26 -24.39
N PHE A 606 0.19 -2.51 -24.60
CA PHE A 606 0.60 -2.17 -25.96
C PHE A 606 1.00 -3.40 -26.75
N ILE A 607 1.73 -4.33 -26.11
CA ILE A 607 2.15 -5.52 -26.84
C ILE A 607 0.94 -6.41 -27.16
N LEU A 608 -0.02 -6.50 -26.23
CA LEU A 608 -1.23 -7.27 -26.50
C LEU A 608 -2.00 -6.67 -27.67
N CYS A 609 -2.19 -5.35 -27.65
CA CYS A 609 -2.94 -4.70 -28.72
C CYS A 609 -2.20 -4.77 -30.05
N PHE A 610 -0.87 -4.72 -30.01
CA PHE A 610 -0.08 -4.87 -31.24
C PHE A 610 -0.28 -6.25 -31.84
N THR A 611 -0.24 -7.30 -31.00
CA THR A 611 -0.48 -8.64 -31.52
C THR A 611 -1.90 -8.78 -32.07
N ALA A 612 -2.87 -8.20 -31.36
CA ALA A 612 -4.26 -8.25 -31.83
C ALA A 612 -4.42 -7.58 -33.18
N GLY A 613 -3.81 -6.40 -33.35
CA GLY A 613 -3.87 -5.72 -34.63
C GLY A 613 -3.13 -6.48 -35.72
N ILE A 614 -2.04 -7.14 -35.37
CA ILE A 614 -1.29 -7.92 -36.35
C ILE A 614 -2.14 -9.06 -36.88
N VAL A 615 -2.80 -9.80 -35.97
CA VAL A 615 -3.61 -10.92 -36.43
C VAL A 615 -4.83 -10.42 -37.19
N ASN A 616 -5.51 -9.40 -36.66
CA ASN A 616 -6.67 -8.84 -37.35
C ASN A 616 -6.20 -8.04 -38.57
N GLY A 617 -6.18 -8.69 -39.72
CA GLY A 617 -5.63 -8.11 -40.92
C GLY A 617 -4.88 -9.16 -41.70
N VAL A 618 -4.36 -10.16 -40.99
CA VAL A 618 -3.79 -11.33 -41.65
C VAL A 618 -4.88 -12.11 -42.36
N TYR A 619 -6.03 -12.30 -41.71
CA TYR A 619 -7.09 -13.11 -42.29
C TYR A 619 -7.95 -12.36 -43.28
N TYR A 620 -7.85 -11.03 -43.34
CA TYR A 620 -8.53 -10.28 -44.39
C TYR A 620 -7.95 -10.57 -45.77
N LYS A 621 -6.73 -11.11 -45.83
CA LYS A 621 -6.11 -11.52 -47.09
C LYS A 621 -5.99 -13.03 -47.18
N GLN A 622 -6.87 -13.75 -46.49
CA GLN A 622 -6.88 -15.20 -46.45
C GLN A 622 -7.95 -15.74 -47.39
N LYS A 623 -8.22 -17.04 -47.29
CA LYS A 623 -9.20 -17.77 -48.08
C LYS A 623 -10.57 -17.13 -47.98
N PRO A 624 -11.51 -17.46 -48.87
CA PRO A 624 -12.83 -16.80 -48.85
C PRO A 624 -13.66 -17.17 -47.62
N ARG A 625 -13.39 -16.50 -46.50
CA ARG A 625 -14.13 -16.74 -45.28
C ARG A 625 -15.58 -16.28 -45.42
N SER A 626 -16.36 -16.50 -44.37
CA SER A 626 -17.80 -16.26 -44.39
C SER A 626 -18.16 -14.83 -44.04
N ARG A 627 -17.25 -13.89 -44.19
CA ARG A 627 -17.52 -12.50 -43.92
C ARG A 627 -17.86 -11.69 -45.17
N ASP A 628 -17.55 -12.21 -46.35
CA ASP A 628 -17.79 -11.48 -47.59
C ASP A 628 -19.13 -11.80 -48.24
N TYR A 629 -19.95 -12.65 -47.61
CA TYR A 629 -21.26 -12.98 -48.13
C TYR A 629 -22.40 -12.45 -47.29
N PHE A 630 -22.26 -12.41 -45.97
CA PHE A 630 -23.32 -11.98 -45.08
C PHE A 630 -23.04 -10.65 -44.39
N GLU A 631 -21.90 -10.01 -44.67
CA GLU A 631 -21.54 -8.79 -43.97
C GLU A 631 -21.34 -7.58 -44.85
N PHE A 632 -21.36 -7.73 -46.18
CA PHE A 632 -21.25 -6.61 -47.10
C PHE A 632 -19.98 -5.78 -46.87
N GLY A 633 -18.89 -6.45 -46.49
CA GLY A 633 -17.65 -5.76 -46.23
C GLY A 633 -16.74 -5.70 -47.43
N THR A 634 -17.19 -5.06 -48.50
CA THR A 634 -16.43 -4.93 -49.74
C THR A 634 -15.94 -3.49 -49.87
N ILE A 635 -14.79 -3.22 -49.24
CA ILE A 635 -14.17 -1.91 -49.24
C ILE A 635 -12.69 -2.08 -49.57
N GLY A 636 -12.15 -1.17 -50.38
CA GLY A 636 -10.78 -1.28 -50.83
C GLY A 636 -9.74 -0.93 -49.77
N GLY A 637 -9.85 -1.56 -48.60
CA GLY A 637 -8.88 -1.37 -47.54
C GLY A 637 -8.78 -2.57 -46.62
N SER A 638 -7.58 -3.09 -46.44
CA SER A 638 -7.39 -4.26 -45.59
C SER A 638 -6.33 -4.05 -44.52
N ALA A 639 -5.26 -3.33 -44.82
CA ALA A 639 -4.19 -3.10 -43.87
C ALA A 639 -3.69 -1.66 -43.81
N SER A 640 -4.00 -0.82 -44.81
CA SER A 640 -3.55 0.57 -44.77
C SER A 640 -4.21 1.33 -43.63
N THR A 641 -5.51 1.12 -43.42
CA THR A 641 -6.24 1.76 -42.33
C THR A 641 -7.13 0.81 -41.54
N ASN A 642 -7.50 -0.35 -42.09
CA ASN A 642 -8.35 -1.26 -41.34
C ASN A 642 -7.59 -1.85 -40.15
N GLY A 643 -6.31 -2.17 -40.32
CA GLY A 643 -5.50 -2.56 -39.18
C GLY A 643 -5.40 -1.46 -38.14
N PHE A 644 -5.32 -0.21 -38.60
CA PHE A 644 -5.27 0.93 -37.69
C PHE A 644 -6.54 1.03 -36.86
N VAL A 645 -7.70 0.94 -37.50
CA VAL A 645 -8.95 1.04 -36.75
C VAL A 645 -9.13 -0.18 -35.86
N SER A 646 -8.66 -1.36 -36.28
CA SER A 646 -8.71 -2.53 -35.42
C SER A 646 -7.87 -2.32 -34.17
N PHE A 647 -6.67 -1.76 -34.32
CA PHE A 647 -5.83 -1.48 -33.17
C PHE A 647 -6.50 -0.46 -32.24
N TRP A 648 -7.10 0.58 -32.82
CA TRP A 648 -7.74 1.60 -31.99
C TRP A 648 -8.93 1.04 -31.22
N VAL A 649 -9.76 0.23 -31.87
CA VAL A 649 -10.88 -0.38 -31.15
C VAL A 649 -10.38 -1.38 -30.12
N ALA A 650 -9.28 -2.09 -30.42
CA ALA A 650 -8.71 -3.01 -29.45
C ALA A 650 -8.26 -2.26 -28.21
N VAL A 651 -7.60 -1.12 -28.38
CA VAL A 651 -7.12 -0.38 -27.21
C VAL A 651 -8.29 0.25 -26.46
N ILE A 652 -9.32 0.70 -27.17
CA ILE A 652 -10.44 1.32 -26.47
C ILE A 652 -11.23 0.27 -25.70
N LEU A 653 -11.19 -0.99 -26.14
CA LEU A 653 -11.77 -2.07 -25.35
C LEU A 653 -10.85 -2.49 -24.21
N TYR A 654 -9.53 -2.43 -24.42
CA TYR A 654 -8.55 -2.91 -23.46
C TYR A 654 -8.15 -1.86 -22.45
N GLN A 655 -8.76 -0.67 -22.49
CA GLN A 655 -8.50 0.39 -21.52
C GLN A 655 -8.56 -0.07 -20.08
N SER A 656 -9.09 -1.27 -19.83
CA SER A 656 -9.14 -1.82 -18.49
C SER A 656 -7.77 -1.82 -17.82
N LEU A 657 -6.71 -2.11 -18.58
CA LEU A 657 -5.35 -2.02 -18.05
C LEU A 657 -4.82 -0.60 -18.00
N VAL A 658 -5.68 0.40 -18.13
CA VAL A 658 -5.29 1.78 -17.81
C VAL A 658 -5.75 2.05 -16.39
N PRO A 659 -4.87 1.93 -15.39
CA PRO A 659 -5.30 2.09 -14.00
C PRO A 659 -5.46 3.55 -13.63
N ILE A 660 -6.71 3.99 -13.53
CA ILE A 660 -7.05 5.30 -12.99
C ILE A 660 -7.43 5.20 -11.53
N SER A 661 -8.15 4.14 -11.15
CA SER A 661 -8.54 3.93 -9.77
C SER A 661 -7.37 3.56 -8.88
N LEU A 662 -6.22 3.16 -9.45
CA LEU A 662 -5.04 2.88 -8.63
C LEU A 662 -4.61 4.12 -7.88
N TYR A 663 -4.53 5.26 -8.58
CA TYR A 663 -4.16 6.51 -7.94
C TYR A 663 -5.26 7.06 -7.04
N ILE A 664 -6.45 6.47 -7.07
CA ILE A 664 -7.50 6.79 -6.13
C ILE A 664 -7.56 5.79 -4.98
N SER A 665 -7.40 4.51 -5.29
CA SER A 665 -7.38 3.49 -4.24
C SER A 665 -6.19 3.70 -3.30
N VAL A 666 -5.02 4.01 -3.85
CA VAL A 666 -3.85 4.20 -3.01
C VAL A 666 -4.01 5.44 -2.13
N GLU A 667 -4.65 6.49 -2.66
CA GLU A 667 -4.91 7.67 -1.85
C GLU A 667 -5.88 7.36 -0.73
N ILE A 668 -6.95 6.62 -1.04
CA ILE A 668 -7.92 6.25 -0.01
C ILE A 668 -7.25 5.42 1.08
N ILE A 669 -6.41 4.48 0.69
CA ILE A 669 -5.79 3.59 1.67
C ILE A 669 -4.77 4.34 2.52
N LYS A 670 -3.99 5.23 1.90
CA LYS A 670 -3.05 6.04 2.69
C LYS A 670 -3.80 6.93 3.67
N THR A 671 -4.89 7.55 3.23
CA THR A 671 -5.68 8.39 4.13
C THR A 671 -6.26 7.57 5.28
N ALA A 672 -6.75 6.37 4.99
CA ALA A 672 -7.30 5.51 6.03
C ALA A 672 -6.22 5.08 7.02
N GLN A 673 -5.02 4.77 6.53
CA GLN A 673 -3.92 4.43 7.43
C GLN A 673 -3.57 5.61 8.32
N ALA A 674 -3.52 6.81 7.76
CA ALA A 674 -3.19 7.98 8.56
C ALA A 674 -4.26 8.24 9.62
N ILE A 675 -5.54 8.07 9.26
CA ILE A 675 -6.61 8.26 10.23
C ILE A 675 -6.51 7.21 11.34
N PHE A 676 -6.23 5.97 10.97
CA PHE A 676 -6.06 4.93 11.99
C PHE A 676 -4.87 5.22 12.89
N ILE A 677 -3.84 5.87 12.36
CA ILE A 677 -2.74 6.35 13.21
C ILE A 677 -3.24 7.41 14.18
N TYR A 678 -4.04 8.36 13.67
CA TYR A 678 -4.49 9.48 14.49
C TYR A 678 -5.42 9.04 15.62
N THR A 679 -6.16 7.96 15.42
CA THR A 679 -7.15 7.50 16.39
C THR A 679 -6.67 6.28 17.18
N ASP A 680 -5.39 6.24 17.54
CA ASP A 680 -4.85 5.16 18.35
C ASP A 680 -4.69 5.65 19.79
N VAL A 681 -5.23 4.89 20.74
CA VAL A 681 -5.20 5.31 22.14
C VAL A 681 -3.79 5.28 22.69
N LEU A 682 -2.96 4.33 22.26
CA LEU A 682 -1.59 4.25 22.76
C LEU A 682 -0.71 5.36 22.21
N LEU A 683 -1.14 6.06 21.16
CA LEU A 683 -0.44 7.23 20.65
C LEU A 683 -0.95 8.53 21.28
N TYR A 684 -1.53 8.45 22.47
CA TYR A 684 -2.13 9.59 23.15
C TYR A 684 -1.39 9.87 24.45
N ASN A 685 -0.95 11.11 24.61
CA ASN A 685 -0.26 11.55 25.82
C ASN A 685 -1.28 12.24 26.71
N ALA A 686 -1.70 11.54 27.77
CA ALA A 686 -2.80 12.03 28.60
C ALA A 686 -2.41 13.31 29.32
N LYS A 687 -1.15 13.43 29.76
CA LYS A 687 -0.74 14.57 30.55
C LYS A 687 -0.90 15.88 29.79
N LEU A 688 -0.52 15.89 28.51
CA LEU A 688 -0.57 17.10 27.71
C LEU A 688 -1.81 17.19 26.83
N ASP A 689 -2.55 16.08 26.69
CA ASP A 689 -3.75 16.02 25.85
C ASP A 689 -3.43 16.36 24.40
N TYR A 690 -2.61 15.50 23.79
CA TYR A 690 -2.16 15.70 22.42
C TYR A 690 -2.09 14.34 21.71
N PRO A 691 -3.11 13.98 20.95
CA PRO A 691 -3.04 12.76 20.15
C PRO A 691 -2.06 12.90 18.99
N CYS A 692 -1.60 11.75 18.50
CA CYS A 692 -0.63 11.76 17.41
C CYS A 692 -1.27 12.20 16.10
N THR A 693 -1.17 13.49 15.79
CA THR A 693 -1.81 14.03 14.59
C THR A 693 -0.85 13.97 13.42
N PRO A 694 -1.14 13.22 12.37
CA PRO A 694 -0.27 13.19 11.18
C PRO A 694 -0.49 14.44 10.33
N LYS A 695 0.53 15.29 10.27
CA LYS A 695 0.41 16.51 9.48
C LYS A 695 0.34 16.22 7.99
N SER A 696 1.06 15.21 7.51
CA SER A 696 1.07 14.83 6.11
C SER A 696 0.52 13.42 5.97
N TRP A 697 -0.41 13.23 5.04
CA TRP A 697 -1.12 11.97 4.90
C TRP A 697 -0.47 11.02 3.89
N ASN A 698 0.26 11.55 2.91
CA ASN A 698 0.88 10.69 1.92
C ASN A 698 1.93 9.77 2.55
N ILE A 699 2.72 10.29 3.48
CA ILE A 699 3.75 9.51 4.14
C ILE A 699 3.14 8.71 5.29
N SER A 700 2.79 7.46 5.02
CA SER A 700 2.35 6.57 6.08
C SER A 700 3.06 5.24 5.98
N ASP A 701 3.47 4.88 4.76
CA ASP A 701 4.26 3.68 4.53
C ASP A 701 5.76 3.92 4.59
N ASP A 702 6.18 5.18 4.56
CA ASP A 702 7.60 5.50 4.70
C ASP A 702 8.11 5.20 6.09
N LEU A 703 7.22 5.01 7.06
CA LEU A 703 7.64 4.67 8.41
C LEU A 703 8.09 3.22 8.54
N GLY A 704 7.75 2.37 7.58
CA GLY A 704 8.14 0.98 7.63
C GLY A 704 9.49 0.66 7.07
N GLN A 705 10.19 1.64 6.50
CA GLN A 705 11.50 1.40 5.88
C GLN A 705 12.59 2.25 6.52
N ILE A 706 12.34 2.81 7.69
CA ILE A 706 13.30 3.71 8.32
C ILE A 706 14.56 2.93 8.68
N GLU A 707 15.71 3.48 8.30
CA GLU A 707 17.00 2.90 8.64
C GLU A 707 17.85 3.79 9.53
N TYR A 708 17.66 5.11 9.50
CA TYR A 708 18.38 6.04 10.36
C TYR A 708 17.38 6.93 11.08
N ILE A 709 17.53 7.03 12.40
CA ILE A 709 16.68 7.88 13.23
C ILE A 709 17.59 8.94 13.83
N PHE A 710 17.59 10.13 13.23
CA PHE A 710 18.41 11.23 13.71
C PHE A 710 17.72 11.88 14.90
N SER A 711 18.07 11.42 16.09
CA SER A 711 17.46 11.93 17.31
C SER A 711 17.98 13.33 17.60
N ASP A 712 17.58 13.89 18.75
CA ASP A 712 17.99 15.24 19.12
C ASP A 712 17.87 15.37 20.63
N LYS A 713 18.96 15.76 21.28
CA LYS A 713 19.01 15.77 22.75
C LYS A 713 18.31 16.96 23.37
N THR A 714 17.85 17.93 22.57
CA THR A 714 17.28 19.15 23.13
C THR A 714 16.08 18.86 24.01
N GLY A 715 15.00 18.33 23.43
CA GLY A 715 13.78 18.12 24.17
C GLY A 715 13.13 16.77 23.93
N THR A 716 13.71 15.97 23.03
CA THR A 716 13.15 14.66 22.74
C THR A 716 13.61 13.63 23.77
N LEU A 717 14.92 13.39 23.83
CA LEU A 717 15.44 12.41 24.79
C LEU A 717 15.23 12.87 26.22
N THR A 718 15.44 14.15 26.49
CA THR A 718 15.34 14.71 27.84
C THR A 718 14.24 15.77 27.88
N GLN A 719 13.37 15.67 28.86
CA GLN A 719 12.42 16.73 29.13
C GLN A 719 13.17 17.99 29.56
N ASN A 720 12.68 19.15 29.10
CA ASN A 720 13.31 20.42 29.42
C ASN A 720 12.88 20.91 30.81
N VAL A 721 13.13 20.05 31.80
CA VAL A 721 12.97 20.44 33.19
C VAL A 721 14.36 20.54 33.83
N MET A 722 14.91 21.74 33.82
CA MET A 722 16.27 21.94 34.30
C MET A 722 16.32 21.86 35.82
N GLU A 723 17.41 21.30 36.34
CA GLU A 723 17.62 21.22 37.79
C GLU A 723 19.08 21.58 38.08
N PHE A 724 19.29 22.71 38.75
CA PHE A 724 20.62 23.11 39.16
C PHE A 724 21.17 22.13 40.20
N LYS A 725 22.39 21.67 40.00
CA LYS A 725 22.94 20.74 40.99
C LYS A 725 24.30 21.15 41.52
N LYS A 726 25.19 21.67 40.67
CA LYS A 726 26.53 22.02 41.08
C LYS A 726 26.96 23.30 40.37
N CYS A 727 28.01 23.92 40.90
CA CYS A 727 28.58 25.11 40.26
C CYS A 727 30.00 25.29 40.76
N THR A 728 30.91 25.60 39.84
CA THR A 728 32.29 25.89 40.19
C THR A 728 32.51 27.39 40.26
N ILE A 729 33.12 27.84 41.36
CA ILE A 729 33.39 29.26 41.60
C ILE A 729 34.82 29.37 42.09
N ASN A 730 35.68 30.00 41.28
CA ASN A 730 37.07 30.26 41.65
C ASN A 730 37.78 28.99 42.11
N GLY A 731 37.49 27.88 41.43
CA GLY A 731 38.13 26.62 41.74
C GLY A 731 37.52 25.85 42.90
N VAL A 732 36.36 26.26 43.38
CA VAL A 732 35.65 25.54 44.45
C VAL A 732 34.36 24.99 43.87
N SER A 733 34.14 23.69 44.05
CA SER A 733 32.97 23.01 43.48
C SER A 733 31.87 23.00 44.53
N TYR A 734 31.04 24.04 44.52
CA TYR A 734 29.89 24.11 45.42
C TYR A 734 28.78 23.25 44.83
N GLY A 735 28.46 22.15 45.51
CA GLY A 735 27.36 21.31 45.07
C GLY A 735 27.62 19.83 45.20
N ARG A 736 26.71 19.14 45.87
CA ARG A 736 26.72 17.70 45.99
C ARG A 736 25.33 17.17 45.68
N ALA A 737 25.25 16.12 44.88
CA ALA A 737 23.97 15.58 44.46
C ALA A 737 24.14 14.12 44.08
N TYR A 738 23.01 13.45 43.86
CA TYR A 738 23.00 12.04 43.49
C TYR A 738 21.72 11.76 42.72
N THR A 739 21.83 11.50 41.43
CA THR A 739 20.66 11.21 40.60
C THR A 739 20.86 9.89 39.87
N GLU A 740 19.94 9.59 38.94
CA GLU A 740 20.01 8.33 38.21
C GLU A 740 21.26 8.26 37.33
N ALA A 741 21.75 9.41 36.86
CA ALA A 741 22.95 9.41 36.04
C ALA A 741 24.17 8.96 36.83
N LEU A 742 24.30 9.42 38.08
CA LEU A 742 25.41 8.99 38.92
C LEU A 742 25.33 7.49 39.21
N ALA A 743 24.12 6.99 39.48
CA ALA A 743 23.95 5.56 39.72
C ALA A 743 24.31 4.76 38.47
N GLY A 744 23.91 5.25 37.29
CA GLY A 744 24.28 4.56 36.07
C GLY A 744 25.79 4.54 35.84
N LEU A 745 26.45 5.67 36.09
CA LEU A 745 27.91 5.71 35.94
C LEU A 745 28.59 4.77 36.93
N ARG A 746 28.09 4.72 38.17
CA ARG A 746 28.66 3.82 39.16
C ARG A 746 28.45 2.37 38.75
N LYS A 747 27.27 2.04 38.21
CA LYS A 747 27.03 0.68 37.74
C LYS A 747 27.95 0.33 36.58
N ARG A 748 28.22 1.31 35.70
CA ARG A 748 29.20 1.09 34.65
C ARG A 748 30.58 0.82 35.24
N GLN A 749 30.93 1.54 36.31
CA GLN A 749 32.20 1.28 36.99
C GLN A 749 32.22 -0.11 37.60
N GLY A 750 31.13 -0.52 38.23
CA GLY A 750 30.99 -1.85 38.80
C GLY A 750 30.66 -1.88 40.27
N VAL A 751 30.83 -0.77 40.99
CA VAL A 751 30.60 -0.74 42.43
C VAL A 751 29.10 -0.79 42.70
N ASP A 752 28.73 -1.05 43.96
CA ASP A 752 27.33 -1.13 44.35
C ASP A 752 26.68 0.25 44.28
N VAL A 753 25.39 0.26 43.99
CA VAL A 753 24.63 1.50 43.85
C VAL A 753 23.44 1.58 44.78
N GLU A 754 23.03 0.48 45.43
CA GLU A 754 21.86 0.51 46.28
C GLU A 754 22.18 1.05 47.66
N SER A 755 23.05 0.36 48.41
CA SER A 755 23.40 0.82 49.74
C SER A 755 24.17 2.13 49.70
N GLU A 756 25.14 2.23 48.78
CA GLU A 756 25.88 3.49 48.63
C GLU A 756 24.96 4.61 48.19
N GLY A 757 24.00 4.31 47.31
CA GLY A 757 23.04 5.33 46.90
C GLY A 757 22.18 5.80 48.05
N ARG A 758 21.72 4.88 48.88
CA ARG A 758 20.90 5.27 50.04
C ARG A 758 21.72 6.10 51.03
N ARG A 759 22.96 5.70 51.28
CA ARG A 759 23.80 6.47 52.19
C ARG A 759 24.05 7.88 51.67
N GLU A 760 24.36 7.99 50.37
CA GLU A 760 24.58 9.30 49.78
C GLU A 760 23.31 10.13 49.80
N LYS A 761 22.15 9.50 49.58
CA LYS A 761 20.90 10.24 49.61
C LYS A 761 20.60 10.79 51.01
N GLU A 762 20.83 9.98 52.05
CA GLU A 762 20.59 10.48 53.40
C GLU A 762 21.58 11.56 53.78
N GLU A 763 22.84 11.42 53.34
CA GLU A 763 23.81 12.48 53.59
C GLU A 763 23.42 13.76 52.87
N ILE A 764 22.90 13.64 51.65
CA ILE A 764 22.46 14.81 50.90
C ILE A 764 21.27 15.47 51.59
N ALA A 765 20.35 14.67 52.13
CA ALA A 765 19.22 15.23 52.87
C ALA A 765 19.70 15.99 54.10
N LYS A 766 20.65 15.43 54.83
CA LYS A 766 21.21 16.12 55.99
C LYS A 766 21.89 17.42 55.57
N ASP A 767 22.66 17.38 54.48
CA ASP A 767 23.34 18.58 54.00
C ASP A 767 22.33 19.65 53.59
N ARG A 768 21.25 19.26 52.92
CA ARG A 768 20.22 20.21 52.52
C ARG A 768 19.53 20.82 53.72
N GLU A 769 19.25 20.01 54.75
CA GLU A 769 18.65 20.56 55.96
C GLU A 769 19.57 21.55 56.64
N THR A 770 20.86 21.24 56.72
CA THR A 770 21.81 22.19 57.30
C THR A 770 21.88 23.46 56.46
N MET A 771 21.88 23.32 55.14
CA MET A 771 21.92 24.47 54.25
C MET A 771 20.71 25.38 54.47
N ILE A 772 19.52 24.80 54.53
CA ILE A 772 18.31 25.61 54.67
C ILE A 772 18.27 26.25 56.06
N ASP A 773 18.75 25.54 57.09
CA ASP A 773 18.81 26.13 58.42
C ASP A 773 19.76 27.32 58.45
N GLU A 774 20.93 27.19 57.84
CA GLU A 774 21.88 28.30 57.81
C GLU A 774 21.33 29.47 57.00
N LEU A 775 20.64 29.19 55.89
CA LEU A 775 20.04 30.25 55.10
C LEU A 775 18.97 30.99 55.89
N ARG A 776 18.13 30.25 56.62
CA ARG A 776 17.10 30.89 57.43
C ARG A 776 17.72 31.72 58.55
N SER A 777 18.79 31.23 59.16
CA SER A 777 19.48 32.00 60.19
C SER A 777 20.26 33.17 59.62
N MET A 778 20.54 33.17 58.31
CA MET A 778 21.31 34.25 57.69
C MET A 778 20.46 35.51 57.52
N SER A 779 19.38 35.41 56.74
CA SER A 779 18.52 36.55 56.47
C SER A 779 17.16 36.01 56.03
N ASP A 780 16.31 36.90 55.53
CA ASP A 780 14.97 36.55 55.08
C ASP A 780 14.77 37.04 53.66
N ASN A 781 13.99 36.29 52.88
CA ASN A 781 13.67 36.64 51.51
C ASN A 781 12.16 36.53 51.31
N THR A 782 11.64 37.38 50.42
CA THR A 782 10.21 37.42 50.15
C THR A 782 9.75 36.30 49.22
N GLN A 783 10.68 35.52 48.65
CA GLN A 783 10.32 34.46 47.73
C GLN A 783 10.95 33.11 48.10
N PHE A 784 11.52 33.00 49.29
CA PHE A 784 12.14 31.75 49.71
C PHE A 784 11.08 30.64 49.84
N CYS A 785 11.41 29.47 49.31
CA CYS A 785 10.52 28.32 49.38
C CYS A 785 11.37 27.06 49.56
N PRO A 786 11.04 26.20 50.51
CA PRO A 786 11.83 24.99 50.74
C PRO A 786 11.59 23.87 49.73
N GLU A 787 10.71 24.08 48.74
CA GLU A 787 10.40 23.05 47.76
C GLU A 787 11.23 23.16 46.48
N ASP A 788 11.72 24.35 46.14
CA ASP A 788 12.49 24.56 44.94
C ASP A 788 13.99 24.58 45.18
N LEU A 789 14.44 24.21 46.39
CA LEU A 789 15.86 24.24 46.72
C LEU A 789 16.49 22.91 46.31
N THR A 790 16.73 22.76 45.01
CA THR A 790 17.42 21.59 44.49
C THR A 790 18.93 21.68 44.69
N PHE A 791 19.44 22.85 45.05
CA PHE A 791 20.86 23.05 45.24
C PHE A 791 21.23 22.69 46.68
N VAL A 792 22.18 21.75 46.83
CA VAL A 792 22.39 21.09 48.12
C VAL A 792 23.84 21.34 48.58
N SER A 793 24.36 22.53 48.32
CA SER A 793 25.73 22.87 48.72
C SER A 793 25.68 23.75 49.96
N LYS A 794 26.01 23.16 51.11
CA LYS A 794 26.18 23.95 52.33
C LYS A 794 27.54 24.63 52.39
N GLU A 795 28.42 24.38 51.42
CA GLU A 795 29.72 25.02 51.38
C GLU A 795 29.67 26.42 50.79
N ILE A 796 28.54 26.84 50.22
CA ILE A 796 28.43 28.16 49.63
C ILE A 796 27.71 29.09 50.59
N VAL A 797 26.75 28.55 51.35
CA VAL A 797 26.01 29.38 52.30
C VAL A 797 26.92 29.89 53.40
N GLU A 798 27.90 29.09 53.81
CA GLU A 798 28.87 29.57 54.79
C GLU A 798 29.82 30.58 54.17
N ASP A 799 30.26 30.33 52.93
CA ASP A 799 31.16 31.25 52.26
C ASP A 799 30.50 32.58 51.92
N LEU A 800 29.17 32.63 51.91
CA LEU A 800 28.46 33.85 51.51
C LEU A 800 28.81 35.03 52.42
N LYS A 801 28.82 34.82 53.73
CA LYS A 801 28.98 35.96 54.63
C LYS A 801 30.44 36.35 54.83
N GLY A 802 31.20 35.54 55.57
CA GLY A 802 32.62 35.78 55.74
C GLY A 802 33.47 34.55 56.01
N SER A 803 32.84 33.38 56.04
CA SER A 803 33.44 32.23 56.72
C SER A 803 34.69 31.68 56.05
N SER A 804 34.99 32.09 54.81
CA SER A 804 36.19 31.61 54.13
C SER A 804 36.91 32.78 53.47
N GLY A 805 37.07 33.87 54.21
CA GLY A 805 37.77 35.03 53.70
C GLY A 805 36.90 35.90 52.82
N ASP A 806 37.56 36.79 52.09
CA ASP A 806 36.87 37.74 51.23
C ASP A 806 37.20 37.56 49.75
N HIS A 807 38.35 36.99 49.40
CA HIS A 807 38.64 36.73 48.00
C HIS A 807 37.64 35.74 47.41
N GLN A 808 37.32 34.69 48.14
CA GLN A 808 36.30 33.74 47.71
C GLN A 808 34.90 34.31 47.87
N GLN A 809 34.68 35.08 48.94
CA GLN A 809 33.35 35.61 49.22
C GLN A 809 32.90 36.58 48.13
N LYS A 810 33.78 37.51 47.74
CA LYS A 810 33.41 38.48 46.72
C LYS A 810 33.22 37.80 45.36
N CYS A 811 34.04 36.80 45.06
CA CYS A 811 33.86 36.06 43.82
C CYS A 811 32.53 35.34 43.79
N CYS A 812 32.13 34.71 44.90
CA CYS A 812 30.83 34.05 44.97
C CYS A 812 29.70 35.06 44.86
N GLU A 813 29.85 36.23 45.48
CA GLU A 813 28.84 37.27 45.37
C GLU A 813 28.68 37.71 43.92
N HIS A 814 29.78 37.93 43.22
CA HIS A 814 29.71 38.32 41.81
C HIS A 814 29.11 37.21 40.97
N PHE A 815 29.44 35.95 41.27
CA PHE A 815 28.86 34.82 40.56
C PHE A 815 27.35 34.80 40.69
N LEU A 816 26.84 34.89 41.92
CA LEU A 816 25.40 34.87 42.12
C LEU A 816 24.73 36.11 41.55
N LEU A 817 25.39 37.27 41.58
CA LEU A 817 24.83 38.45 40.94
C LEU A 817 24.72 38.26 39.43
N ALA A 818 25.73 37.63 38.83
CA ALA A 818 25.67 37.33 37.39
C ALA A 818 24.54 36.36 37.08
N LEU A 819 24.35 35.35 37.92
CA LEU A 819 23.23 34.44 37.73
C LEU A 819 21.90 35.16 37.83
N ALA A 820 21.75 36.04 38.82
CA ALA A 820 20.48 36.71 39.06
C ALA A 820 20.20 37.79 38.01
N LEU A 821 21.24 38.34 37.40
CA LEU A 821 21.05 39.47 36.48
C LEU A 821 20.98 39.04 35.02
N CYS A 822 21.91 38.21 34.57
CA CYS A 822 21.96 37.79 33.17
C CYS A 822 20.84 36.80 32.92
N HIS A 823 19.76 37.27 32.30
CA HIS A 823 18.60 36.43 32.07
C HIS A 823 17.75 37.05 30.96
N SER A 824 16.73 36.30 30.54
CA SER A 824 15.72 36.79 29.62
C SER A 824 14.33 36.34 30.07
N VAL A 825 14.13 36.23 31.36
CA VAL A 825 12.91 35.66 31.94
C VAL A 825 11.94 36.79 32.27
N LEU A 826 10.66 36.57 31.95
CA LEU A 826 9.62 37.53 32.30
C LEU A 826 9.04 37.18 33.67
N VAL A 827 8.66 38.21 34.41
CA VAL A 827 8.19 38.06 35.79
C VAL A 827 6.71 38.40 35.85
N GLU A 828 5.92 37.49 36.41
CA GLU A 828 4.50 37.69 36.59
C GLU A 828 4.11 37.29 38.01
N PRO A 829 3.07 37.89 38.58
CA PRO A 829 2.63 37.49 39.91
C PRO A 829 1.98 36.12 39.90
N ASN A 830 2.06 35.44 41.04
CA ASN A 830 1.39 34.16 41.19
C ASN A 830 -0.11 34.35 41.25
N LYS A 831 -0.83 33.36 40.72
CA LYS A 831 -2.29 33.46 40.67
C LYS A 831 -2.90 33.48 42.07
N ASP A 832 -2.37 32.66 42.98
CA ASP A 832 -2.95 32.54 44.32
C ASP A 832 -2.42 33.63 45.25
N ASP A 833 -1.12 33.66 45.46
CA ASP A 833 -0.51 34.63 46.37
C ASP A 833 0.18 35.72 45.57
N PRO A 834 -0.28 36.97 45.64
CA PRO A 834 0.41 38.05 44.91
C PRO A 834 1.85 38.26 45.37
N LYS A 835 2.19 37.86 46.59
CA LYS A 835 3.57 37.99 47.04
C LYS A 835 4.48 36.99 46.33
N LYS A 836 3.95 35.86 45.90
CA LYS A 836 4.71 34.86 45.17
C LYS A 836 4.79 35.23 43.69
N LEU A 837 5.87 34.81 43.05
CA LEU A 837 6.11 35.13 41.66
C LEU A 837 6.22 33.84 40.84
N ASP A 838 5.90 33.94 39.55
CA ASP A 838 5.81 32.81 38.64
C ASP A 838 6.60 33.09 37.38
N ILE A 839 7.86 33.48 37.55
CA ILE A 839 8.76 33.80 36.43
C ILE A 839 8.70 32.71 35.37
N LYS A 840 8.55 33.13 34.12
CA LYS A 840 8.48 32.21 32.98
C LYS A 840 9.44 32.67 31.90
N ALA A 841 10.04 31.71 31.21
CA ALA A 841 10.98 32.01 30.14
C ALA A 841 10.96 30.89 29.12
N GLN A 842 11.42 31.22 27.91
CA GLN A 842 11.49 30.21 26.85
C GLN A 842 12.65 29.25 27.06
N SER A 843 13.71 29.68 27.74
CA SER A 843 14.88 28.85 27.98
C SER A 843 14.81 28.28 29.38
N PRO A 844 14.62 26.98 29.56
CA PRO A 844 14.49 26.43 30.92
C PRO A 844 15.75 26.61 31.76
N ASP A 845 16.93 26.59 31.15
CA ASP A 845 18.16 26.75 31.93
C ASP A 845 18.24 28.13 32.56
N GLU A 846 17.82 29.16 31.82
CA GLU A 846 17.79 30.51 32.39
C GLU A 846 16.82 30.58 33.56
N SER A 847 15.66 29.93 33.43
CA SER A 847 14.70 29.91 34.53
C SER A 847 15.29 29.20 35.75
N ALA A 848 15.98 28.08 35.54
CA ALA A 848 16.61 27.39 36.66
C ALA A 848 17.67 28.24 37.33
N LEU A 849 18.50 28.93 36.53
CA LEU A 849 19.52 29.80 37.09
C LEU A 849 18.90 30.91 37.91
N VAL A 850 17.86 31.56 37.38
CA VAL A 850 17.22 32.65 38.10
C VAL A 850 16.57 32.13 39.38
N SER A 851 15.92 30.96 39.32
CA SER A 851 15.27 30.41 40.49
C SER A 851 16.27 30.09 41.58
N THR A 852 17.40 29.46 41.24
CA THR A 852 18.37 29.11 42.27
C THR A 852 19.06 30.35 42.82
N ALA A 853 19.31 31.35 41.98
CA ALA A 853 19.88 32.60 42.47
C ALA A 853 18.93 33.30 43.42
N ARG A 854 17.63 33.31 43.09
CA ARG A 854 16.64 33.92 43.96
C ARG A 854 16.51 33.17 45.28
N GLN A 855 16.50 31.84 45.24
CA GLN A 855 16.31 31.06 46.45
C GLN A 855 17.58 30.94 47.29
N LEU A 856 18.75 31.27 46.74
CA LEU A 856 19.94 31.29 47.56
C LEU A 856 20.15 32.64 48.25
N GLY A 857 19.38 33.66 47.87
CA GLY A 857 19.44 34.94 48.54
C GLY A 857 19.32 36.15 47.64
N TYR A 858 19.67 35.99 46.35
CA TYR A 858 19.71 37.10 45.41
C TYR A 858 18.43 37.04 44.55
N SER A 859 17.36 37.57 45.12
CA SER A 859 16.04 37.47 44.50
C SER A 859 15.90 38.47 43.36
N PHE A 860 15.19 38.05 42.31
CA PHE A 860 14.89 38.89 41.17
C PHE A 860 13.38 38.99 41.01
N VAL A 861 12.87 40.22 40.88
CA VAL A 861 11.45 40.47 40.75
C VAL A 861 11.26 41.76 39.98
N GLY A 862 10.16 41.83 39.22
CA GLY A 862 9.80 43.04 38.52
C GLY A 862 10.59 43.25 37.25
N SER A 863 10.17 44.26 36.49
CA SER A 863 10.81 44.61 35.22
C SER A 863 10.57 46.07 34.95
N SER A 864 11.59 46.90 35.15
CA SER A 864 11.51 48.32 34.86
C SER A 864 12.04 48.60 33.45
N LYS A 865 11.69 49.78 32.94
CA LYS A 865 12.13 50.17 31.60
C LYS A 865 13.63 50.37 31.50
N SER A 866 14.28 50.76 32.60
CA SER A 866 15.73 50.92 32.63
C SER A 866 16.23 50.44 33.98
N GLY A 867 16.66 49.19 34.04
CA GLY A 867 17.12 48.57 35.26
C GLY A 867 16.15 47.51 35.75
N LEU A 868 16.66 46.61 36.59
CA LEU A 868 15.90 45.48 37.09
C LEU A 868 15.93 45.49 38.62
N ILE A 869 14.76 45.35 39.23
CA ILE A 869 14.65 45.31 40.69
C ILE A 869 15.25 44.01 41.21
N VAL A 870 16.14 44.12 42.19
CA VAL A 870 16.80 42.95 42.78
C VAL A 870 16.86 43.10 44.29
N GLU A 871 16.62 42.00 45.00
CA GLU A 871 16.76 41.94 46.45
C GLU A 871 18.04 41.19 46.79
N ILE A 872 18.92 41.85 47.53
CA ILE A 872 20.19 41.28 47.97
C ILE A 872 20.13 41.14 49.49
N GLN A 873 19.97 39.90 49.96
CA GLN A 873 19.94 39.56 51.38
C GLN A 873 19.09 40.54 52.18
N GLY A 874 18.00 41.01 51.62
CA GLY A 874 17.12 41.93 52.33
C GLY A 874 16.96 43.28 51.67
N VAL A 875 18.04 43.87 51.17
CA VAL A 875 17.96 45.21 50.61
C VAL A 875 17.35 45.15 49.21
N GLN A 876 16.39 46.02 48.95
CA GLN A 876 15.67 46.06 47.68
C GLN A 876 16.21 47.22 46.87
N LYS A 877 17.00 46.94 45.84
CA LYS A 877 17.64 47.96 45.04
C LYS A 877 17.24 47.78 43.58
N GLU A 878 17.65 48.76 42.77
CA GLU A 878 17.22 48.86 41.37
C GLU A 878 18.46 49.13 40.52
N PHE A 879 18.85 48.15 39.71
CA PHE A 879 20.03 48.25 38.87
C PHE A 879 19.77 49.18 37.69
N GLN A 880 20.72 49.25 36.76
CA GLN A 880 20.56 50.02 35.53
C GLN A 880 21.09 49.14 34.38
N VAL A 881 20.19 48.50 33.66
CA VAL A 881 20.58 47.71 32.51
C VAL A 881 20.76 48.64 31.32
N LEU A 882 21.88 48.48 30.62
CA LEU A 882 22.21 49.34 29.49
C LEU A 882 21.87 48.69 28.15
N ASN A 883 22.30 47.46 27.94
CA ASN A 883 21.89 46.71 26.76
C ASN A 883 21.97 45.23 27.05
N VAL A 884 21.23 44.45 26.26
CA VAL A 884 21.23 42.99 26.39
C VAL A 884 21.26 42.38 24.99
N LEU A 885 22.12 41.40 24.80
CA LEU A 885 22.23 40.67 23.53
C LEU A 885 21.75 39.24 23.77
N GLU A 886 20.72 38.85 23.02
CA GLU A 886 19.99 37.61 23.26
C GLU A 886 20.83 36.40 22.81
N PHE A 887 20.26 35.22 23.04
CA PHE A 887 20.96 33.95 22.83
C PHE A 887 20.45 33.27 21.57
N ASN A 888 21.37 32.98 20.65
CA ASN A 888 21.04 32.32 19.39
C ASN A 888 21.77 30.99 19.32
N SER A 889 21.17 30.03 18.61
CA SER A 889 21.75 28.70 18.51
C SER A 889 23.12 28.74 17.83
N SER A 890 23.26 29.56 16.79
CA SER A 890 24.55 29.70 16.12
C SER A 890 25.53 30.53 16.91
N ARG A 891 25.08 31.28 17.92
CA ARG A 891 25.95 32.08 18.77
C ARG A 891 26.35 31.38 20.06
N LYS A 892 25.45 30.59 20.64
CA LYS A 892 25.72 29.81 21.86
C LYS A 892 26.18 30.68 23.02
N ARG A 893 25.68 31.91 23.10
CA ARG A 893 26.03 32.80 24.20
C ARG A 893 25.02 33.94 24.28
N MET A 894 24.78 34.40 25.50
CA MET A 894 23.88 35.52 25.76
C MET A 894 24.57 36.47 26.72
N SER A 895 24.53 37.76 26.41
CA SER A 895 25.33 38.74 27.14
C SER A 895 24.47 39.93 27.55
N CYS A 896 24.99 40.72 28.49
CA CYS A 896 24.35 41.98 28.84
C CYS A 896 25.37 42.94 29.44
N ILE A 897 25.24 44.20 29.05
CA ILE A 897 26.07 45.29 29.55
C ILE A 897 25.22 46.17 30.46
N ILE A 898 25.73 46.45 31.66
CA ILE A 898 25.08 47.29 32.65
C ILE A 898 26.11 48.30 33.17
N LYS A 899 25.65 49.16 34.08
CA LYS A 899 26.49 50.21 34.66
C LYS A 899 26.80 49.88 36.11
N ILE A 900 28.06 50.05 36.50
CA ILE A 900 28.51 49.91 37.87
C ILE A 900 29.07 51.25 38.32
N PRO A 901 28.58 51.82 39.42
CA PRO A 901 29.07 53.13 39.87
C PRO A 901 30.38 52.98 40.64
N GLY A 902 30.85 54.12 41.15
CA GLY A 902 32.09 54.15 41.91
C GLY A 902 31.86 54.15 43.41
N GLU A 908 32.69 58.97 36.90
CA GLU A 908 32.48 58.20 35.67
C GLU A 908 32.31 56.73 35.98
N PRO A 909 31.06 56.28 36.10
CA PRO A 909 30.81 54.86 36.37
C PRO A 909 31.26 53.99 35.21
N LYS A 910 31.68 52.77 35.53
CA LYS A 910 32.18 51.84 34.54
C LYS A 910 31.05 50.97 33.99
N ALA A 911 31.36 50.19 32.96
CA ALA A 911 30.41 49.30 32.33
C ALA A 911 30.81 47.85 32.59
N LEU A 912 29.87 47.07 33.10
CA LEU A 912 30.11 45.66 33.39
C LEU A 912 29.36 44.82 32.37
N LEU A 913 30.09 44.01 31.61
CA LEU A 913 29.50 43.11 30.62
C LEU A 913 29.63 41.69 31.14
N ILE A 914 28.50 41.00 31.31
CA ILE A 914 28.48 39.62 31.78
C ILE A 914 27.76 38.77 30.74
N CYS A 915 28.37 37.64 30.39
CA CYS A 915 27.82 36.75 29.39
C CYS A 915 27.90 35.31 29.87
N LYS A 916 26.93 34.51 29.43
CA LYS A 916 26.91 33.09 29.70
C LYS A 916 26.77 32.34 28.39
N GLY A 917 27.53 31.27 28.24
CA GLY A 917 27.54 30.56 26.98
C GLY A 917 28.18 29.19 27.06
N ALA A 918 28.51 28.67 25.88
CA ALA A 918 29.04 27.32 25.76
C ALA A 918 30.41 27.21 26.41
N ASP A 919 30.76 25.97 26.80
CA ASP A 919 32.05 25.72 27.42
C ASP A 919 33.19 26.04 26.46
N SER A 920 33.07 25.61 25.20
CA SER A 920 34.15 25.82 24.25
C SER A 920 34.12 27.21 23.64
N VAL A 921 32.93 27.77 23.42
CA VAL A 921 32.82 29.09 22.81
C VAL A 921 33.41 30.15 23.73
N ILE A 922 33.11 30.07 25.02
CA ILE A 922 33.63 31.06 25.97
C ILE A 922 35.14 30.93 26.09
N TYR A 923 35.66 29.70 26.11
CA TYR A 923 37.11 29.52 26.15
C TYR A 923 37.77 30.09 24.91
N SER A 924 37.16 29.90 23.74
CA SER A 924 37.67 30.55 22.54
C SER A 924 37.54 32.06 22.64
N ARG A 925 36.41 32.54 23.15
CA ARG A 925 36.20 33.98 23.34
C ARG A 925 36.63 34.42 24.73
N LEU A 926 37.90 34.13 25.03
CA LEU A 926 38.49 34.44 26.33
C LEU A 926 39.78 35.21 26.13
N ASP A 927 40.03 36.18 26.99
CA ASP A 927 41.22 37.01 26.89
C ASP A 927 42.45 36.24 27.36
N ARG A 928 43.61 36.68 26.89
CA ARG A 928 44.89 36.05 27.22
C ARG A 928 45.81 36.98 27.98
N THR A 929 45.27 38.05 28.58
CA THR A 929 46.08 39.05 29.27
C THR A 929 45.82 39.06 30.77
N GLN A 930 44.57 39.27 31.20
CA GLN A 930 44.23 39.30 32.62
C GLN A 930 43.54 37.99 32.99
N ASN A 931 44.36 36.99 33.33
CA ASN A 931 43.85 35.71 33.77
C ASN A 931 44.78 35.15 34.83
N ASP A 932 44.24 34.30 35.70
CA ASP A 932 45.03 33.71 36.77
C ASP A 932 46.06 32.70 36.27
N ALA A 933 45.94 32.25 35.02
CA ALA A 933 46.79 31.26 34.36
C ALA A 933 46.65 29.87 34.99
N THR A 934 45.86 29.73 36.05
CA THR A 934 45.57 28.43 36.64
C THR A 934 44.09 28.22 36.94
N LEU A 935 43.31 29.29 37.08
CA LEU A 935 41.87 29.13 37.26
C LEU A 935 41.22 28.52 36.03
N LEU A 936 41.79 28.77 34.85
CA LEU A 936 41.25 28.18 33.62
C LEU A 936 41.30 26.67 33.68
N GLU A 937 42.44 26.11 34.10
CA GLU A 937 42.57 24.66 34.17
C GLU A 937 41.66 24.07 35.25
N LYS A 938 41.56 24.72 36.41
CA LYS A 938 40.68 24.23 37.46
C LYS A 938 39.23 24.24 37.02
N THR A 939 38.79 25.32 36.39
CA THR A 939 37.42 25.38 35.89
C THR A 939 37.18 24.34 34.79
N ALA A 940 38.17 24.14 33.92
CA ALA A 940 38.02 23.15 32.86
C ALA A 940 37.87 21.74 33.42
N LEU A 941 38.70 21.39 34.41
CA LEU A 941 38.61 20.07 35.00
C LEU A 941 37.30 19.90 35.77
N HIS A 942 36.85 20.96 36.46
CA HIS A 942 35.56 20.89 37.13
C HIS A 942 34.42 20.68 36.15
N LEU A 943 34.46 21.40 35.02
CA LEU A 943 33.40 21.26 34.02
C LEU A 943 33.41 19.88 33.39
N GLU A 944 34.60 19.34 33.12
CA GLU A 944 34.67 17.98 32.59
C GLU A 944 34.14 16.97 33.59
N GLU A 945 34.46 17.15 34.87
CA GLU A 945 33.91 16.26 35.90
C GLU A 945 32.40 16.36 35.97
N TYR A 946 31.86 17.57 35.86
CA TYR A 946 30.41 17.74 35.84
C TYR A 946 29.79 17.04 34.64
N ALA A 947 30.41 17.19 33.47
CA ALA A 947 29.82 16.62 32.26
C ALA A 947 29.93 15.11 32.22
N THR A 948 30.98 14.55 32.85
CA THR A 948 31.14 13.11 32.86
C THR A 948 29.97 12.42 33.57
N GLU A 949 29.40 13.07 34.58
CA GLU A 949 28.24 12.54 35.28
C GLU A 949 26.92 13.02 34.70
N GLY A 950 26.94 13.82 33.64
CA GLY A 950 25.72 14.21 32.95
C GLY A 950 25.15 15.55 33.38
N LEU A 951 26.00 16.58 33.41
CA LEU A 951 25.60 17.93 33.79
C LEU A 951 25.97 18.86 32.64
N ARG A 952 24.96 19.41 31.96
CA ARG A 952 25.22 20.35 30.87
C ARG A 952 25.73 21.66 31.46
N THR A 953 26.99 21.98 31.19
CA THR A 953 27.67 23.09 31.83
C THR A 953 27.27 24.41 31.18
N LEU A 954 27.79 25.50 31.72
CA LEU A 954 27.49 26.85 31.24
C LEU A 954 28.55 27.79 31.77
N CYS A 955 29.34 28.39 30.87
CA CYS A 955 30.46 29.24 31.27
C CYS A 955 30.02 30.69 31.40
N LEU A 956 30.54 31.36 32.42
CA LEU A 956 30.25 32.76 32.68
C LEU A 956 31.53 33.59 32.56
N ALA A 957 31.46 34.66 31.76
CA ALA A 957 32.60 35.52 31.53
C ALA A 957 32.19 36.97 31.76
N GLN A 958 33.03 37.71 32.49
CA GLN A 958 32.78 39.10 32.82
C GLN A 958 33.86 39.99 32.20
N ARG A 959 33.54 41.27 32.09
CA ARG A 959 34.44 42.25 31.51
C ARG A 959 34.11 43.63 32.05
N GLU A 960 35.16 44.42 32.32
CA GLU A 960 35.02 45.79 32.78
C GLU A 960 35.44 46.74 31.66
N LEU A 961 34.68 47.80 31.47
CA LEU A 961 34.90 48.74 30.38
C LEU A 961 34.81 50.17 30.88
N THR A 962 35.66 51.04 30.33
CA THR A 962 35.49 52.46 30.52
C THR A 962 34.38 52.97 29.60
N TRP A 963 33.87 54.17 29.91
CA TRP A 963 32.74 54.68 29.16
C TRP A 963 33.09 55.04 27.72
N SER A 964 34.36 55.32 27.42
CA SER A 964 34.73 55.70 26.05
C SER A 964 34.54 54.53 25.09
N GLU A 965 35.11 53.37 25.41
CA GLU A 965 35.00 52.23 24.52
C GLU A 965 33.57 51.70 24.48
N TYR A 966 32.86 51.74 25.62
CA TYR A 966 31.46 51.34 25.62
C TYR A 966 30.62 52.27 24.75
N GLU A 967 30.91 53.58 24.80
CA GLU A 967 30.17 54.53 23.99
C GLU A 967 30.45 54.32 22.51
N ARG A 968 31.71 54.04 22.16
CA ARG A 968 32.03 53.70 20.77
C ARG A 968 31.31 52.44 20.32
N TRP A 969 31.24 51.43 21.20
CA TRP A 969 30.49 50.22 20.88
C TRP A 969 29.01 50.52 20.69
N VAL A 970 28.46 51.40 21.51
CA VAL A 970 27.05 51.77 21.38
C VAL A 970 26.82 52.51 20.07
N LYS A 971 27.75 53.37 19.68
CA LYS A 971 27.64 54.04 18.39
C LYS A 971 27.63 53.04 17.24
N THR A 972 28.53 52.05 17.30
CA THR A 972 28.53 51.01 16.28
C THR A 972 27.21 50.23 16.32
N TYR A 973 26.72 49.93 17.52
CA TYR A 973 25.53 49.12 17.66
C TYR A 973 24.29 49.83 17.11
N ASP A 974 24.13 51.11 17.39
CA ASP A 974 22.96 51.84 16.91
C ASP A 974 23.16 52.42 15.52
N VAL A 975 24.34 52.27 14.92
CA VAL A 975 24.49 52.58 13.50
C VAL A 975 24.37 51.32 12.63
N ALA A 976 24.61 50.13 13.19
CA ALA A 976 24.55 48.90 12.41
C ALA A 976 23.36 48.03 12.77
N ALA A 977 23.22 47.65 14.04
CA ALA A 977 22.13 46.78 14.48
C ALA A 977 20.78 47.48 14.48
N ALA A 978 20.74 48.79 14.27
CA ALA A 978 19.48 49.52 14.14
C ALA A 978 19.06 49.66 12.68
N SER A 979 19.80 49.09 11.75
CA SER A 979 19.57 49.29 10.33
C SER A 979 18.64 48.19 9.78
N VAL A 980 18.52 48.13 8.46
CA VAL A 980 17.64 47.20 7.76
C VAL A 980 18.47 46.37 6.79
N THR A 981 17.81 45.54 5.98
CA THR A 981 18.46 44.75 4.94
C THR A 981 19.48 43.78 5.56
N ASN A 982 18.92 42.77 6.24
CA ASN A 982 19.69 41.72 6.90
C ASN A 982 20.52 42.29 8.03
N ARG A 983 19.84 42.85 9.04
CA ARG A 983 20.51 43.45 10.18
C ARG A 983 21.31 42.43 10.99
N GLU A 984 20.89 41.15 10.97
CA GLU A 984 21.47 40.18 11.89
C GLU A 984 22.96 39.97 11.66
N GLU A 985 23.43 40.13 10.42
CA GLU A 985 24.86 39.99 10.16
C GLU A 985 25.65 41.08 10.87
N GLU A 986 25.19 42.33 10.80
CA GLU A 986 25.86 43.42 11.49
C GLU A 986 25.71 43.29 13.00
N LEU A 987 24.57 42.78 13.46
CA LEU A 987 24.40 42.49 14.88
C LEU A 987 25.43 41.49 15.37
N ASP A 988 25.63 40.41 14.61
CA ASP A 988 26.64 39.42 14.97
C ASP A 988 28.04 40.01 14.94
N LYS A 989 28.32 40.85 13.94
CA LYS A 989 29.63 41.51 13.89
C LYS A 989 29.86 42.34 15.13
N VAL A 990 28.87 43.15 15.52
CA VAL A 990 29.01 44.00 16.71
C VAL A 990 29.21 43.14 17.96
N THR A 991 28.43 42.08 18.09
CA THR A 991 28.54 41.22 19.27
C THR A 991 29.90 40.56 19.36
N ASP A 992 30.44 40.08 18.23
CA ASP A 992 31.75 39.45 18.29
C ASP A 992 32.85 40.47 18.51
N VAL A 993 32.64 41.72 18.07
CA VAL A 993 33.59 42.78 18.40
C VAL A 993 33.63 43.03 19.91
N ILE A 994 32.45 43.09 20.53
CA ILE A 994 32.41 43.40 21.97
C ILE A 994 32.74 42.22 22.86
N GLU A 995 32.80 41.00 22.31
CA GLU A 995 33.00 39.79 23.11
C GLU A 995 34.32 39.12 22.77
N ARG A 996 35.39 39.90 22.60
CA ARG A 996 36.69 39.36 22.26
C ARG A 996 37.69 39.40 23.42
N GLU A 997 37.30 39.97 24.57
CA GLU A 997 38.21 40.06 25.71
C GLU A 997 37.37 39.97 26.99
N LEU A 998 37.25 38.77 27.54
CA LEU A 998 36.48 38.53 28.75
C LEU A 998 37.24 37.55 29.64
N ILE A 999 37.02 37.68 30.94
CA ILE A 999 37.66 36.82 31.94
C ILE A 999 36.62 35.88 32.52
N LEU A 1000 36.94 34.59 32.54
CA LEU A 1000 36.04 33.59 33.11
C LEU A 1000 35.93 33.77 34.61
N LEU A 1001 34.72 33.66 35.15
CA LEU A 1001 34.53 33.70 36.59
C LEU A 1001 33.83 32.45 37.13
N GLY A 1002 33.80 31.37 36.37
CA GLY A 1002 33.28 30.10 36.82
C GLY A 1002 32.18 29.58 35.93
N GLY A 1003 31.67 28.41 36.30
CA GLY A 1003 30.61 27.76 35.54
C GLY A 1003 29.60 27.11 36.47
N THR A 1004 28.53 26.62 35.85
CA THR A 1004 27.43 26.00 36.58
C THR A 1004 27.19 24.59 36.05
N ALA A 1005 26.32 23.86 36.74
CA ALA A 1005 25.98 22.49 36.35
C ALA A 1005 24.49 22.28 36.54
N ILE A 1006 23.81 21.91 35.45
CA ILE A 1006 22.38 21.68 35.44
C ILE A 1006 22.12 20.31 34.83
N GLU A 1007 21.22 19.54 35.43
CA GLU A 1007 20.89 18.22 34.92
C GLU A 1007 19.39 18.12 34.67
N ASP A 1008 19.04 17.21 33.76
CA ASP A 1008 17.66 16.93 33.41
C ASP A 1008 17.53 15.44 33.12
N ARG A 1009 16.48 14.83 33.67
CA ARG A 1009 16.30 13.40 33.49
C ARG A 1009 15.70 13.10 32.11
N LEU A 1010 15.74 11.83 31.73
CA LEU A 1010 15.19 11.40 30.47
C LEU A 1010 13.66 11.36 30.56
N GLN A 1011 13.03 11.00 29.45
CA GLN A 1011 11.58 10.82 29.43
C GLN A 1011 11.24 9.49 30.08
N ASP A 1012 9.99 9.08 29.97
CA ASP A 1012 9.53 7.82 30.55
C ASP A 1012 9.74 6.71 29.55
N GLY A 1013 10.54 5.71 29.92
CA GLY A 1013 10.75 4.55 29.08
C GLY A 1013 11.66 4.75 27.90
N VAL A 1014 12.38 5.87 27.82
CA VAL A 1014 13.30 6.09 26.70
C VAL A 1014 14.37 5.01 26.61
N PRO A 1015 15.00 4.56 27.69
CA PRO A 1015 15.98 3.46 27.55
C PRO A 1015 15.40 2.23 26.88
N ASP A 1016 14.20 1.80 27.27
CA ASP A 1016 13.61 0.63 26.64
C ASP A 1016 13.18 0.92 25.21
N SER A 1017 12.71 2.14 24.94
CA SER A 1017 12.37 2.52 23.58
C SER A 1017 13.58 2.43 22.66
N ILE A 1018 14.72 2.94 23.12
CA ILE A 1018 15.94 2.87 22.32
C ILE A 1018 16.43 1.43 22.20
N ALA A 1019 16.25 0.62 23.24
CA ALA A 1019 16.58 -0.80 23.13
C ALA A 1019 15.77 -1.46 22.04
N LEU A 1020 14.47 -1.18 21.99
CA LEU A 1020 13.62 -1.73 20.94
C LEU A 1020 14.05 -1.22 19.57
N LEU A 1021 14.32 0.08 19.45
CA LEU A 1021 14.69 0.65 18.16
C LEU A 1021 16.00 0.06 17.64
N ALA A 1022 16.99 -0.11 18.52
CA ALA A 1022 18.26 -0.67 18.09
C ALA A 1022 18.18 -2.17 17.84
N GLU A 1023 17.27 -2.86 18.54
CA GLU A 1023 17.12 -4.29 18.30
C GLU A 1023 16.48 -4.57 16.95
N ALA A 1024 15.72 -3.62 16.41
CA ALA A 1024 15.02 -3.80 15.15
C ALA A 1024 15.87 -3.38 13.95
N GLY A 1025 17.19 -3.33 14.11
CA GLY A 1025 18.07 -3.07 13.00
C GLY A 1025 18.23 -1.62 12.60
N ILE A 1026 17.58 -0.70 13.30
CA ILE A 1026 17.70 0.72 12.98
C ILE A 1026 19.04 1.25 13.51
N LYS A 1027 19.75 1.97 12.66
CA LYS A 1027 21.04 2.54 13.03
C LYS A 1027 20.82 4.02 13.38
N LEU A 1028 20.43 4.25 14.62
CA LEU A 1028 20.01 5.59 15.03
C LEU A 1028 21.21 6.46 15.39
N TRP A 1029 21.11 7.74 15.04
CA TRP A 1029 22.14 8.73 15.33
C TRP A 1029 21.62 9.70 16.38
N VAL A 1030 22.55 10.50 16.93
CA VAL A 1030 22.22 11.51 17.92
C VAL A 1030 22.95 12.78 17.53
N LEU A 1031 22.20 13.78 17.08
CA LEU A 1031 22.77 15.08 16.73
C LEU A 1031 22.62 16.07 17.88
N THR A 1032 23.26 15.74 19.00
CA THR A 1032 23.20 16.59 20.17
C THR A 1032 24.03 17.85 19.96
N GLY A 1033 23.90 18.78 20.90
CA GLY A 1033 24.67 20.00 20.84
C GLY A 1033 25.25 20.44 22.17
N ASP A 1034 24.95 19.71 23.24
CA ASP A 1034 25.40 20.11 24.56
C ASP A 1034 26.91 20.11 24.68
N LYS A 1035 27.54 18.93 24.62
CA LYS A 1035 28.99 18.80 24.55
C LYS A 1035 29.27 17.30 24.47
N VAL A 1036 30.54 16.95 24.22
CA VAL A 1036 30.90 15.57 23.94
C VAL A 1036 30.68 14.69 25.16
N GLU A 1037 31.17 15.11 26.32
CA GLU A 1037 31.17 14.24 27.49
C GLU A 1037 29.76 13.96 27.98
N THR A 1038 28.92 15.00 28.06
CA THR A 1038 27.54 14.79 28.49
C THR A 1038 26.78 13.93 27.49
N ALA A 1039 27.07 14.08 26.19
CA ALA A 1039 26.43 13.24 25.19
C ALA A 1039 26.85 11.78 25.35
N ILE A 1040 28.13 11.52 25.62
CA ILE A 1040 28.57 10.15 25.83
C ILE A 1040 27.90 9.56 27.07
N ASN A 1041 27.82 10.35 28.14
CA ASN A 1041 27.17 9.86 29.36
C ASN A 1041 25.70 9.57 29.13
N ILE A 1042 25.00 10.43 28.39
CA ILE A 1042 23.58 10.20 28.15
C ILE A 1042 23.37 9.00 27.24
N GLY A 1043 24.26 8.83 26.25
CA GLY A 1043 24.17 7.64 25.41
C GLY A 1043 24.41 6.36 26.19
N PHE A 1044 25.30 6.42 27.18
CA PHE A 1044 25.52 5.26 28.03
C PHE A 1044 24.34 5.01 28.96
N SER A 1045 23.73 6.08 29.49
CA SER A 1045 22.60 5.91 30.40
C SER A 1045 21.41 5.28 29.69
N CYS A 1046 21.10 5.76 28.49
CA CYS A 1046 20.12 5.09 27.63
C CYS A 1046 20.82 3.93 26.93
N ASN A 1047 20.16 3.35 25.93
CA ASN A 1047 20.70 2.18 25.27
C ASN A 1047 21.33 2.48 23.91
N VAL A 1048 21.56 3.75 23.59
CA VAL A 1048 22.28 4.07 22.37
C VAL A 1048 23.70 3.53 22.44
N LEU A 1049 24.35 3.69 23.60
CA LEU A 1049 25.69 3.17 23.84
C LEU A 1049 25.58 2.06 24.88
N ASN A 1050 25.61 0.81 24.41
CA ASN A 1050 25.55 -0.33 25.31
C ASN A 1050 26.97 -0.79 25.64
N ASN A 1051 27.10 -1.92 26.31
CA ASN A 1051 28.40 -2.47 26.64
C ASN A 1051 28.97 -3.25 25.47
N ASP A 1052 30.22 -3.69 25.62
CA ASP A 1052 30.94 -4.44 24.58
C ASP A 1052 31.00 -3.65 23.28
N MET A 1053 31.20 -2.33 23.40
CA MET A 1053 31.29 -1.43 22.26
C MET A 1053 32.39 -0.43 22.51
N GLU A 1054 33.21 -0.18 21.49
CA GLU A 1054 34.29 0.79 21.58
C GLU A 1054 33.95 2.04 20.78
N LEU A 1055 34.46 3.17 21.26
CA LEU A 1055 34.08 4.49 20.78
C LEU A 1055 35.25 5.07 19.99
N LEU A 1056 35.12 5.10 18.67
CA LEU A 1056 36.08 5.76 17.80
C LEU A 1056 35.84 7.26 17.89
N VAL A 1057 36.73 7.97 18.55
CA VAL A 1057 36.61 9.42 18.70
C VAL A 1057 37.34 10.09 17.54
N VAL A 1058 36.69 11.07 16.93
CA VAL A 1058 37.26 11.73 15.75
C VAL A 1058 37.51 13.19 16.14
N LYS A 1059 37.82 13.41 17.41
CA LYS A 1059 38.04 14.77 17.90
C LYS A 1059 39.39 15.28 17.41
N ALA A 1060 39.37 16.44 16.76
CA ALA A 1060 40.56 17.01 16.12
C ALA A 1060 41.28 18.00 17.02
N SER A 1061 41.65 17.57 18.23
CA SER A 1061 42.34 18.42 19.19
C SER A 1061 42.80 17.52 20.34
N GLY A 1062 43.30 18.13 21.41
CA GLY A 1062 43.59 17.40 22.63
C GLY A 1062 44.79 16.48 22.54
N GLU A 1063 44.55 15.17 22.59
CA GLU A 1063 45.62 14.19 22.46
C GLU A 1063 45.77 13.66 21.04
N ASP A 1064 44.72 13.69 20.23
CA ASP A 1064 44.77 13.21 18.86
C ASP A 1064 45.27 14.27 17.88
N VAL A 1065 45.83 15.37 18.39
CA VAL A 1065 46.35 16.43 17.53
C VAL A 1065 47.87 16.30 17.45
N GLU A 1066 48.50 15.87 18.54
CA GLU A 1066 49.96 15.73 18.55
C GLU A 1066 50.41 14.64 17.59
N GLU A 1067 49.68 13.53 17.52
CA GLU A 1067 50.07 12.42 16.66
C GLU A 1067 50.03 12.80 15.18
N PHE A 1068 49.16 13.73 14.81
CA PHE A 1068 48.98 14.15 13.42
C PHE A 1068 49.01 15.67 13.33
N GLY A 1069 50.01 16.28 13.95
CA GLY A 1069 50.09 17.73 14.02
C GLY A 1069 50.10 18.41 12.68
N SER A 1070 48.98 19.03 12.33
CA SER A 1070 48.78 19.75 11.08
C SER A 1070 47.51 20.57 11.20
N ASP A 1071 47.06 21.14 10.09
CA ASP A 1071 45.76 21.79 10.07
C ASP A 1071 44.67 20.73 10.28
N PRO A 1072 43.48 21.15 10.74
CA PRO A 1072 42.42 20.16 11.01
C PRO A 1072 42.05 19.33 9.80
N ILE A 1073 42.26 19.85 8.59
CA ILE A 1073 42.04 19.06 7.37
C ILE A 1073 42.79 17.75 7.45
N GLN A 1074 44.12 17.83 7.50
CA GLN A 1074 44.95 16.63 7.54
C GLN A 1074 44.71 15.82 8.81
N VAL A 1075 44.42 16.48 9.93
CA VAL A 1075 44.19 15.76 11.18
C VAL A 1075 43.00 14.82 11.04
N VAL A 1076 41.86 15.35 10.60
CA VAL A 1076 40.67 14.52 10.47
C VAL A 1076 40.86 13.50 9.35
N ASN A 1077 41.54 13.88 8.26
CA ASN A 1077 41.79 12.92 7.20
C ASN A 1077 42.56 11.72 7.71
N ASN A 1078 43.68 11.97 8.39
CA ASN A 1078 44.51 10.88 8.89
C ASN A 1078 43.76 10.05 9.92
N LEU A 1079 43.04 10.70 10.84
CA LEU A 1079 42.38 9.97 11.90
C LEU A 1079 41.25 9.09 11.36
N VAL A 1080 40.41 9.65 10.47
CA VAL A 1080 39.34 8.87 9.87
C VAL A 1080 39.89 7.73 9.04
N THR A 1081 40.91 8.01 8.22
CA THR A 1081 41.48 6.97 7.37
C THR A 1081 42.09 5.85 8.21
N LYS A 1082 42.80 6.20 9.28
CA LYS A 1082 43.36 5.17 10.17
C LYS A 1082 42.24 4.33 10.77
N TYR A 1083 41.32 4.97 11.51
CA TYR A 1083 40.26 4.21 12.16
C TYR A 1083 39.52 3.32 11.17
N LEU A 1084 39.27 3.83 9.95
CA LEU A 1084 38.62 3.02 8.93
C LEU A 1084 39.53 1.89 8.44
N ARG A 1085 40.85 2.05 8.55
CA ARG A 1085 41.76 1.02 8.07
C ARG A 1085 41.90 -0.12 9.06
N GLU A 1086 42.21 0.18 10.32
CA GLU A 1086 42.30 -0.90 11.30
C GLU A 1086 40.94 -1.48 11.67
N LYS A 1087 39.86 -0.68 11.63
CA LYS A 1087 38.57 -1.23 12.01
C LYS A 1087 37.98 -2.12 10.92
N PHE A 1088 38.19 -1.79 9.65
CA PHE A 1088 37.68 -2.60 8.55
C PHE A 1088 38.68 -2.56 7.40
N GLY A 1089 38.58 -3.57 6.53
CA GLY A 1089 39.28 -3.43 5.26
C GLY A 1089 38.34 -2.72 4.31
N MET A 1090 38.44 -1.40 4.25
CA MET A 1090 37.45 -0.59 3.58
C MET A 1090 38.05 0.62 2.86
N SER A 1091 39.37 0.76 2.87
CA SER A 1091 39.99 1.97 2.32
C SER A 1091 39.60 2.17 0.87
N GLY A 1092 39.17 3.38 0.55
CA GLY A 1092 38.70 3.72 -0.77
C GLY A 1092 37.52 4.67 -0.68
N SER A 1093 37.26 5.36 -1.79
CA SER A 1093 36.25 6.41 -1.79
C SER A 1093 35.43 6.47 -3.06
N GLU A 1094 35.58 5.52 -3.99
CA GLU A 1094 34.85 5.55 -5.24
C GLU A 1094 33.94 4.34 -5.41
N GLU A 1095 34.45 3.14 -5.16
CA GLU A 1095 33.73 1.89 -5.46
C GLU A 1095 33.13 1.27 -4.20
N GLU A 1096 33.82 1.38 -3.07
CA GLU A 1096 33.26 0.95 -1.80
C GLU A 1096 31.95 1.65 -1.52
N LEU A 1097 31.80 2.88 -2.01
CA LEU A 1097 30.49 3.52 -2.00
C LEU A 1097 29.48 2.75 -2.85
N LYS A 1098 29.94 2.12 -3.94
CA LYS A 1098 29.02 1.32 -4.74
C LYS A 1098 28.54 0.08 -3.99
N GLU A 1099 29.45 -0.64 -3.32
CA GLU A 1099 28.94 -1.70 -2.43
C GLU A 1099 28.04 -1.15 -1.33
N ALA A 1100 28.39 0.00 -0.74
CA ALA A 1100 27.58 0.56 0.34
C ALA A 1100 26.17 0.87 -0.15
N LYS A 1101 26.05 1.46 -1.34
CA LYS A 1101 24.73 1.73 -1.91
C LYS A 1101 23.97 0.44 -2.21
N ARG A 1102 24.65 -0.55 -2.77
CA ARG A 1102 23.93 -1.74 -3.25
C ARG A 1102 23.51 -2.68 -2.14
N GLU A 1103 24.30 -2.81 -1.06
CA GLU A 1103 24.05 -3.87 -0.09
C GLU A 1103 22.83 -3.59 0.81
N HIS A 1104 22.23 -2.41 0.73
CA HIS A 1104 20.97 -2.04 1.37
C HIS A 1104 21.07 -1.89 2.88
N GLY A 1105 22.22 -2.17 3.48
CA GLY A 1105 22.44 -1.85 4.88
C GLY A 1105 22.02 -2.89 5.89
N LEU A 1106 22.93 -3.17 6.83
CA LEU A 1106 22.67 -3.99 8.01
C LEU A 1106 23.84 -3.83 8.97
N PRO A 1107 23.58 -3.49 10.24
CA PRO A 1107 24.68 -3.32 11.20
C PRO A 1107 25.41 -4.63 11.46
N GLN A 1108 26.70 -4.51 11.74
CA GLN A 1108 27.53 -5.66 12.06
C GLN A 1108 28.82 -5.15 12.71
N GLY A 1109 29.32 -5.89 13.69
CA GLY A 1109 30.53 -5.48 14.38
C GLY A 1109 30.31 -4.21 15.19
N ASN A 1110 29.54 -4.32 16.26
CA ASN A 1110 29.03 -3.15 16.97
C ASN A 1110 30.12 -2.20 17.45
N PHE A 1111 30.19 -1.02 16.84
CA PHE A 1111 31.14 0.03 17.17
C PHE A 1111 30.36 1.30 17.50
N ALA A 1112 31.09 2.38 17.79
CA ALA A 1112 30.46 3.69 17.92
C ALA A 1112 31.42 4.75 17.41
N VAL A 1113 30.86 5.88 16.98
CA VAL A 1113 31.64 6.99 16.45
C VAL A 1113 31.24 8.25 17.20
N ILE A 1114 32.24 9.08 17.52
CA ILE A 1114 32.01 10.36 18.18
C ILE A 1114 32.59 11.46 17.31
N ILE A 1115 31.80 12.49 17.07
CA ILE A 1115 32.17 13.58 16.16
C ILE A 1115 31.92 14.91 16.84
N ASP A 1116 32.88 15.81 16.75
CA ASP A 1116 32.72 17.15 17.31
C ASP A 1116 32.13 18.11 16.27
N GLY A 1117 31.82 19.32 16.73
CA GLY A 1117 31.28 20.31 15.81
C GLY A 1117 32.26 20.70 14.73
N ASP A 1118 33.52 20.97 15.11
CA ASP A 1118 34.54 21.25 14.12
C ASP A 1118 34.82 20.03 13.26
N ALA A 1119 34.86 18.85 13.88
CA ALA A 1119 35.08 17.62 13.12
C ALA A 1119 33.96 17.39 12.11
N LEU A 1120 32.72 17.66 12.50
CA LEU A 1120 31.61 17.53 11.55
C LEU A 1120 31.71 18.57 10.45
N LYS A 1121 32.00 19.82 10.80
CA LYS A 1121 32.06 20.89 9.80
C LYS A 1121 33.22 20.71 8.84
N VAL A 1122 34.24 19.94 9.22
CA VAL A 1122 35.34 19.68 8.30
C VAL A 1122 35.15 18.36 7.55
N ALA A 1123 34.40 17.41 8.13
CA ALA A 1123 34.24 16.09 7.53
C ALA A 1123 33.18 16.05 6.45
N LEU A 1124 32.39 17.12 6.28
CA LEU A 1124 31.40 17.19 5.22
C LEU A 1124 31.60 18.37 4.30
N ASN A 1125 32.70 19.12 4.46
CA ASN A 1125 33.02 20.21 3.55
C ASN A 1125 33.77 19.73 2.32
N GLY A 1126 34.73 18.84 2.49
CA GLY A 1126 35.47 18.29 1.37
C GLY A 1126 34.83 17.02 0.84
N GLU A 1127 34.99 16.80 -0.47
CA GLU A 1127 34.37 15.65 -1.12
C GLU A 1127 34.93 14.35 -0.58
N GLU A 1128 36.26 14.20 -0.59
CA GLU A 1128 36.88 13.00 -0.05
C GLU A 1128 36.62 12.88 1.44
N MET A 1129 36.65 14.00 2.16
CA MET A 1129 36.25 14.00 3.57
C MET A 1129 34.82 13.50 3.72
N ARG A 1130 33.93 13.96 2.83
CA ARG A 1130 32.53 13.60 2.93
C ARG A 1130 32.31 12.11 2.75
N ARG A 1131 32.91 11.52 1.70
CA ARG A 1131 32.72 10.09 1.51
C ARG A 1131 33.46 9.26 2.57
N LYS A 1132 34.61 9.72 3.05
CA LYS A 1132 35.28 8.99 4.12
C LYS A 1132 34.45 8.99 5.40
N PHE A 1133 33.86 10.13 5.75
CA PHE A 1133 32.96 10.21 6.89
C PHE A 1133 31.74 9.32 6.69
N LEU A 1134 31.21 9.32 5.47
CA LEU A 1134 30.04 8.50 5.17
C LEU A 1134 30.35 7.02 5.33
N LEU A 1135 31.50 6.56 4.85
CA LEU A 1135 31.87 5.16 4.99
C LEU A 1135 32.17 4.81 6.43
N LEU A 1136 32.80 5.72 7.18
CA LEU A 1136 33.11 5.43 8.58
C LEU A 1136 31.85 5.33 9.42
N CYS A 1137 30.92 6.28 9.25
CA CYS A 1137 29.73 6.32 10.07
C CYS A 1137 28.68 5.30 9.66
N LYS A 1138 29.02 4.35 8.80
CA LYS A 1138 28.14 3.24 8.47
C LYS A 1138 28.28 2.09 9.47
N ASN A 1139 28.79 2.37 10.67
CA ASN A 1139 28.93 1.36 11.71
C ASN A 1139 27.56 1.07 12.32
N CYS A 1140 27.55 0.27 13.38
CA CYS A 1140 26.33 -0.41 13.80
C CYS A 1140 25.20 0.51 14.25
N LYS A 1141 25.35 1.18 15.39
CA LYS A 1141 24.18 1.81 16.00
C LYS A 1141 24.41 3.19 16.59
N ALA A 1142 25.64 3.69 16.73
CA ALA A 1142 25.86 4.92 17.47
C ALA A 1142 26.75 5.88 16.68
N VAL A 1143 26.23 7.07 16.42
CA VAL A 1143 27.03 8.18 15.90
C VAL A 1143 26.68 9.43 16.69
N LEU A 1144 27.49 9.74 17.70
CA LEU A 1144 27.22 10.88 18.59
C LEU A 1144 27.93 12.11 18.03
N CYS A 1145 27.16 12.98 17.41
CA CYS A 1145 27.69 14.25 16.89
C CYS A 1145 27.35 15.36 17.89
N CYS A 1146 28.39 16.00 18.42
CA CYS A 1146 28.24 16.96 19.49
C CYS A 1146 28.74 18.33 19.06
N ARG A 1147 28.24 19.36 19.74
CA ARG A 1147 28.60 20.76 19.47
C ARG A 1147 28.28 21.13 18.03
N VAL A 1148 27.20 20.59 17.50
CA VAL A 1148 26.83 20.80 16.09
C VAL A 1148 25.84 21.96 15.99
N SER A 1149 26.00 22.75 14.95
CA SER A 1149 25.06 23.82 14.64
C SER A 1149 23.87 23.26 13.87
N PRO A 1150 22.73 23.95 13.88
CA PRO A 1150 21.58 23.46 13.09
C PRO A 1150 21.89 23.27 11.63
N ALA A 1151 22.72 24.14 11.05
CA ALA A 1151 23.14 23.95 9.66
C ALA A 1151 23.89 22.64 9.50
N GLN A 1152 24.73 22.29 10.48
CA GLN A 1152 25.43 21.02 10.42
C GLN A 1152 24.45 19.85 10.52
N LYS A 1153 23.41 19.99 11.35
CA LYS A 1153 22.38 18.96 11.42
C LYS A 1153 21.73 18.74 10.06
N ALA A 1154 21.30 19.83 9.43
CA ALA A 1154 20.68 19.71 8.11
C ALA A 1154 21.65 19.12 7.10
N ALA A 1155 22.92 19.52 7.15
CA ALA A 1155 23.90 19.03 6.21
C ALA A 1155 24.11 17.52 6.37
N VAL A 1156 24.24 17.04 7.60
CA VAL A 1156 24.48 15.61 7.80
C VAL A 1156 23.23 14.80 7.42
N VAL A 1157 22.04 15.32 7.72
CA VAL A 1157 20.82 14.62 7.32
C VAL A 1157 20.74 14.52 5.80
N LYS A 1158 21.00 15.63 5.11
CA LYS A 1158 20.98 15.61 3.66
C LYS A 1158 22.05 14.69 3.09
N LEU A 1159 23.21 14.64 3.73
CA LEU A 1159 24.26 13.73 3.30
C LEU A 1159 23.82 12.27 3.39
N VAL A 1160 23.23 11.90 4.53
CA VAL A 1160 22.82 10.50 4.70
C VAL A 1160 21.66 10.16 3.77
N LYS A 1161 20.76 11.12 3.54
CA LYS A 1161 19.59 10.84 2.71
C LYS A 1161 19.95 10.76 1.23
N LYS A 1162 20.55 11.83 0.69
CA LYS A 1162 20.80 11.89 -0.75
C LYS A 1162 21.76 10.78 -1.19
N THR A 1163 22.99 10.82 -0.71
CA THR A 1163 23.94 9.75 -1.00
C THR A 1163 23.48 8.47 -0.32
N LEU A 1164 23.66 7.35 -1.01
CA LEU A 1164 23.20 6.06 -0.49
C LEU A 1164 21.76 6.32 -0.08
N ASP A 1165 20.86 6.43 -1.05
CA ASP A 1165 19.47 6.75 -0.73
C ASP A 1165 18.87 5.76 0.25
N VAL A 1166 18.54 6.25 1.45
CA VAL A 1166 17.91 5.47 2.50
C VAL A 1166 16.80 6.31 3.14
N MET A 1167 16.23 5.82 4.22
CA MET A 1167 15.08 6.44 4.86
C MET A 1167 15.56 7.10 6.16
N THR A 1168 15.24 8.38 6.33
CA THR A 1168 15.81 9.18 7.42
C THR A 1168 14.70 9.78 8.27
N LEU A 1169 14.44 9.17 9.42
CA LEU A 1169 13.60 9.79 10.44
C LEU A 1169 14.39 10.88 11.16
N ALA A 1170 13.76 12.02 11.39
CA ALA A 1170 14.44 13.20 11.91
C ALA A 1170 13.69 13.78 13.10
N ILE A 1171 13.39 12.94 14.09
CA ILE A 1171 12.67 13.41 15.27
C ILE A 1171 13.47 14.52 15.94
N GLY A 1172 12.76 15.55 16.39
CA GLY A 1172 13.39 16.67 17.06
C GLY A 1172 12.34 17.55 17.70
N ASP A 1173 12.82 18.61 18.35
CA ASP A 1173 11.94 19.59 18.97
C ASP A 1173 12.72 20.88 19.19
N GLY A 1174 12.13 21.99 18.79
CA GLY A 1174 12.79 23.29 18.91
C GLY A 1174 12.87 24.02 17.60
N SER A 1175 12.98 25.35 17.64
CA SER A 1175 12.98 26.13 16.42
C SER A 1175 14.31 26.04 15.66
N ASN A 1176 15.35 25.48 16.26
CA ASN A 1176 16.63 25.36 15.59
C ASN A 1176 16.76 24.09 14.76
N ASP A 1177 16.12 23.01 15.17
CA ASP A 1177 16.19 21.74 14.46
C ASP A 1177 15.11 21.57 13.42
N VAL A 1178 14.30 22.61 13.17
CA VAL A 1178 13.31 22.55 12.10
C VAL A 1178 14.02 22.36 10.76
N ALA A 1179 15.23 22.89 10.62
CA ALA A 1179 16.01 22.63 9.42
C ALA A 1179 16.34 21.16 9.26
N MET A 1180 16.45 20.42 10.38
CA MET A 1180 16.64 18.99 10.29
C MET A 1180 15.35 18.28 9.90
N ILE A 1181 14.22 18.71 10.48
CA ILE A 1181 12.94 18.09 10.17
C ILE A 1181 12.53 18.37 8.73
N GLN A 1182 12.63 19.63 8.31
CA GLN A 1182 12.22 20.00 6.96
C GLN A 1182 13.09 19.32 5.92
N SER A 1183 14.41 19.30 6.14
CA SER A 1183 15.34 18.72 5.18
C SER A 1183 15.60 17.24 5.51
N ALA A 1184 14.51 16.49 5.59
CA ALA A 1184 14.56 15.06 5.82
C ALA A 1184 13.39 14.42 5.08
N ASP A 1185 13.15 13.14 5.38
CA ASP A 1185 12.11 12.39 4.68
C ASP A 1185 10.86 12.25 5.55
N VAL A 1186 11.01 11.71 6.75
CA VAL A 1186 9.90 11.54 7.67
C VAL A 1186 10.24 12.34 8.92
N GLY A 1187 9.76 13.59 8.97
CA GLY A 1187 10.08 14.45 10.09
C GLY A 1187 9.08 14.37 11.22
N VAL A 1188 9.43 13.64 12.27
CA VAL A 1188 8.56 13.53 13.44
C VAL A 1188 8.81 14.72 14.35
N GLY A 1189 7.74 15.43 14.71
CA GLY A 1189 7.88 16.59 15.55
C GLY A 1189 7.35 16.39 16.96
N ILE A 1190 8.22 16.54 17.96
CA ILE A 1190 7.83 16.38 19.35
C ILE A 1190 7.16 17.66 19.83
N ALA A 1191 6.00 17.52 20.46
CA ALA A 1191 5.31 18.66 21.07
C ALA A 1191 5.79 18.77 22.51
N GLY A 1192 6.74 19.66 22.76
CA GLY A 1192 7.31 19.82 24.08
C GLY A 1192 7.06 21.17 24.70
N GLU A 1193 8.11 22.00 24.75
CA GLU A 1193 8.05 23.29 25.41
C GLU A 1193 7.38 24.31 24.49
N GLU A 1194 7.52 25.60 24.83
CA GLU A 1194 6.83 26.67 24.11
C GLU A 1194 7.19 26.67 22.63
N GLY A 1195 8.37 26.17 22.27
CA GLY A 1195 8.80 26.18 20.88
C GLY A 1195 8.08 25.15 20.04
N ARG A 1196 6.78 25.38 19.79
CA ARG A 1196 5.98 24.49 18.98
C ARG A 1196 6.19 24.70 17.48
N GLN A 1197 7.16 25.52 17.08
CA GLN A 1197 7.42 25.71 15.67
C GLN A 1197 7.93 24.42 15.01
N ALA A 1198 8.53 23.53 15.79
CA ALA A 1198 8.99 22.25 15.27
C ALA A 1198 7.85 21.28 14.97
N VAL A 1199 6.65 21.54 15.48
CA VAL A 1199 5.51 20.67 15.24
C VAL A 1199 4.75 21.08 13.99
N MET A 1200 4.50 22.38 13.82
CA MET A 1200 3.75 22.84 12.66
C MET A 1200 4.47 22.51 11.36
N CYS A 1201 5.78 22.73 11.33
CA CYS A 1201 6.59 22.45 10.13
C CYS A 1201 7.24 21.07 10.24
N SER A 1202 6.39 20.05 10.39
CA SER A 1202 6.86 18.68 10.54
C SER A 1202 5.94 17.75 9.77
N ASP A 1203 6.30 16.46 9.74
CA ASP A 1203 5.50 15.45 9.08
C ASP A 1203 4.58 14.70 10.03
N TYR A 1204 4.90 14.67 11.33
CA TYR A 1204 4.07 14.02 12.33
C TYR A 1204 4.15 14.84 13.60
N ALA A 1205 3.43 14.39 14.63
CA ALA A 1205 3.43 15.08 15.91
C ALA A 1205 3.03 14.10 16.99
N ILE A 1206 3.90 13.93 18.00
CA ILE A 1206 3.65 13.00 19.09
C ILE A 1206 3.97 13.69 20.40
N GLY A 1207 3.43 13.13 21.49
CA GLY A 1207 3.60 13.75 22.79
C GLY A 1207 5.03 13.72 23.28
N GLN A 1208 5.70 12.58 23.15
CA GLN A 1208 7.06 12.43 23.64
C GLN A 1208 7.72 11.28 22.90
N PHE A 1209 9.05 11.19 23.06
CA PHE A 1209 9.85 10.26 22.27
C PHE A 1209 9.37 8.82 22.42
N ARG A 1210 8.83 8.47 23.58
CA ARG A 1210 8.49 7.08 23.87
C ARG A 1210 7.40 6.54 22.95
N TYR A 1211 6.90 7.37 22.03
CA TYR A 1211 5.90 6.93 21.07
C TYR A 1211 6.48 6.50 19.74
N VAL A 1212 7.71 6.93 19.42
CA VAL A 1212 8.30 6.54 18.14
C VAL A 1212 8.45 5.02 18.06
N THR A 1213 8.78 4.37 19.17
CA THR A 1213 8.92 2.93 19.16
C THR A 1213 7.62 2.23 18.80
N ARG A 1214 6.48 2.93 18.89
CA ARG A 1214 5.24 2.41 18.36
C ARG A 1214 4.96 2.90 16.95
N LEU A 1215 5.34 4.14 16.64
CA LEU A 1215 5.05 4.70 15.33
C LEU A 1215 5.93 4.10 14.23
N VAL A 1216 6.97 3.36 14.58
CA VAL A 1216 7.88 2.80 13.58
C VAL A 1216 7.79 1.28 13.58
N LEU A 1217 7.65 0.69 14.76
CA LEU A 1217 7.64 -0.77 14.88
C LEU A 1217 6.27 -1.39 14.71
N VAL A 1218 5.20 -0.59 14.74
CA VAL A 1218 3.86 -1.14 14.62
C VAL A 1218 3.15 -0.55 13.42
N HIS A 1219 2.92 0.76 13.42
CA HIS A 1219 2.17 1.37 12.33
C HIS A 1219 2.99 1.42 11.05
N GLY A 1220 4.29 1.70 11.17
CA GLY A 1220 5.12 1.76 9.98
C GLY A 1220 5.23 0.41 9.29
N LYS A 1221 5.56 -0.64 10.04
CA LYS A 1221 5.67 -1.97 9.47
C LYS A 1221 4.34 -2.43 8.89
N TRP A 1222 3.25 -2.21 9.64
CA TRP A 1222 1.93 -2.60 9.16
C TRP A 1222 1.62 -1.90 7.84
N CYS A 1223 1.82 -0.59 7.78
CA CYS A 1223 1.48 0.14 6.56
C CYS A 1223 2.33 -0.30 5.38
N TYR A 1224 3.63 -0.47 5.61
CA TYR A 1224 4.51 -0.88 4.51
C TYR A 1224 4.10 -2.25 3.98
N LYS A 1225 3.86 -3.21 4.88
CA LYS A 1225 3.47 -4.54 4.43
C LYS A 1225 2.11 -4.50 3.74
N ARG A 1226 1.17 -3.70 4.26
CA ARG A 1226 -0.16 -3.64 3.65
C ARG A 1226 -0.09 -3.11 2.23
N LEU A 1227 0.69 -2.05 1.99
CA LEU A 1227 0.76 -1.53 0.63
C LEU A 1227 1.56 -2.44 -0.29
N ALA A 1228 2.63 -3.05 0.23
CA ALA A 1228 3.40 -3.98 -0.58
C ALA A 1228 2.61 -5.24 -0.93
N GLU A 1229 1.58 -5.55 -0.15
CA GLU A 1229 0.69 -6.64 -0.52
C GLU A 1229 -0.46 -6.18 -1.40
N MET A 1230 -0.90 -4.92 -1.24
CA MET A 1230 -1.94 -4.36 -2.10
C MET A 1230 -1.52 -4.28 -3.55
N ILE A 1231 -0.38 -3.65 -3.82
CA ILE A 1231 -0.09 -3.21 -5.20
C ILE A 1231 -0.01 -4.38 -6.18
N PRO A 1232 0.75 -5.45 -5.93
CA PRO A 1232 0.76 -6.56 -6.88
C PRO A 1232 -0.62 -7.17 -7.10
N GLN A 1233 -1.44 -7.26 -6.06
CA GLN A 1233 -2.78 -7.79 -6.23
C GLN A 1233 -3.66 -6.84 -7.03
N PHE A 1234 -3.41 -5.53 -6.92
CA PHE A 1234 -4.19 -4.60 -7.72
C PHE A 1234 -3.84 -4.72 -9.19
N PHE A 1235 -2.58 -5.01 -9.52
CA PHE A 1235 -2.27 -5.28 -10.93
C PHE A 1235 -2.82 -6.65 -11.35
N TYR A 1236 -2.78 -7.62 -10.44
CA TYR A 1236 -3.34 -8.94 -10.67
C TYR A 1236 -4.82 -8.89 -11.07
N LYS A 1237 -5.64 -8.16 -10.32
CA LYS A 1237 -7.08 -8.18 -10.56
C LYS A 1237 -7.42 -7.55 -11.90
N ASN A 1238 -6.55 -6.68 -12.41
CA ASN A 1238 -6.78 -6.07 -13.72
C ASN A 1238 -6.31 -6.98 -14.85
N VAL A 1239 -5.17 -7.65 -14.65
CA VAL A 1239 -4.66 -8.56 -15.66
C VAL A 1239 -5.62 -9.72 -15.87
N ILE A 1240 -6.13 -10.30 -14.77
CA ILE A 1240 -6.98 -11.48 -14.86
C ILE A 1240 -8.25 -11.21 -15.65
N PHE A 1241 -8.55 -9.95 -15.93
CA PHE A 1241 -9.72 -9.55 -16.70
C PHE A 1241 -9.37 -9.14 -18.12
N THR A 1242 -8.37 -8.28 -18.28
CA THR A 1242 -8.01 -7.87 -19.64
C THR A 1242 -7.45 -9.03 -20.45
N LEU A 1243 -6.63 -9.88 -19.84
CA LEU A 1243 -6.16 -11.05 -20.57
C LEU A 1243 -7.31 -12.00 -20.89
N SER A 1244 -8.37 -12.02 -20.08
CA SER A 1244 -9.54 -12.81 -20.45
C SER A 1244 -10.20 -12.26 -21.71
N LEU A 1245 -10.35 -10.93 -21.78
CA LEU A 1245 -10.82 -10.34 -23.03
C LEU A 1245 -9.94 -10.75 -24.20
N PHE A 1246 -8.62 -10.69 -24.02
CA PHE A 1246 -7.72 -11.05 -25.12
C PHE A 1246 -7.87 -12.51 -25.52
N TRP A 1247 -7.99 -13.41 -24.55
CA TRP A 1247 -8.14 -14.83 -24.85
C TRP A 1247 -9.42 -15.09 -25.61
N TYR A 1248 -10.50 -14.39 -25.26
CA TYR A 1248 -11.66 -14.45 -26.16
C TYR A 1248 -11.30 -13.87 -27.52
N GLY A 1249 -10.38 -12.91 -27.54
CA GLY A 1249 -9.99 -12.27 -28.78
C GLY A 1249 -9.23 -13.17 -29.74
N ILE A 1250 -8.63 -14.26 -29.26
CA ILE A 1250 -7.95 -15.13 -30.23
C ILE A 1250 -8.97 -15.76 -31.16
N TYR A 1251 -10.16 -16.06 -30.67
CA TYR A 1251 -11.26 -16.41 -31.55
C TYR A 1251 -11.84 -15.15 -32.17
N ASN A 1252 -12.73 -15.35 -33.15
CA ASN A 1252 -13.32 -14.30 -34.00
C ASN A 1252 -12.27 -13.39 -34.63
N ASN A 1253 -11.02 -13.85 -34.66
CA ASN A 1253 -9.93 -13.19 -35.37
C ASN A 1253 -9.74 -11.73 -34.93
N PHE A 1254 -9.93 -11.49 -33.63
CA PHE A 1254 -9.66 -10.17 -33.03
C PHE A 1254 -10.43 -9.05 -33.72
N ASP A 1255 -11.66 -9.31 -34.14
CA ASP A 1255 -12.36 -8.29 -34.92
C ASP A 1255 -12.76 -7.10 -34.06
N GLY A 1256 -13.08 -7.31 -32.79
CA GLY A 1256 -13.42 -6.21 -31.92
C GLY A 1256 -14.68 -6.40 -31.10
N SER A 1257 -15.21 -7.62 -31.07
CA SER A 1257 -16.35 -7.90 -30.20
C SER A 1257 -15.89 -7.98 -28.75
N TYR A 1258 -16.78 -7.54 -27.86
CA TYR A 1258 -16.51 -7.54 -26.42
C TYR A 1258 -17.19 -8.73 -25.79
N LEU A 1259 -16.42 -9.55 -25.06
CA LEU A 1259 -16.96 -10.78 -24.50
C LEU A 1259 -18.00 -10.49 -23.42
N PHE A 1260 -17.67 -9.64 -22.46
CA PHE A 1260 -18.59 -9.34 -21.38
C PHE A 1260 -19.61 -8.30 -21.84
N GLU A 1261 -20.50 -7.92 -20.92
CA GLU A 1261 -21.46 -6.87 -21.22
C GLU A 1261 -20.77 -5.51 -21.22
N TYR A 1262 -21.48 -4.51 -21.74
CA TYR A 1262 -20.98 -3.15 -21.66
C TYR A 1262 -21.00 -2.61 -20.23
N THR A 1263 -21.69 -3.28 -19.32
CA THR A 1263 -21.81 -2.85 -17.94
C THR A 1263 -20.92 -3.66 -17.00
N TYR A 1264 -20.00 -4.45 -17.54
CA TYR A 1264 -18.95 -5.06 -16.74
C TYR A 1264 -17.62 -4.34 -16.88
N LEU A 1265 -17.48 -3.48 -17.89
CA LEU A 1265 -16.34 -2.56 -17.93
C LEU A 1265 -16.36 -1.64 -16.72
N THR A 1266 -17.53 -1.10 -16.39
CA THR A 1266 -17.66 -0.05 -15.38
C THR A 1266 -18.05 -0.58 -14.02
N PHE A 1267 -18.08 -1.90 -13.82
CA PHE A 1267 -18.44 -2.46 -12.52
C PHE A 1267 -17.53 -3.61 -12.10
N TYR A 1268 -16.48 -3.91 -12.84
CA TYR A 1268 -15.55 -4.92 -12.37
C TYR A 1268 -14.45 -4.32 -11.50
N ASN A 1269 -14.01 -3.10 -11.81
CA ASN A 1269 -12.99 -2.42 -11.02
C ASN A 1269 -13.58 -1.44 -10.01
N LEU A 1270 -14.90 -1.39 -9.87
CA LEU A 1270 -15.54 -0.46 -8.97
C LEU A 1270 -16.23 -1.15 -7.79
N ALA A 1271 -17.07 -2.13 -8.06
CA ALA A 1271 -17.84 -2.77 -7.00
C ALA A 1271 -17.57 -4.27 -6.86
N PHE A 1272 -17.29 -4.98 -7.94
CA PHE A 1272 -17.17 -6.43 -7.86
C PHE A 1272 -15.97 -6.83 -7.02
N THR A 1273 -14.80 -6.27 -7.30
CA THR A 1273 -13.57 -6.71 -6.64
C THR A 1273 -12.66 -5.55 -6.26
N SER A 1274 -13.23 -4.38 -5.95
CA SER A 1274 -12.43 -3.24 -5.53
C SER A 1274 -12.51 -2.94 -4.05
N VAL A 1275 -13.49 -3.48 -3.35
CA VAL A 1275 -13.63 -3.27 -1.90
C VAL A 1275 -12.70 -4.21 -1.12
N PRO A 1276 -12.62 -5.51 -1.41
CA PRO A 1276 -11.75 -6.37 -0.61
C PRO A 1276 -10.28 -5.95 -0.61
N VAL A 1277 -9.78 -5.41 -1.72
CA VAL A 1277 -8.38 -5.01 -1.77
C VAL A 1277 -8.12 -3.85 -0.82
N ILE A 1278 -9.02 -2.87 -0.79
CA ILE A 1278 -8.86 -1.73 0.10
C ILE A 1278 -8.90 -2.18 1.56
N LEU A 1279 -9.84 -3.07 1.89
CA LEU A 1279 -9.91 -3.57 3.26
C LEU A 1279 -8.66 -4.36 3.62
N LEU A 1280 -8.12 -5.13 2.67
CA LEU A 1280 -6.86 -5.82 2.92
C LEU A 1280 -5.74 -4.82 3.18
N ALA A 1281 -5.70 -3.73 2.42
CA ALA A 1281 -4.58 -2.80 2.57
C ALA A 1281 -4.77 -1.82 3.72
N VAL A 1282 -5.94 -1.77 4.34
CA VAL A 1282 -6.18 -0.87 5.47
C VAL A 1282 -6.28 -1.62 6.80
N LEU A 1283 -7.14 -2.64 6.86
CA LEU A 1283 -7.45 -3.33 8.11
C LEU A 1283 -6.75 -4.69 8.23
N ASP A 1284 -5.51 -4.79 7.76
CA ASP A 1284 -4.74 -6.02 7.89
C ASP A 1284 -3.62 -5.82 8.90
N GLN A 1285 -3.54 -6.74 9.86
CA GLN A 1285 -2.49 -6.74 10.86
C GLN A 1285 -1.54 -7.90 10.55
N ASP A 1286 -0.30 -7.56 10.21
CA ASP A 1286 0.74 -8.57 10.05
C ASP A 1286 0.79 -9.50 11.25
N VAL A 1287 1.11 -8.93 12.42
CA VAL A 1287 0.97 -9.62 13.71
C VAL A 1287 0.40 -8.60 14.69
N SER A 1288 -0.34 -9.08 15.67
CA SER A 1288 -0.90 -8.21 16.69
C SER A 1288 0.20 -7.35 17.30
N ASP A 1289 -0.16 -6.12 17.67
CA ASP A 1289 0.84 -5.15 18.10
C ASP A 1289 1.65 -5.62 19.29
N THR A 1290 1.07 -6.49 20.14
CA THR A 1290 1.81 -7.02 21.27
C THR A 1290 3.04 -7.79 20.81
N VAL A 1291 2.86 -8.72 19.88
CA VAL A 1291 4.00 -9.50 19.40
C VAL A 1291 4.97 -8.64 18.62
N SER A 1292 4.47 -7.64 17.89
CA SER A 1292 5.36 -6.72 17.19
C SER A 1292 6.26 -5.98 18.17
N MET A 1293 5.72 -5.59 19.32
CA MET A 1293 6.56 -5.04 20.39
C MET A 1293 7.52 -6.08 20.93
N LEU A 1294 7.03 -7.31 21.16
CA LEU A 1294 7.87 -8.34 21.74
C LEU A 1294 8.96 -8.80 20.80
N VAL A 1295 8.70 -8.81 19.50
CA VAL A 1295 9.68 -9.27 18.52
C VAL A 1295 9.90 -8.17 17.49
N PRO A 1296 10.65 -7.12 17.83
CA PRO A 1296 10.89 -6.05 16.86
C PRO A 1296 11.71 -6.49 15.66
N GLN A 1297 12.40 -7.62 15.74
CA GLN A 1297 13.26 -8.06 14.65
C GLN A 1297 12.51 -8.26 13.35
N LEU A 1298 11.18 -8.47 13.41
CA LEU A 1298 10.39 -8.55 12.18
C LEU A 1298 10.57 -7.32 11.33
N TYR A 1299 10.65 -6.14 11.96
CA TYR A 1299 10.83 -4.90 11.22
C TYR A 1299 12.04 -4.95 10.30
N ARG A 1300 12.99 -5.86 10.55
CA ARG A 1300 14.15 -5.99 9.69
C ARG A 1300 13.76 -6.21 8.23
N VAL A 1301 12.69 -6.97 7.99
CA VAL A 1301 12.31 -7.25 6.60
C VAL A 1301 11.87 -5.98 5.89
N GLY A 1302 11.44 -4.96 6.63
CA GLY A 1302 11.11 -3.69 6.02
C GLY A 1302 12.30 -2.83 5.68
N ILE A 1303 13.48 -3.20 6.15
CA ILE A 1303 14.68 -2.40 5.91
C ILE A 1303 15.43 -2.87 4.67
N LEU A 1304 15.58 -4.18 4.50
CA LEU A 1304 16.31 -4.75 3.39
C LEU A 1304 15.50 -4.77 2.09
N ARG A 1305 14.34 -4.12 2.06
CA ARG A 1305 13.48 -4.08 0.87
C ARG A 1305 13.13 -5.49 0.40
N LYS A 1306 12.88 -6.39 1.36
CA LYS A 1306 12.59 -7.78 1.06
C LYS A 1306 11.10 -8.07 1.00
N GLU A 1307 10.28 -7.05 0.78
CA GLU A 1307 8.84 -7.27 0.73
C GLU A 1307 8.21 -6.63 -0.51
N TRP A 1308 8.85 -5.58 -1.03
CA TRP A 1308 8.35 -4.86 -2.20
C TRP A 1308 9.48 -4.74 -3.22
N ASN A 1309 9.55 -5.69 -4.14
CA ASN A 1309 10.52 -5.67 -5.23
C ASN A 1309 9.81 -6.06 -6.52
N GLN A 1310 10.40 -5.63 -7.64
CA GLN A 1310 9.75 -5.83 -8.93
C GLN A 1310 9.56 -7.30 -9.28
N THR A 1311 10.36 -8.20 -8.70
CA THR A 1311 10.17 -9.62 -8.96
C THR A 1311 8.80 -10.08 -8.45
N LYS A 1312 8.39 -9.61 -7.27
CA LYS A 1312 7.09 -9.98 -6.74
C LYS A 1312 5.97 -9.51 -7.66
N PHE A 1313 6.05 -8.26 -8.12
CA PHE A 1313 5.00 -7.74 -9.01
C PHE A 1313 4.97 -8.49 -10.33
N LEU A 1314 6.13 -8.80 -10.90
CA LEU A 1314 6.15 -9.52 -12.17
C LEU A 1314 5.59 -10.92 -12.00
N TRP A 1315 5.93 -11.60 -10.90
CA TRP A 1315 5.38 -12.93 -10.66
C TRP A 1315 3.87 -12.86 -10.46
N TYR A 1316 3.39 -11.83 -9.76
CA TYR A 1316 1.94 -11.69 -9.60
C TYR A 1316 1.25 -11.47 -10.94
N MET A 1317 1.86 -10.68 -11.82
CA MET A 1317 1.27 -10.50 -13.15
C MET A 1317 1.28 -11.81 -13.94
N LEU A 1318 2.34 -12.60 -13.81
CA LEU A 1318 2.37 -13.90 -14.48
C LEU A 1318 1.26 -14.81 -13.95
N ASP A 1319 1.05 -14.80 -12.64
CA ASP A 1319 -0.05 -15.56 -12.06
C ASP A 1319 -1.38 -15.05 -12.57
N GLY A 1320 -1.50 -13.73 -12.76
CA GLY A 1320 -2.72 -13.19 -13.34
C GLY A 1320 -2.95 -13.68 -14.76
N VAL A 1321 -1.90 -13.75 -15.57
CA VAL A 1321 -2.03 -14.24 -16.93
C VAL A 1321 -2.48 -15.70 -16.93
N TYR A 1322 -1.83 -16.53 -16.10
CA TYR A 1322 -2.21 -17.94 -16.04
C TYR A 1322 -3.64 -18.11 -15.56
N GLN A 1323 -4.04 -17.36 -14.54
CA GLN A 1323 -5.39 -17.50 -14.02
C GLN A 1323 -6.41 -16.96 -14.99
N SER A 1324 -6.03 -15.99 -15.82
CA SER A 1324 -6.92 -15.58 -16.91
C SER A 1324 -7.09 -16.69 -17.93
N VAL A 1325 -6.01 -17.39 -18.25
CA VAL A 1325 -6.12 -18.54 -19.15
C VAL A 1325 -7.09 -19.56 -18.60
N ILE A 1326 -6.92 -19.93 -17.32
CA ILE A 1326 -7.80 -20.91 -16.71
C ILE A 1326 -9.22 -20.39 -16.63
N CYS A 1327 -9.39 -19.10 -16.32
CA CYS A 1327 -10.71 -18.51 -16.16
C CYS A 1327 -11.49 -18.51 -17.45
N PHE A 1328 -10.85 -18.18 -18.57
CA PHE A 1328 -11.60 -18.12 -19.82
C PHE A 1328 -11.73 -19.48 -20.49
N PHE A 1329 -10.71 -20.33 -20.40
CA PHE A 1329 -10.71 -21.55 -21.19
C PHE A 1329 -11.43 -22.70 -20.51
N PHE A 1330 -12.01 -22.50 -19.33
CA PHE A 1330 -12.91 -23.52 -18.83
C PHE A 1330 -14.30 -23.39 -19.43
N PRO A 1331 -14.93 -22.20 -19.46
CA PRO A 1331 -16.23 -22.10 -20.13
C PRO A 1331 -16.17 -22.48 -21.60
N TYR A 1332 -15.12 -22.10 -22.32
CA TYR A 1332 -15.03 -22.47 -23.72
C TYR A 1332 -14.93 -23.99 -23.89
N LEU A 1333 -14.12 -24.64 -23.06
CA LEU A 1333 -14.00 -26.09 -23.15
C LEU A 1333 -15.30 -26.78 -22.77
N ALA A 1334 -16.11 -26.15 -21.91
CA ALA A 1334 -17.45 -26.64 -21.64
C ALA A 1334 -18.42 -26.31 -22.76
N TYR A 1335 -18.05 -25.42 -23.68
CA TYR A 1335 -18.90 -25.03 -24.79
C TYR A 1335 -18.44 -25.57 -26.13
N HIS A 1336 -17.21 -26.06 -26.26
CA HIS A 1336 -16.65 -26.28 -27.58
C HIS A 1336 -17.21 -27.52 -28.27
N LYS A 1337 -17.59 -28.54 -27.51
CA LYS A 1337 -18.01 -29.81 -28.12
C LYS A 1337 -19.35 -29.65 -28.84
N ASN A 1338 -20.40 -29.30 -28.10
CA ASN A 1338 -21.72 -29.16 -28.67
C ASN A 1338 -22.40 -27.83 -28.38
N MET A 1339 -21.98 -27.11 -27.34
CA MET A 1339 -22.42 -25.74 -27.08
C MET A 1339 -23.92 -25.70 -26.76
N VAL A 1340 -24.37 -26.71 -26.02
CA VAL A 1340 -25.79 -26.82 -25.68
C VAL A 1340 -25.93 -27.05 -24.17
N VAL A 1341 -25.00 -26.51 -23.39
CA VAL A 1341 -24.99 -26.81 -21.96
C VAL A 1341 -25.97 -25.92 -21.21
N THR A 1342 -27.25 -26.34 -21.19
CA THR A 1342 -28.30 -25.61 -20.49
C THR A 1342 -29.29 -26.52 -19.79
N GLU A 1343 -29.00 -27.83 -19.66
CA GLU A 1343 -29.78 -28.83 -18.93
C GLU A 1343 -31.21 -28.93 -19.43
N ASN A 1344 -31.58 -28.13 -20.42
CA ASN A 1344 -32.83 -28.34 -21.13
C ASN A 1344 -32.69 -28.02 -22.62
N GLY A 1345 -31.48 -27.77 -23.12
CA GLY A 1345 -31.24 -27.62 -24.53
C GLY A 1345 -31.66 -26.29 -25.13
N LEU A 1346 -32.22 -25.37 -24.34
CA LEU A 1346 -32.68 -24.12 -24.91
C LEU A 1346 -31.52 -23.29 -25.45
N GLY A 1347 -30.35 -23.41 -24.85
CA GLY A 1347 -29.16 -22.79 -25.41
C GLY A 1347 -28.88 -21.40 -24.90
N LEU A 1348 -27.74 -21.22 -24.23
CA LEU A 1348 -27.29 -19.87 -23.88
C LEU A 1348 -26.60 -19.24 -25.09
N ASP A 1349 -25.48 -19.82 -25.51
CA ASP A 1349 -24.94 -19.63 -26.85
C ASP A 1349 -24.53 -18.18 -27.13
N HIS A 1350 -24.77 -17.28 -26.19
CA HIS A 1350 -24.55 -15.87 -26.43
C HIS A 1350 -23.29 -15.42 -25.71
N ARG A 1351 -22.53 -14.54 -26.36
CA ARG A 1351 -21.24 -14.13 -25.79
C ARG A 1351 -21.40 -13.43 -24.46
N TYR A 1352 -22.56 -12.84 -24.19
CA TYR A 1352 -22.78 -12.23 -22.88
C TYR A 1352 -22.90 -13.27 -21.78
N PHE A 1353 -23.49 -14.43 -22.08
CA PHE A 1353 -23.61 -15.47 -21.07
C PHE A 1353 -22.27 -16.19 -20.84
N VAL A 1354 -21.50 -16.39 -21.89
CA VAL A 1354 -20.12 -16.84 -21.71
C VAL A 1354 -19.35 -15.82 -20.88
N GLY A 1355 -19.61 -14.54 -21.12
CA GLY A 1355 -19.00 -13.51 -20.31
C GLY A 1355 -19.41 -13.59 -18.86
N VAL A 1356 -20.66 -13.98 -18.60
CA VAL A 1356 -21.11 -14.17 -17.22
C VAL A 1356 -20.34 -15.32 -16.57
N PHE A 1357 -20.20 -16.44 -17.30
CA PHE A 1357 -19.38 -17.54 -16.80
C PHE A 1357 -17.99 -17.05 -16.40
N VAL A 1358 -17.33 -16.37 -17.33
CA VAL A 1358 -15.94 -15.95 -17.13
C VAL A 1358 -15.84 -14.93 -16.01
N THR A 1359 -16.75 -13.97 -15.98
CA THR A 1359 -16.71 -12.95 -14.93
C THR A 1359 -16.95 -13.57 -13.57
N ALA A 1360 -17.88 -14.52 -13.46
CA ALA A 1360 -18.11 -15.17 -12.17
C ALA A 1360 -16.86 -15.89 -11.70
N ILE A 1361 -16.22 -16.65 -12.59
CA ILE A 1361 -15.01 -17.35 -12.22
C ILE A 1361 -13.92 -16.36 -11.81
N ALA A 1362 -13.75 -15.30 -12.58
CA ALA A 1362 -12.68 -14.33 -12.30
C ALA A 1362 -12.92 -13.60 -10.99
N VAL A 1363 -14.15 -13.16 -10.73
CA VAL A 1363 -14.44 -12.42 -9.50
C VAL A 1363 -14.25 -13.32 -8.29
N THR A 1364 -14.79 -14.54 -8.33
CA THR A 1364 -14.62 -15.42 -7.19
C THR A 1364 -13.15 -15.74 -6.96
N SER A 1365 -12.40 -16.01 -8.03
CA SER A 1365 -10.99 -16.33 -7.88
C SER A 1365 -10.20 -15.15 -7.33
N CYS A 1366 -10.48 -13.94 -7.83
CA CYS A 1366 -9.76 -12.77 -7.34
C CYS A 1366 -10.08 -12.49 -5.87
N ASN A 1367 -11.34 -12.59 -5.48
CA ASN A 1367 -11.68 -12.36 -4.08
C ASN A 1367 -11.02 -13.40 -3.18
N PHE A 1368 -11.02 -14.67 -3.59
CA PHE A 1368 -10.37 -15.68 -2.76
C PHE A 1368 -8.86 -15.50 -2.76
N TYR A 1369 -8.28 -14.99 -3.86
CA TYR A 1369 -6.85 -14.71 -3.88
C TYR A 1369 -6.49 -13.60 -2.91
N VAL A 1370 -7.32 -12.56 -2.85
CA VAL A 1370 -7.11 -11.51 -1.86
C VAL A 1370 -7.25 -12.07 -0.45
N PHE A 1371 -8.22 -12.97 -0.25
CA PHE A 1371 -8.47 -13.48 1.09
C PHE A 1371 -7.38 -14.44 1.55
N MET A 1372 -6.71 -15.12 0.62
CA MET A 1372 -5.64 -16.05 0.99
C MET A 1372 -4.42 -15.29 1.50
N GLU A 1373 -3.99 -14.26 0.78
CA GLU A 1373 -2.76 -13.55 1.09
C GLU A 1373 -2.92 -12.56 2.23
N GLN A 1374 -4.11 -12.46 2.82
CA GLN A 1374 -4.35 -11.61 3.97
C GLN A 1374 -3.87 -12.32 5.23
N TYR A 1375 -3.03 -11.63 6.01
CA TYR A 1375 -2.43 -12.27 7.17
C TYR A 1375 -3.44 -12.52 8.29
N ARG A 1376 -4.41 -11.64 8.45
CA ARG A 1376 -5.37 -11.71 9.55
C ARG A 1376 -6.78 -11.78 8.98
N TRP A 1377 -7.47 -12.89 9.23
CA TRP A 1377 -8.86 -13.05 8.80
C TRP A 1377 -9.76 -12.49 9.88
N ASP A 1378 -10.21 -11.25 9.70
CA ASP A 1378 -11.13 -10.65 10.64
C ASP A 1378 -12.57 -10.87 10.19
N TRP A 1379 -13.51 -10.45 11.03
CA TRP A 1379 -14.92 -10.53 10.65
C TRP A 1379 -15.34 -9.42 9.70
N PHE A 1380 -14.45 -8.48 9.41
CA PHE A 1380 -14.75 -7.36 8.52
C PHE A 1380 -14.34 -7.64 7.08
N CYS A 1381 -13.08 -8.03 6.85
CA CYS A 1381 -12.64 -8.30 5.49
C CYS A 1381 -13.36 -9.52 4.91
N GLY A 1382 -13.55 -10.57 5.71
CA GLY A 1382 -14.32 -11.71 5.23
C GLY A 1382 -15.76 -11.34 4.92
N LEU A 1383 -16.36 -10.51 5.77
CA LEU A 1383 -17.73 -10.08 5.53
C LEU A 1383 -17.82 -9.30 4.22
N PHE A 1384 -16.87 -8.41 3.97
CA PHE A 1384 -16.93 -7.66 2.72
C PHE A 1384 -16.54 -8.49 1.50
N ILE A 1385 -15.78 -9.57 1.67
CA ILE A 1385 -15.55 -10.46 0.53
C ILE A 1385 -16.82 -11.21 0.18
N CYS A 1386 -17.49 -11.77 1.18
CA CYS A 1386 -18.79 -12.40 0.93
C CYS A 1386 -19.77 -11.38 0.35
N LEU A 1387 -19.71 -10.15 0.83
CA LEU A 1387 -20.63 -9.12 0.35
C LEU A 1387 -20.28 -8.68 -1.07
N SER A 1388 -19.00 -8.72 -1.46
CA SER A 1388 -18.65 -8.43 -2.84
C SER A 1388 -19.17 -9.50 -3.79
N LEU A 1389 -19.04 -10.76 -3.39
CA LEU A 1389 -19.67 -11.83 -4.19
C LEU A 1389 -21.17 -11.64 -4.26
N ALA A 1390 -21.79 -11.27 -3.14
CA ALA A 1390 -23.22 -11.00 -3.13
C ALA A 1390 -23.58 -9.83 -4.03
N VAL A 1391 -22.74 -8.80 -4.06
CA VAL A 1391 -22.99 -7.68 -4.96
C VAL A 1391 -22.96 -8.14 -6.41
N PHE A 1392 -21.96 -8.93 -6.77
CA PHE A 1392 -21.88 -9.42 -8.15
C PHE A 1392 -23.15 -10.17 -8.52
N TYR A 1393 -23.53 -11.16 -7.71
CA TYR A 1393 -24.70 -11.98 -8.05
C TYR A 1393 -25.99 -11.14 -8.04
N GLY A 1394 -26.22 -10.40 -6.96
CA GLY A 1394 -27.45 -9.66 -6.84
C GLY A 1394 -27.60 -8.55 -7.86
N TRP A 1395 -26.48 -7.89 -8.21
CA TRP A 1395 -26.57 -6.84 -9.21
C TRP A 1395 -26.74 -7.42 -10.61
N THR A 1396 -26.12 -8.56 -10.91
CA THR A 1396 -26.46 -9.22 -12.17
C THR A 1396 -27.95 -9.53 -12.22
N GLY A 1397 -28.50 -10.04 -11.12
CA GLY A 1397 -29.94 -10.31 -11.08
C GLY A 1397 -30.78 -9.07 -11.25
N ILE A 1398 -30.41 -7.98 -10.59
CA ILE A 1398 -31.21 -6.76 -10.63
C ILE A 1398 -31.16 -6.12 -12.01
N TRP A 1399 -29.95 -6.01 -12.59
CA TRP A 1399 -29.81 -5.34 -13.87
C TRP A 1399 -30.34 -6.19 -15.02
N THR A 1400 -30.25 -7.51 -14.91
CA THR A 1400 -30.74 -8.34 -16.01
C THR A 1400 -32.27 -8.30 -16.10
N SER A 1401 -32.95 -8.13 -14.96
CA SER A 1401 -34.42 -8.12 -14.96
C SER A 1401 -34.94 -6.69 -15.14
N SER A 1402 -34.51 -6.08 -16.25
CA SER A 1402 -34.88 -4.71 -16.55
C SER A 1402 -34.83 -4.49 -18.05
N SER A 1403 -35.74 -3.64 -18.54
CA SER A 1403 -35.79 -3.33 -19.96
C SER A 1403 -34.55 -2.61 -20.46
N SER A 1404 -33.77 -2.02 -19.56
CA SER A 1404 -32.56 -1.32 -19.95
C SER A 1404 -31.40 -2.26 -20.24
N SER A 1405 -31.62 -3.57 -20.17
CA SER A 1405 -30.61 -4.56 -20.46
C SER A 1405 -31.08 -5.38 -21.65
N ASN A 1406 -31.52 -4.67 -22.69
CA ASN A 1406 -32.23 -5.24 -23.84
C ASN A 1406 -31.68 -6.58 -24.33
N GLU A 1407 -30.42 -6.64 -24.71
CA GLU A 1407 -29.89 -7.88 -25.27
C GLU A 1407 -29.74 -8.95 -24.20
N PHE A 1408 -29.17 -8.59 -23.06
CA PHE A 1408 -28.93 -9.53 -21.97
C PHE A 1408 -30.24 -10.05 -21.40
N TYR A 1409 -30.93 -9.21 -20.63
CA TYR A 1409 -32.33 -9.32 -20.22
C TYR A 1409 -32.70 -10.52 -19.35
N LYS A 1410 -31.87 -11.57 -19.30
CA LYS A 1410 -32.19 -12.70 -18.43
C LYS A 1410 -30.95 -13.41 -17.88
N GLY A 1411 -29.89 -12.67 -17.59
CA GLY A 1411 -28.68 -13.31 -17.11
C GLY A 1411 -28.91 -14.15 -15.87
N ALA A 1412 -29.62 -13.58 -14.88
CA ALA A 1412 -29.83 -14.29 -13.63
C ALA A 1412 -30.71 -15.52 -13.83
N ALA A 1413 -31.87 -15.35 -14.46
CA ALA A 1413 -32.81 -16.46 -14.60
C ALA A 1413 -32.22 -17.59 -15.43
N ARG A 1414 -31.49 -17.24 -16.50
CA ARG A 1414 -30.97 -18.27 -17.39
C ARG A 1414 -29.68 -18.88 -16.87
N VAL A 1415 -28.63 -18.06 -16.72
CA VAL A 1415 -27.30 -18.60 -16.48
C VAL A 1415 -27.22 -19.23 -15.09
N PHE A 1416 -27.68 -18.53 -14.06
CA PHE A 1416 -27.39 -18.96 -12.69
C PHE A 1416 -28.14 -20.24 -12.32
N ALA A 1417 -29.26 -20.54 -12.96
CA ALA A 1417 -29.99 -21.76 -12.66
C ALA A 1417 -29.38 -22.99 -13.32
N GLN A 1418 -28.41 -22.82 -14.21
CA GLN A 1418 -27.84 -23.95 -14.93
C GLN A 1418 -26.83 -24.66 -14.04
N PRO A 1419 -27.01 -25.95 -13.76
CA PRO A 1419 -25.99 -26.68 -12.99
C PRO A 1419 -24.64 -26.72 -13.67
N ALA A 1420 -24.58 -26.55 -14.99
CA ALA A 1420 -23.29 -26.49 -15.66
C ALA A 1420 -22.50 -25.28 -15.21
N TYR A 1421 -23.20 -24.15 -14.95
CA TYR A 1421 -22.50 -22.94 -14.52
C TYR A 1421 -21.80 -23.15 -13.19
N TRP A 1422 -22.48 -23.77 -12.23
CA TRP A 1422 -21.83 -24.02 -10.94
C TRP A 1422 -20.78 -25.11 -11.06
N ALA A 1423 -21.03 -26.12 -11.88
CA ALA A 1423 -20.06 -27.20 -12.06
C ALA A 1423 -18.76 -26.68 -12.66
N VAL A 1424 -18.84 -25.65 -13.49
CA VAL A 1424 -17.61 -25.07 -14.03
C VAL A 1424 -17.04 -23.99 -13.12
N LEU A 1425 -17.89 -23.29 -12.36
CA LEU A 1425 -17.40 -22.28 -11.44
C LEU A 1425 -16.55 -22.89 -10.33
N PHE A 1426 -17.00 -24.01 -9.76
CA PHE A 1426 -16.23 -24.62 -8.68
C PHE A 1426 -14.86 -25.06 -9.16
N VAL A 1427 -14.79 -25.69 -10.32
CA VAL A 1427 -13.49 -26.15 -10.80
C VAL A 1427 -12.63 -24.98 -11.25
N GLY A 1428 -13.22 -23.92 -11.78
CA GLY A 1428 -12.43 -22.74 -12.10
C GLY A 1428 -11.82 -22.12 -10.85
N VAL A 1429 -12.60 -22.05 -9.78
CA VAL A 1429 -12.09 -21.52 -8.52
C VAL A 1429 -10.95 -22.40 -8.01
N LEU A 1430 -11.12 -23.73 -8.07
CA LEU A 1430 -10.06 -24.61 -7.59
C LEU A 1430 -8.80 -24.46 -8.43
N PHE A 1431 -8.91 -24.58 -9.75
CA PHE A 1431 -7.73 -24.54 -10.60
C PHE A 1431 -7.08 -23.17 -10.66
N CYS A 1432 -7.80 -22.10 -10.30
CA CYS A 1432 -7.17 -20.79 -10.24
C CYS A 1432 -6.28 -20.65 -9.03
N LEU A 1433 -6.72 -21.12 -7.86
CA LEU A 1433 -5.96 -20.96 -6.63
C LEU A 1433 -5.03 -22.11 -6.31
N LEU A 1434 -5.14 -23.24 -7.02
CA LEU A 1434 -4.33 -24.40 -6.68
C LEU A 1434 -2.83 -24.15 -6.81
N PRO A 1435 -2.31 -23.56 -7.89
CA PRO A 1435 -0.85 -23.35 -7.94
C PRO A 1435 -0.34 -22.45 -6.84
N ARG A 1436 -0.99 -21.31 -6.61
CA ARG A 1436 -0.53 -20.39 -5.57
C ARG A 1436 -0.60 -21.03 -4.19
N PHE A 1437 -1.70 -21.73 -3.90
CA PHE A 1437 -1.84 -22.36 -2.59
C PHE A 1437 -0.79 -23.46 -2.39
N THR A 1438 -0.56 -24.29 -3.41
CA THR A 1438 0.46 -25.32 -3.29
C THR A 1438 1.84 -24.72 -3.08
N ILE A 1439 2.17 -23.67 -3.84
CA ILE A 1439 3.47 -23.04 -3.70
C ILE A 1439 3.62 -22.43 -2.32
N ASP A 1440 2.57 -21.79 -1.81
CA ASP A 1440 2.63 -21.23 -0.47
C ASP A 1440 2.82 -22.32 0.58
N CYS A 1441 2.14 -23.46 0.42
CA CYS A 1441 2.29 -24.54 1.38
C CYS A 1441 3.68 -25.16 1.32
N ILE A 1442 4.29 -25.22 0.15
CA ILE A 1442 5.63 -25.80 0.03
C ILE A 1442 6.68 -24.71 0.16
N ARG A 1443 6.29 -23.53 0.63
CA ARG A 1443 7.23 -22.46 0.93
C ARG A 1443 7.09 -21.94 2.35
N LYS A 1444 5.91 -22.01 2.95
CA LYS A 1444 5.72 -21.64 4.34
C LYS A 1444 5.97 -22.80 5.29
N ILE A 1445 6.43 -23.94 4.77
CA ILE A 1445 6.73 -25.11 5.59
C ILE A 1445 8.18 -25.53 5.35
N PHE A 1446 8.69 -25.22 4.16
CA PHE A 1446 10.01 -25.71 3.75
C PHE A 1446 11.05 -24.61 3.63
N TYR A 1447 10.65 -23.39 3.28
CA TYR A 1447 11.56 -22.24 3.26
C TYR A 1447 10.89 -21.08 3.99
N PRO A 1448 10.57 -21.25 5.27
CA PRO A 1448 9.75 -20.24 5.96
C PRO A 1448 10.55 -19.00 6.30
N LYS A 1449 9.93 -17.85 6.09
CA LYS A 1449 10.52 -16.59 6.51
C LYS A 1449 10.34 -16.43 8.02
N ASP A 1450 10.93 -15.35 8.56
CA ASP A 1450 10.83 -15.12 10.00
C ASP A 1450 9.39 -14.91 10.44
N ILE A 1451 8.56 -14.30 9.57
CA ILE A 1451 7.19 -13.99 9.96
C ILE A 1451 6.38 -15.27 10.16
N GLU A 1452 6.58 -16.28 9.32
CA GLU A 1452 5.86 -17.53 9.50
C GLU A 1452 6.24 -18.22 10.79
N ILE A 1453 7.53 -18.22 11.12
CA ILE A 1453 7.98 -18.83 12.36
C ILE A 1453 7.39 -18.09 13.56
N VAL A 1454 7.40 -16.76 13.52
CA VAL A 1454 6.85 -15.99 14.64
C VAL A 1454 5.35 -16.27 14.80
N ARG A 1455 4.63 -16.32 13.67
CA ARG A 1455 3.20 -16.59 13.73
C ARG A 1455 2.93 -17.96 14.32
N GLU A 1456 3.70 -18.97 13.90
CA GLU A 1456 3.57 -20.31 14.46
C GLU A 1456 3.85 -20.28 15.96
N MET A 1457 4.86 -19.53 16.38
CA MET A 1457 5.17 -19.43 17.80
C MET A 1457 4.00 -18.87 18.60
N TRP A 1458 3.47 -17.71 18.18
CA TRP A 1458 2.47 -17.13 19.07
C TRP A 1458 1.11 -17.76 18.88
N LEU A 1459 0.93 -18.60 17.85
CA LEU A 1459 -0.24 -19.46 17.81
C LEU A 1459 -0.06 -20.66 18.74
N ARG A 1460 1.18 -21.14 18.89
CA ARG A 1460 1.42 -22.21 19.85
C ARG A 1460 1.16 -21.75 21.28
N GLY A 1461 1.32 -20.46 21.55
CA GLY A 1461 1.03 -19.92 22.86
C GLY A 1461 2.26 -19.52 23.65
N ASP A 1462 3.34 -19.10 22.97
CA ASP A 1462 4.42 -18.33 23.64
C ASP A 1462 3.89 -17.01 24.18
N PHE A 1463 3.46 -16.13 23.28
CA PHE A 1463 3.05 -14.78 23.67
C PHE A 1463 1.55 -14.72 23.99
N ASP A 1464 1.10 -15.61 24.88
CA ASP A 1464 -0.30 -15.64 25.30
C ASP A 1464 -0.53 -15.02 26.67
N LEU A 1465 0.52 -14.47 27.28
CA LEU A 1465 0.43 -13.91 28.62
C LEU A 1465 0.15 -12.41 28.63
N TYR A 1466 0.80 -11.66 27.75
CA TYR A 1466 0.65 -10.21 27.74
C TYR A 1466 -0.71 -9.83 27.15
N PRO A 1467 -1.35 -8.80 27.67
CA PRO A 1467 -2.66 -8.38 27.16
C PRO A 1467 -2.51 -7.65 25.82
N GLN A 1468 -3.66 -7.30 25.24
CA GLN A 1468 -3.65 -6.66 23.92
C GLN A 1468 -3.07 -5.26 23.98
N GLY A 1469 -3.48 -4.47 24.98
CA GLY A 1469 -2.98 -3.12 25.10
C GLY A 1469 -1.67 -3.04 25.85
N TYR A 1470 -0.61 -3.57 25.26
CA TYR A 1470 0.68 -3.68 25.93
C TYR A 1470 1.77 -3.04 25.07
N ASP A 1471 2.70 -2.36 25.73
CA ASP A 1471 3.88 -1.80 25.09
C ASP A 1471 4.98 -1.64 26.12
N PRO A 1472 6.18 -2.16 25.84
CA PRO A 1472 7.26 -2.09 26.84
C PRO A 1472 7.67 -0.67 27.18
N THR A 1473 7.36 0.31 26.33
CA THR A 1473 7.74 1.69 26.58
C THR A 1473 6.78 2.38 27.55
N ASP A 1474 6.52 1.74 28.68
CA ASP A 1474 5.58 2.27 29.66
C ASP A 1474 6.06 1.92 31.07
N PRO A 1475 6.34 2.91 31.91
CA PRO A 1475 6.77 2.67 33.30
C PRO A 1475 5.63 2.15 34.18
N ASN B 50 -12.18 16.88 25.84
CA ASN B 50 -10.78 16.65 25.57
C ASN B 50 -10.57 16.18 24.12
N ARG B 51 -9.36 15.68 23.83
CA ARG B 51 -9.00 15.26 22.48
C ARG B 51 -8.67 13.77 22.40
N ARG B 52 -8.96 13.01 23.44
CA ARG B 52 -8.62 11.59 23.43
C ARG B 52 -9.46 10.86 22.39
N PRO B 53 -8.85 10.05 21.52
CA PRO B 53 -9.63 9.31 20.52
C PRO B 53 -10.55 8.30 21.19
N LYS B 54 -11.69 8.05 20.54
CA LYS B 54 -12.69 7.16 21.10
C LYS B 54 -12.20 5.71 21.05
N GLU B 55 -12.08 5.09 22.22
CA GLU B 55 -11.65 3.69 22.28
C GLU B 55 -12.77 2.79 21.80
N ASP B 56 -12.44 1.86 20.90
CA ASP B 56 -13.41 0.91 20.38
C ASP B 56 -12.66 -0.29 19.83
N ALA B 57 -13.36 -1.42 19.78
CA ALA B 57 -12.75 -2.64 19.25
C ALA B 57 -12.41 -2.51 17.77
N PHE B 58 -13.07 -1.60 17.05
CA PHE B 58 -12.78 -1.39 15.64
C PHE B 58 -11.78 -0.25 15.42
N THR B 59 -11.84 0.79 16.25
CA THR B 59 -10.94 1.92 16.08
C THR B 59 -9.53 1.60 16.55
N GLN B 60 -9.38 0.70 17.51
CA GLN B 60 -8.08 0.35 18.07
C GLN B 60 -7.43 -0.85 17.38
N GLN B 61 -7.93 -1.23 16.20
CA GLN B 61 -7.37 -2.35 15.45
C GLN B 61 -7.37 -3.64 16.26
N ARG B 62 -8.41 -3.85 17.05
CA ARG B 62 -8.54 -5.04 17.90
C ARG B 62 -9.79 -5.82 17.54
N LEU B 63 -10.14 -5.84 16.26
CA LEU B 63 -11.32 -6.57 15.82
C LEU B 63 -11.13 -8.07 16.05
N ALA B 64 -12.22 -8.74 16.40
CA ALA B 64 -12.17 -10.18 16.59
C ALA B 64 -11.76 -10.85 15.30
N ALA B 65 -10.77 -11.74 15.39
CA ALA B 65 -10.18 -12.32 14.19
C ALA B 65 -9.50 -13.63 14.54
N ILE B 66 -9.23 -14.42 13.51
CA ILE B 66 -8.48 -15.66 13.62
C ILE B 66 -7.28 -15.57 12.70
N ASN B 67 -6.10 -15.92 13.21
CA ASN B 67 -4.88 -15.85 12.43
C ASN B 67 -4.51 -17.27 12.00
N PRO B 68 -4.73 -17.65 10.74
CA PRO B 68 -4.41 -19.00 10.31
C PRO B 68 -2.99 -19.13 9.77
N VAL B 69 -2.33 -20.22 10.14
CA VAL B 69 -1.03 -20.58 9.62
C VAL B 69 -1.13 -21.97 9.00
N LEU B 70 -0.50 -22.15 7.85
CA LEU B 70 -0.63 -23.40 7.08
C LEU B 70 0.26 -24.49 7.67
N THR B 71 0.04 -24.77 8.96
CA THR B 71 0.73 -25.87 9.61
C THR B 71 0.24 -27.20 9.05
N PRO B 72 1.12 -28.21 8.97
CA PRO B 72 0.70 -29.50 8.43
C PRO B 72 -0.40 -30.16 9.24
N ARG B 73 -0.61 -29.74 10.49
CA ARG B 73 -1.73 -30.26 11.27
C ARG B 73 -3.08 -29.96 10.64
N THR B 74 -3.17 -28.91 9.81
CA THR B 74 -4.44 -28.53 9.21
C THR B 74 -4.32 -28.23 7.72
N VAL B 75 -3.29 -28.74 7.05
CA VAL B 75 -3.15 -28.62 5.60
C VAL B 75 -3.43 -29.95 4.91
N LEU B 76 -2.82 -31.02 5.38
CA LEU B 76 -3.11 -32.35 4.83
C LEU B 76 -4.59 -32.72 4.93
N PRO B 77 -5.28 -32.50 6.06
CA PRO B 77 -6.73 -32.76 6.05
C PRO B 77 -7.48 -31.97 5.00
N LEU B 78 -7.10 -30.71 4.77
CA LEU B 78 -7.78 -29.90 3.77
C LEU B 78 -7.57 -30.46 2.37
N TYR B 79 -6.32 -30.83 2.05
CA TYR B 79 -6.03 -31.39 0.74
C TYR B 79 -6.74 -32.72 0.54
N LEU B 80 -6.76 -33.58 1.56
CA LEU B 80 -7.47 -34.84 1.44
C LEU B 80 -8.97 -34.61 1.26
N LEU B 81 -9.53 -33.64 1.98
CA LEU B 81 -10.96 -33.36 1.83
C LEU B 81 -11.28 -32.90 0.41
N ILE B 82 -10.50 -31.96 -0.11
CA ILE B 82 -10.74 -31.47 -1.47
C ILE B 82 -10.57 -32.60 -2.47
N ALA B 83 -9.52 -33.42 -2.32
CA ALA B 83 -9.28 -34.50 -3.26
C ALA B 83 -10.43 -35.50 -3.25
N VAL B 84 -10.87 -35.91 -2.06
CA VAL B 84 -11.94 -36.89 -1.96
C VAL B 84 -13.22 -36.34 -2.57
N VAL B 85 -13.58 -35.10 -2.20
CA VAL B 85 -14.83 -34.52 -2.70
C VAL B 85 -14.79 -34.41 -4.22
N PHE B 86 -13.68 -33.93 -4.77
CA PHE B 86 -13.64 -33.70 -6.21
C PHE B 86 -13.54 -35.01 -6.99
N VAL B 87 -12.85 -36.02 -6.46
CA VAL B 87 -12.86 -37.32 -7.13
C VAL B 87 -14.27 -37.92 -7.10
N ILE B 88 -14.98 -37.79 -5.98
CA ILE B 88 -16.35 -38.29 -5.91
C ILE B 88 -17.22 -37.60 -6.95
N VAL B 89 -17.14 -36.27 -7.03
CA VAL B 89 -17.99 -35.53 -7.95
C VAL B 89 -17.62 -35.85 -9.40
N GLY B 90 -16.32 -35.96 -9.69
CA GLY B 90 -15.91 -36.28 -11.04
C GLY B 90 -16.35 -37.66 -11.47
N GLY B 91 -16.22 -38.65 -10.59
CA GLY B 91 -16.72 -39.98 -10.88
C GLY B 91 -18.23 -39.98 -11.11
N CYS B 92 -18.97 -39.25 -10.28
CA CYS B 92 -20.41 -39.18 -10.46
C CYS B 92 -20.76 -38.56 -11.80
N ILE B 93 -20.08 -37.47 -12.18
CA ILE B 93 -20.42 -36.80 -13.43
C ILE B 93 -20.04 -37.65 -14.63
N LEU B 94 -18.89 -38.34 -14.60
CA LEU B 94 -18.57 -39.22 -15.71
C LEU B 94 -19.54 -40.39 -15.79
N ALA B 95 -19.95 -40.95 -14.65
CA ALA B 95 -20.91 -42.04 -14.67
C ALA B 95 -22.24 -41.60 -15.26
N GLN B 96 -22.69 -40.39 -14.90
CA GLN B 96 -23.96 -39.90 -15.44
C GLN B 96 -23.83 -39.44 -16.88
N ASN B 97 -22.66 -38.97 -17.30
CA ASN B 97 -22.46 -38.37 -18.61
C ASN B 97 -22.13 -39.40 -19.68
N SER B 98 -21.49 -40.50 -19.33
CA SER B 98 -21.26 -41.55 -20.32
C SER B 98 -22.56 -42.15 -20.81
N LYS B 99 -23.66 -41.99 -20.07
CA LYS B 99 -24.94 -42.55 -20.45
C LYS B 99 -25.63 -41.78 -21.56
N VAL B 100 -25.26 -40.52 -21.80
CA VAL B 100 -25.96 -39.72 -22.78
C VAL B 100 -25.62 -40.20 -24.18
N ASP B 101 -26.57 -40.06 -25.10
CA ASP B 101 -26.41 -40.49 -26.48
C ASP B 101 -26.79 -39.36 -27.42
N GLU B 102 -26.17 -39.34 -28.59
CA GLU B 102 -26.39 -38.25 -29.53
C GLU B 102 -26.16 -38.74 -30.95
N VAL B 103 -26.77 -38.03 -31.90
CA VAL B 103 -26.62 -38.31 -33.32
C VAL B 103 -26.30 -37.00 -34.03
N THR B 104 -25.14 -36.94 -34.67
CA THR B 104 -24.74 -35.77 -35.44
C THR B 104 -24.62 -36.19 -36.90
N ILE B 105 -25.33 -35.50 -37.78
CA ILE B 105 -25.36 -35.84 -39.20
C ILE B 105 -25.17 -34.57 -39.99
N TYR B 106 -23.99 -34.40 -40.60
CA TYR B 106 -23.74 -33.26 -41.47
C TYR B 106 -24.32 -33.55 -42.85
N TYR B 107 -24.90 -32.52 -43.48
CA TYR B 107 -25.50 -32.73 -44.79
C TYR B 107 -25.19 -31.58 -45.75
N GLN B 108 -24.07 -30.89 -45.56
CA GLN B 108 -23.72 -29.83 -46.50
C GLN B 108 -23.42 -30.37 -47.89
N ASP B 109 -23.11 -31.66 -48.02
CA ASP B 109 -22.83 -32.30 -49.29
C ASP B 109 -24.03 -33.09 -49.82
N CYS B 110 -25.25 -32.68 -49.50
CA CYS B 110 -26.43 -33.40 -49.97
C CYS B 110 -26.89 -32.94 -51.34
N MET B 111 -26.23 -31.96 -51.95
CA MET B 111 -26.59 -31.53 -53.29
C MET B 111 -25.58 -31.97 -54.34
N THR B 112 -24.32 -31.58 -54.19
CA THR B 112 -23.32 -31.83 -55.21
C THR B 112 -22.90 -33.30 -55.27
N ASN B 113 -22.66 -33.91 -54.11
CA ASN B 113 -22.10 -35.25 -54.04
C ASN B 113 -23.15 -36.28 -53.67
N ALA B 114 -24.36 -36.12 -54.20
CA ALA B 114 -25.50 -36.94 -53.83
C ALA B 114 -26.06 -37.65 -55.06
N THR B 115 -26.65 -38.81 -54.82
CA THR B 115 -27.30 -39.59 -55.85
C THR B 115 -28.81 -39.61 -55.61
N SER B 116 -29.55 -39.78 -56.70
CA SER B 116 -31.01 -39.91 -56.59
C SER B 116 -31.43 -41.23 -55.95
N SER B 117 -30.48 -42.15 -55.75
CA SER B 117 -30.75 -43.41 -55.07
C SER B 117 -30.26 -43.35 -53.63
N TRP B 118 -30.56 -44.42 -52.88
CA TRP B 118 -30.27 -44.46 -51.45
C TRP B 118 -28.80 -44.79 -51.24
N SER B 119 -27.98 -43.78 -50.99
CA SER B 119 -26.56 -43.98 -50.79
C SER B 119 -26.28 -44.15 -49.30
N ASP B 120 -25.00 -44.14 -48.92
CA ASP B 120 -24.58 -44.20 -47.53
C ASP B 120 -23.72 -42.99 -47.22
N ILE B 121 -23.97 -42.39 -46.06
CA ILE B 121 -23.19 -41.19 -45.69
C ILE B 121 -21.73 -41.59 -45.51
N PRO B 122 -20.78 -40.84 -46.08
CA PRO B 122 -19.37 -41.15 -45.85
C PRO B 122 -19.02 -41.04 -44.37
N SER B 123 -18.03 -41.84 -43.96
CA SER B 123 -17.65 -41.93 -42.55
C SER B 123 -17.12 -40.63 -42.00
N GLU B 124 -17.01 -39.60 -42.83
CA GLU B 124 -16.52 -38.30 -42.39
C GLU B 124 -17.63 -37.35 -41.96
N HIS B 125 -18.90 -37.75 -42.03
CA HIS B 125 -20.00 -36.90 -41.64
C HIS B 125 -20.75 -37.43 -40.42
N TRP B 126 -21.26 -38.65 -40.47
CA TRP B 126 -22.14 -39.15 -39.42
C TRP B 126 -21.34 -39.48 -38.17
N GLN B 127 -21.94 -39.24 -37.00
CA GLN B 127 -21.36 -39.60 -35.72
C GLN B 127 -22.49 -40.00 -34.78
N PHE B 128 -22.61 -41.29 -34.51
CA PHE B 128 -23.56 -41.80 -33.53
C PHE B 128 -22.79 -42.16 -32.26
N VAL B 129 -23.30 -41.72 -31.11
CA VAL B 129 -22.70 -42.06 -29.83
C VAL B 129 -23.80 -42.58 -28.92
N PHE B 130 -23.82 -43.89 -28.71
CA PHE B 130 -24.76 -44.55 -27.82
C PHE B 130 -24.00 -45.29 -26.74
N HIS B 131 -24.53 -45.26 -25.51
CA HIS B 131 -23.87 -45.85 -24.37
C HIS B 131 -24.13 -47.34 -24.22
N LYS B 132 -24.95 -47.93 -25.10
CA LYS B 132 -25.26 -49.35 -25.03
C LYS B 132 -24.67 -50.15 -26.18
N TYR B 133 -24.23 -49.50 -27.26
CA TYR B 133 -23.67 -50.19 -28.42
C TYR B 133 -22.45 -49.40 -28.90
N LYS B 134 -21.28 -49.79 -28.39
CA LYS B 134 -20.04 -49.11 -28.75
C LYS B 134 -19.46 -49.61 -30.07
N THR B 135 -20.00 -50.67 -30.64
CA THR B 135 -19.56 -51.21 -31.93
C THR B 135 -20.66 -51.10 -32.96
N TYR B 136 -21.32 -49.94 -32.99
CA TYR B 136 -22.52 -49.72 -33.81
C TYR B 136 -22.18 -48.69 -34.88
N ASN B 137 -21.77 -49.17 -36.06
CA ASN B 137 -21.53 -48.26 -37.18
C ASN B 137 -22.83 -47.93 -37.90
N THR B 138 -23.44 -48.93 -38.54
CA THR B 138 -24.77 -48.84 -39.13
C THR B 138 -24.93 -47.54 -39.93
N ALA B 139 -24.18 -47.48 -41.03
CA ALA B 139 -24.11 -46.26 -41.81
C ALA B 139 -25.49 -45.83 -42.28
N PRO B 140 -25.93 -44.61 -41.99
CA PRO B 140 -27.26 -44.16 -42.41
C PRO B 140 -27.30 -43.80 -43.89
N GLN B 141 -28.51 -43.81 -44.43
CA GLN B 141 -28.72 -43.58 -45.86
C GLN B 141 -29.23 -42.16 -46.10
N TRP B 142 -29.08 -41.69 -47.34
CA TRP B 142 -29.38 -40.29 -47.61
C TRP B 142 -29.56 -40.12 -49.12
N ARG B 143 -30.58 -39.36 -49.49
CA ARG B 143 -31.02 -39.22 -50.87
C ARG B 143 -31.25 -37.75 -51.18
N PHE B 144 -31.16 -37.39 -52.46
CA PHE B 144 -31.35 -36.01 -52.91
C PHE B 144 -32.55 -35.96 -53.84
N VAL B 145 -33.46 -35.03 -53.58
CA VAL B 145 -34.64 -34.80 -54.41
C VAL B 145 -34.57 -33.36 -54.88
N ASP B 146 -34.22 -33.16 -56.15
CA ASP B 146 -34.05 -31.81 -56.67
C ASP B 146 -35.40 -31.11 -56.82
N ASP B 147 -35.34 -29.81 -57.08
CA ASP B 147 -36.54 -29.00 -57.23
C ASP B 147 -36.23 -27.92 -58.27
N GLU B 148 -36.58 -28.18 -59.53
CA GLU B 148 -36.23 -27.29 -60.63
C GLU B 148 -37.11 -26.06 -60.72
N SER B 149 -38.15 -25.96 -59.89
CA SER B 149 -38.99 -24.77 -59.91
C SER B 149 -38.21 -23.52 -59.50
N ASP B 150 -37.38 -23.64 -58.47
CA ASP B 150 -36.62 -22.50 -57.97
C ASP B 150 -35.37 -22.26 -58.80
N ASP B 151 -35.06 -20.99 -59.03
CA ASP B 151 -33.90 -20.59 -59.82
C ASP B 151 -32.64 -20.39 -58.99
N PHE B 152 -32.69 -20.68 -57.69
CA PHE B 152 -31.54 -20.52 -56.81
C PHE B 152 -30.62 -21.73 -56.98
N THR B 153 -29.75 -21.65 -57.99
CA THR B 153 -28.91 -22.78 -58.36
C THR B 153 -27.77 -23.03 -57.36
N LYS B 154 -27.48 -22.09 -56.46
CA LYS B 154 -26.38 -22.27 -55.53
C LYS B 154 -26.64 -23.45 -54.60
N GLN B 155 -27.85 -23.55 -54.05
CA GLN B 155 -28.22 -24.70 -53.24
C GLN B 155 -29.74 -24.75 -53.14
N ARG B 156 -30.33 -25.85 -53.58
CA ARG B 156 -31.78 -26.02 -53.59
C ARG B 156 -32.10 -27.51 -53.64
N GLY B 157 -33.35 -27.84 -53.33
CA GLY B 157 -33.84 -29.20 -53.41
C GLY B 157 -34.35 -29.69 -52.05
N THR B 158 -34.01 -30.93 -51.73
CA THR B 158 -34.44 -31.55 -50.49
C THR B 158 -33.52 -32.73 -50.19
N CYS B 159 -33.20 -32.91 -48.91
CA CYS B 159 -32.33 -33.98 -48.45
C CYS B 159 -33.14 -34.95 -47.60
N GLN B 160 -33.07 -36.24 -47.94
CA GLN B 160 -33.76 -37.30 -47.22
C GLN B 160 -32.70 -38.09 -46.45
N ILE B 161 -32.60 -37.84 -45.15
CA ILE B 161 -31.60 -38.49 -44.31
C ILE B 161 -32.30 -39.47 -43.40
N ARG B 162 -31.99 -40.75 -43.54
CA ARG B 162 -32.58 -41.79 -42.70
C ARG B 162 -31.49 -42.45 -41.87
N PHE B 163 -31.68 -42.45 -40.56
CA PHE B 163 -30.74 -43.02 -39.61
C PHE B 163 -31.45 -44.09 -38.78
N THR B 164 -30.71 -44.70 -37.86
CA THR B 164 -31.25 -45.75 -37.00
C THR B 164 -30.78 -45.51 -35.57
N THR B 165 -31.73 -45.47 -34.65
CA THR B 165 -31.42 -45.34 -33.23
C THR B 165 -31.62 -46.68 -32.56
N PRO B 166 -30.56 -47.36 -32.11
CA PRO B 166 -30.71 -48.65 -31.43
C PRO B 166 -31.14 -48.55 -29.98
N SER B 167 -31.60 -47.39 -29.52
CA SER B 167 -32.09 -47.22 -28.17
C SER B 167 -33.19 -46.17 -28.18
N ASP B 168 -33.55 -45.68 -27.01
CA ASP B 168 -34.62 -44.70 -26.88
C ASP B 168 -34.18 -43.55 -25.99
N MET B 169 -34.75 -42.37 -26.24
CA MET B 169 -34.45 -41.16 -25.51
C MET B 169 -35.70 -40.69 -24.79
N LYS B 170 -35.59 -40.50 -23.48
CA LYS B 170 -36.76 -40.42 -22.60
C LYS B 170 -37.32 -39.00 -22.58
N ASN B 171 -38.53 -38.85 -23.12
CA ASN B 171 -39.43 -37.74 -22.80
C ASN B 171 -38.91 -36.36 -23.17
N ASN B 172 -37.73 -36.29 -23.78
CA ASN B 172 -37.18 -35.00 -24.18
C ASN B 172 -36.20 -35.24 -25.32
N VAL B 173 -36.57 -34.83 -26.53
CA VAL B 173 -35.70 -34.96 -27.69
C VAL B 173 -35.53 -33.58 -28.31
N TYR B 174 -34.29 -33.14 -28.47
CA TYR B 174 -33.98 -31.87 -29.09
C TYR B 174 -33.26 -32.12 -30.41
N LEU B 175 -33.77 -31.49 -31.47
CA LEU B 175 -33.14 -31.50 -32.78
C LEU B 175 -32.61 -30.09 -33.05
N ASN B 176 -31.31 -29.96 -33.13
CA ASN B 176 -30.63 -28.68 -33.33
C ASN B 176 -30.02 -28.65 -34.72
N TYR B 177 -29.86 -27.46 -35.27
CA TYR B 177 -29.08 -27.30 -36.49
C TYR B 177 -27.71 -26.76 -36.13
N VAL B 178 -26.68 -27.52 -36.49
CA VAL B 178 -25.30 -27.18 -36.18
C VAL B 178 -24.66 -26.56 -37.40
N LEU B 179 -24.07 -25.39 -37.23
CA LEU B 179 -23.30 -24.73 -38.27
C LEU B 179 -21.83 -24.70 -37.86
N GLU B 180 -20.96 -24.63 -38.86
CA GLU B 180 -19.53 -24.64 -38.59
C GLU B 180 -18.84 -23.77 -39.63
N LYS B 181 -17.80 -23.06 -39.18
CA LYS B 181 -17.07 -22.11 -40.02
C LYS B 181 -17.98 -21.02 -40.56
N PHE B 182 -18.91 -20.57 -39.71
CA PHE B 182 -19.77 -19.43 -40.01
C PHE B 182 -19.51 -18.37 -38.94
N ALA B 183 -18.73 -17.36 -39.29
CA ALA B 183 -18.32 -16.32 -38.35
C ALA B 183 -19.53 -15.45 -38.00
N ALA B 184 -20.08 -15.65 -36.81
CA ALA B 184 -21.24 -14.90 -36.36
C ALA B 184 -20.94 -14.10 -35.09
N ASN B 185 -19.67 -13.82 -34.82
CA ASN B 185 -19.29 -13.05 -33.65
C ASN B 185 -18.39 -11.87 -34.00
N HIS B 186 -18.37 -11.46 -35.27
CA HIS B 186 -17.58 -10.30 -35.66
C HIS B 186 -18.22 -9.02 -35.12
N ARG B 187 -17.40 -7.97 -35.02
CA ARG B 187 -17.86 -6.73 -34.38
C ARG B 187 -19.01 -6.11 -35.15
N ARG B 188 -18.88 -6.01 -36.47
CA ARG B 188 -19.93 -5.38 -37.27
C ARG B 188 -21.18 -6.24 -37.33
N TYR B 189 -21.03 -7.56 -37.34
CA TYR B 189 -22.17 -8.46 -37.47
C TYR B 189 -23.05 -8.44 -36.22
N VAL B 190 -22.43 -8.53 -35.04
CA VAL B 190 -23.21 -8.74 -33.83
C VAL B 190 -23.82 -7.44 -33.29
N LEU B 191 -23.32 -6.28 -33.70
CA LEU B 191 -23.78 -5.01 -33.18
C LEU B 191 -24.79 -4.33 -34.10
N SER B 192 -25.27 -5.01 -35.14
CA SER B 192 -26.13 -4.39 -36.14
C SER B 192 -27.51 -5.04 -36.10
N PHE B 193 -28.37 -4.52 -35.21
CA PHE B 193 -29.78 -4.87 -35.20
C PHE B 193 -30.50 -3.84 -34.33
N SER B 194 -31.48 -3.15 -34.90
CA SER B 194 -32.15 -2.09 -34.16
C SER B 194 -32.97 -2.69 -33.03
N GLU B 195 -32.82 -2.13 -31.83
CA GLU B 195 -33.58 -2.63 -30.69
C GLU B 195 -35.02 -2.16 -30.71
N ASP B 196 -35.29 -0.98 -31.29
CA ASP B 196 -36.65 -0.48 -31.32
C ASP B 196 -37.56 -1.39 -32.13
N GLN B 197 -37.09 -1.87 -33.28
CA GLN B 197 -37.90 -2.76 -34.09
C GLN B 197 -38.13 -4.10 -33.39
N ILE B 198 -37.12 -4.58 -32.64
CA ILE B 198 -37.31 -5.81 -31.87
C ILE B 198 -38.35 -5.60 -30.78
N ARG B 199 -38.34 -4.43 -30.14
CA ARG B 199 -39.33 -4.15 -29.10
C ARG B 199 -40.73 -3.92 -29.66
N GLY B 200 -40.87 -3.82 -30.98
CA GLY B 200 -42.16 -3.63 -31.60
C GLY B 200 -42.45 -2.22 -32.06
N GLU B 201 -41.65 -1.24 -31.65
CA GLU B 201 -41.88 0.14 -32.06
C GLU B 201 -41.63 0.31 -33.55
N ASP B 202 -42.41 1.20 -34.16
CA ASP B 202 -42.28 1.48 -35.59
C ASP B 202 -41.30 2.64 -35.82
N ALA B 203 -40.07 2.42 -35.36
CA ALA B 203 -39.04 3.44 -35.47
C ALA B 203 -38.72 3.72 -36.94
N SER B 204 -38.43 4.97 -37.23
CA SER B 204 -38.17 5.42 -38.60
C SER B 204 -36.66 5.44 -38.86
N TYR B 205 -36.31 5.85 -40.09
CA TYR B 205 -34.91 5.94 -40.47
C TYR B 205 -34.13 6.92 -39.61
N GLU B 206 -34.81 7.88 -38.98
CA GLU B 206 -34.11 8.86 -38.16
C GLU B 206 -33.51 8.23 -36.90
N THR B 207 -34.11 7.15 -36.41
CA THR B 207 -33.65 6.51 -35.17
C THR B 207 -33.34 5.04 -35.36
N VAL B 208 -33.00 4.62 -36.59
CA VAL B 208 -32.67 3.22 -36.85
C VAL B 208 -31.31 3.15 -37.51
N HIS B 209 -30.92 4.21 -38.22
CA HIS B 209 -29.66 4.22 -38.95
C HIS B 209 -28.53 4.87 -38.15
N ASP B 210 -28.80 5.97 -37.46
CA ASP B 210 -27.75 6.67 -36.74
C ASP B 210 -28.04 6.72 -35.24
N ALA B 211 -28.45 5.59 -34.68
CA ALA B 211 -28.64 5.45 -33.24
C ALA B 211 -27.29 5.23 -32.57
N THR B 212 -27.30 4.76 -31.33
CA THR B 212 -26.07 4.53 -30.58
C THR B 212 -25.37 3.30 -31.18
N GLY B 213 -24.32 2.85 -30.49
CA GLY B 213 -23.47 1.78 -30.97
C GLY B 213 -24.17 0.53 -31.49
N ILE B 214 -25.42 0.33 -31.11
CA ILE B 214 -26.22 -0.81 -31.54
C ILE B 214 -27.22 -0.32 -32.58
N ASN B 215 -26.85 -0.43 -33.86
CA ASN B 215 -27.70 0.05 -34.93
C ASN B 215 -27.35 -0.69 -36.21
N CYS B 216 -28.33 -0.83 -37.09
CA CYS B 216 -28.15 -1.52 -38.37
C CYS B 216 -27.65 -0.52 -39.39
N LYS B 217 -26.33 -0.43 -39.53
CA LYS B 217 -25.74 0.62 -40.35
C LYS B 217 -25.85 0.35 -41.85
N PRO B 218 -25.34 -0.77 -42.38
CA PRO B 218 -25.29 -0.92 -43.84
C PRO B 218 -26.57 -1.47 -44.46
N LEU B 219 -27.53 -1.94 -43.65
CA LEU B 219 -28.79 -2.47 -44.16
C LEU B 219 -29.96 -1.76 -43.50
N SER B 220 -29.90 -0.43 -43.48
CA SER B 220 -30.97 0.35 -42.85
C SER B 220 -32.14 0.57 -43.79
N LYS B 221 -31.88 1.08 -44.99
CA LYS B 221 -32.92 1.39 -45.95
C LYS B 221 -32.54 0.86 -47.32
N ASN B 222 -33.56 0.61 -48.14
CA ASN B 222 -33.37 0.09 -49.48
C ASN B 222 -33.38 1.23 -50.49
N ALA B 223 -33.38 0.88 -51.79
CA ALA B 223 -33.27 1.87 -52.85
C ALA B 223 -34.57 2.63 -53.08
N ASP B 224 -35.69 2.15 -52.55
CA ASP B 224 -36.99 2.78 -52.78
C ASP B 224 -37.42 3.68 -51.64
N GLY B 225 -36.53 3.99 -50.70
CA GLY B 225 -36.87 4.85 -49.58
C GLY B 225 -37.52 4.15 -48.42
N LYS B 226 -37.75 2.85 -48.50
CA LYS B 226 -38.31 2.08 -47.40
C LYS B 226 -37.21 1.60 -46.47
N ILE B 227 -37.61 1.26 -45.24
CA ILE B 227 -36.69 0.75 -44.23
C ILE B 227 -37.05 -0.70 -43.95
N TYR B 228 -36.06 -1.58 -43.95
CA TYR B 228 -36.31 -2.99 -43.69
C TYR B 228 -36.89 -3.17 -42.30
N TYR B 229 -37.89 -4.06 -42.17
CA TYR B 229 -38.49 -4.27 -40.86
C TYR B 229 -37.51 -4.98 -39.92
N PRO B 230 -37.01 -6.19 -40.22
CA PRO B 230 -35.98 -6.74 -39.33
C PRO B 230 -34.59 -6.34 -39.81
N CYS B 231 -34.27 -5.05 -39.67
CA CYS B 231 -33.03 -4.53 -40.20
C CYS B 231 -31.83 -5.11 -39.45
N GLY B 232 -30.71 -5.17 -40.15
CA GLY B 232 -29.48 -5.64 -39.54
C GLY B 232 -28.95 -6.88 -40.22
N LEU B 233 -27.64 -7.06 -40.09
CA LEU B 233 -26.97 -8.21 -40.69
C LEU B 233 -27.35 -9.51 -40.01
N ILE B 234 -27.92 -9.44 -38.81
CA ILE B 234 -28.31 -10.65 -38.10
C ILE B 234 -29.57 -11.24 -38.70
N ALA B 235 -30.68 -10.48 -38.67
CA ALA B 235 -31.93 -10.97 -39.22
C ALA B 235 -31.88 -11.16 -40.72
N ASN B 236 -30.97 -10.46 -41.41
CA ASN B 236 -30.81 -10.65 -42.84
C ASN B 236 -30.16 -11.97 -43.18
N SER B 237 -29.54 -12.64 -42.21
CA SER B 237 -28.80 -13.87 -42.43
C SER B 237 -29.46 -15.04 -41.71
N MET B 238 -30.79 -15.12 -41.79
CA MET B 238 -31.51 -16.20 -41.12
C MET B 238 -31.13 -17.56 -41.70
N PHE B 239 -31.33 -18.60 -40.90
CA PHE B 239 -31.16 -19.97 -41.36
C PHE B 239 -32.43 -20.39 -42.10
N ASN B 240 -32.32 -20.57 -43.42
CA ASN B 240 -33.50 -20.78 -44.25
C ASN B 240 -33.80 -22.25 -44.50
N ASP B 241 -33.04 -23.18 -43.93
CA ASP B 241 -33.34 -24.60 -44.10
C ASP B 241 -34.65 -24.93 -43.41
N THR B 242 -35.66 -25.28 -44.21
CA THR B 242 -37.00 -25.55 -43.68
C THR B 242 -37.02 -26.95 -43.09
N PHE B 243 -36.76 -27.04 -41.78
CA PHE B 243 -36.80 -28.32 -41.10
C PHE B 243 -38.25 -28.79 -40.98
N PRO B 244 -38.47 -30.10 -40.97
CA PRO B 244 -39.85 -30.61 -40.96
C PRO B 244 -40.52 -30.54 -39.60
N LEU B 245 -41.73 -31.08 -39.51
CA LEU B 245 -42.49 -31.10 -38.27
C LEU B 245 -42.62 -32.48 -37.67
N GLN B 246 -41.93 -33.48 -38.24
CA GLN B 246 -42.06 -34.85 -37.75
C GLN B 246 -40.94 -35.71 -38.31
N LEU B 247 -40.48 -36.66 -37.52
CA LEU B 247 -39.56 -37.70 -38.00
C LEU B 247 -40.40 -38.85 -38.53
N THR B 248 -40.54 -38.93 -39.85
CA THR B 248 -41.36 -39.97 -40.46
C THR B 248 -40.69 -41.33 -40.26
N ASN B 249 -41.43 -42.27 -39.69
CA ASN B 249 -40.96 -43.62 -39.51
C ASN B 249 -40.99 -44.37 -40.84
N VAL B 250 -40.26 -45.49 -40.89
CA VAL B 250 -40.26 -46.34 -42.07
C VAL B 250 -40.65 -47.78 -41.77
N GLY B 251 -40.45 -48.27 -40.54
CA GLY B 251 -40.86 -49.62 -40.21
C GLY B 251 -42.28 -49.69 -39.72
N ASP B 252 -42.82 -48.56 -39.27
CA ASP B 252 -44.21 -48.50 -38.78
C ASP B 252 -44.72 -47.09 -39.08
N THR B 253 -45.38 -46.94 -40.22
CA THR B 253 -45.85 -45.62 -40.63
C THR B 253 -47.08 -45.17 -39.85
N SER B 254 -47.68 -46.07 -39.07
CA SER B 254 -48.87 -45.71 -38.31
C SER B 254 -48.56 -44.71 -37.19
N ASN B 255 -47.32 -44.70 -36.70
CA ASN B 255 -46.92 -43.83 -35.59
C ASN B 255 -45.67 -42.99 -35.90
N ASN B 256 -45.90 -41.88 -36.59
CA ASN B 256 -44.85 -40.91 -36.82
C ASN B 256 -44.47 -40.21 -35.52
N TYR B 257 -43.20 -39.87 -35.40
CA TYR B 257 -42.70 -39.16 -34.22
C TYR B 257 -42.79 -37.66 -34.52
N SER B 258 -43.65 -36.96 -33.79
CA SER B 258 -43.98 -35.59 -34.11
C SER B 258 -43.14 -34.61 -33.30
N LEU B 259 -42.78 -33.49 -33.93
CA LEU B 259 -42.05 -32.42 -33.30
C LEU B 259 -42.82 -31.11 -33.48
N THR B 260 -42.75 -30.26 -32.46
CA THR B 260 -43.41 -28.95 -32.50
C THR B 260 -42.37 -27.88 -32.24
N ASN B 261 -42.38 -26.84 -33.07
CA ASN B 261 -41.45 -25.73 -32.93
C ASN B 261 -41.97 -24.65 -31.97
N LYS B 262 -42.90 -25.00 -31.09
CA LYS B 262 -43.39 -24.08 -30.08
C LYS B 262 -42.66 -24.38 -28.77
N GLY B 263 -42.00 -23.37 -28.22
CA GLY B 263 -41.25 -23.55 -26.99
C GLY B 263 -39.80 -23.94 -27.17
N ILE B 264 -39.19 -23.62 -28.31
CA ILE B 264 -37.78 -23.89 -28.53
C ILE B 264 -36.89 -22.73 -28.12
N ASN B 265 -37.48 -21.66 -27.57
CA ASN B 265 -36.73 -20.55 -27.01
C ASN B 265 -37.22 -20.32 -25.59
N TRP B 266 -36.41 -19.58 -24.82
CA TRP B 266 -36.84 -19.18 -23.48
C TRP B 266 -38.15 -18.41 -23.57
N GLU B 267 -39.11 -18.77 -22.71
CA GLU B 267 -40.38 -18.06 -22.71
C GLU B 267 -40.19 -16.59 -22.39
N SER B 268 -39.13 -16.26 -21.65
CA SER B 268 -38.89 -14.88 -21.23
C SER B 268 -38.79 -13.93 -22.41
N ASP B 269 -38.20 -14.38 -23.52
CA ASP B 269 -38.06 -13.52 -24.69
C ASP B 269 -39.40 -13.08 -25.25
N LYS B 270 -40.48 -13.80 -24.94
CA LYS B 270 -41.79 -13.37 -25.39
C LYS B 270 -42.24 -12.07 -24.74
N LYS B 271 -41.56 -11.63 -23.68
CA LYS B 271 -41.80 -10.32 -23.10
C LYS B 271 -40.92 -9.23 -23.70
N ARG B 272 -40.10 -9.57 -24.69
CA ARG B 272 -39.20 -8.63 -25.33
C ARG B 272 -39.42 -8.52 -26.83
N TYR B 273 -39.75 -9.62 -27.49
CA TYR B 273 -40.05 -9.61 -28.92
C TYR B 273 -41.55 -9.39 -29.08
N LYS B 274 -41.95 -8.16 -29.34
CA LYS B 274 -43.35 -7.80 -29.48
C LYS B 274 -43.74 -7.68 -30.96
N LYS B 275 -45.03 -7.81 -31.21
CA LYS B 275 -45.55 -7.64 -32.57
C LYS B 275 -45.29 -6.24 -33.07
N THR B 276 -44.96 -6.12 -34.35
CA THR B 276 -44.62 -4.83 -34.93
C THR B 276 -45.85 -3.91 -34.98
N LYS B 277 -45.60 -2.65 -35.30
CA LYS B 277 -46.63 -1.63 -35.42
C LYS B 277 -46.47 -0.86 -36.72
N TYR B 278 -46.07 -1.54 -37.78
CA TYR B 278 -45.91 -0.93 -39.09
C TYR B 278 -47.17 -1.12 -39.93
N ASN B 279 -47.27 -0.32 -41.00
CA ASN B 279 -48.44 -0.30 -41.86
C ASN B 279 -48.16 -0.93 -43.23
N TYR B 280 -47.19 -1.84 -43.28
CA TYR B 280 -46.83 -2.62 -44.48
C TYR B 280 -46.65 -1.75 -45.72
N THR B 281 -46.43 -0.45 -45.54
CA THR B 281 -46.22 0.45 -46.66
C THR B 281 -44.89 1.18 -46.61
N GLN B 282 -44.16 1.11 -45.50
CA GLN B 282 -42.86 1.73 -45.36
C GLN B 282 -41.76 0.72 -45.05
N ILE B 283 -42.07 -0.58 -45.10
CA ILE B 283 -41.09 -1.61 -44.78
C ILE B 283 -40.99 -2.59 -45.93
N ALA B 284 -39.83 -3.22 -46.04
CA ALA B 284 -39.54 -4.22 -47.06
C ALA B 284 -38.71 -5.32 -46.43
N PRO B 285 -38.78 -6.54 -46.95
CA PRO B 285 -37.94 -7.61 -46.41
C PRO B 285 -36.48 -7.34 -46.67
N PRO B 286 -35.57 -7.86 -45.86
CA PRO B 286 -34.14 -7.66 -46.08
C PRO B 286 -33.71 -8.27 -47.40
N PRO B 287 -32.59 -7.82 -47.96
CA PRO B 287 -32.22 -8.26 -49.32
C PRO B 287 -32.09 -9.76 -49.46
N TYR B 288 -31.70 -10.48 -48.41
CA TYR B 288 -31.61 -11.93 -48.48
C TYR B 288 -32.93 -12.63 -48.22
N TRP B 289 -33.96 -11.89 -47.81
CA TRP B 289 -35.28 -12.46 -47.56
C TRP B 289 -36.21 -12.37 -48.76
N GLU B 290 -35.75 -11.78 -49.87
CA GLU B 290 -36.64 -11.52 -50.99
C GLU B 290 -37.22 -12.81 -51.57
N LYS B 291 -36.45 -13.90 -51.55
CA LYS B 291 -36.96 -15.16 -52.07
C LYS B 291 -38.10 -15.72 -51.23
N MET B 292 -38.25 -15.27 -49.99
CA MET B 292 -39.36 -15.72 -49.15
C MET B 292 -40.59 -14.85 -49.32
N TYR B 293 -40.42 -13.58 -49.67
CA TYR B 293 -41.53 -12.66 -49.92
C TYR B 293 -41.27 -11.97 -51.25
N PRO B 294 -41.48 -12.68 -52.36
CA PRO B 294 -41.17 -12.09 -53.67
C PRO B 294 -41.96 -10.82 -53.97
N ASP B 295 -43.20 -10.74 -53.50
CA ASP B 295 -44.05 -9.59 -53.78
C ASP B 295 -43.93 -8.49 -52.73
N GLY B 296 -43.02 -8.64 -51.77
CA GLY B 296 -42.86 -7.64 -50.73
C GLY B 296 -43.79 -7.86 -49.56
N TYR B 297 -43.90 -6.82 -48.74
CA TYR B 297 -44.73 -6.86 -47.55
C TYR B 297 -46.12 -6.30 -47.86
N ASN B 298 -47.15 -7.09 -47.61
CA ASN B 298 -48.53 -6.66 -47.76
C ASN B 298 -49.23 -6.74 -46.41
N GLU B 299 -50.55 -6.54 -46.43
CA GLU B 299 -51.31 -6.41 -45.20
C GLU B 299 -51.32 -7.68 -44.35
N THR B 300 -51.04 -8.85 -44.94
CA THR B 300 -51.18 -10.10 -44.22
C THR B 300 -49.90 -10.91 -44.07
N ASN B 301 -48.85 -10.59 -44.82
CA ASN B 301 -47.62 -11.39 -44.81
C ASN B 301 -46.61 -10.92 -43.79
N ILE B 302 -46.96 -9.95 -42.94
CA ILE B 302 -46.01 -9.45 -41.94
C ILE B 302 -45.68 -10.55 -40.95
N PRO B 303 -44.40 -10.86 -40.73
CA PRO B 303 -44.04 -11.94 -39.79
C PRO B 303 -44.17 -11.47 -38.35
N ASP B 304 -44.96 -12.18 -37.57
CA ASP B 304 -45.16 -11.87 -36.15
C ASP B 304 -44.04 -12.51 -35.36
N ILE B 305 -42.99 -11.74 -35.06
CA ILE B 305 -41.80 -12.29 -34.43
C ILE B 305 -42.01 -12.64 -32.96
N GLN B 306 -43.17 -12.33 -32.39
CA GLN B 306 -43.42 -12.69 -31.00
C GLN B 306 -43.42 -14.20 -30.82
N ASP B 307 -44.05 -14.93 -31.73
CA ASP B 307 -44.10 -16.38 -31.67
C ASP B 307 -43.16 -17.06 -32.66
N TRP B 308 -42.40 -16.29 -33.44
CA TRP B 308 -41.46 -16.83 -34.42
C TRP B 308 -40.19 -17.25 -33.67
N GLU B 309 -40.25 -18.44 -33.07
CA GLU B 309 -39.16 -18.90 -32.22
C GLU B 309 -37.90 -19.17 -33.03
N GLU B 310 -38.05 -19.63 -34.27
CA GLU B 310 -36.88 -19.89 -35.10
C GLU B 310 -36.05 -18.63 -35.31
N PHE B 311 -36.72 -17.50 -35.53
CA PHE B 311 -36.03 -16.22 -35.69
C PHE B 311 -35.55 -15.66 -34.36
N GLN B 312 -36.27 -15.90 -33.27
CA GLN B 312 -35.80 -15.46 -31.97
C GLN B 312 -34.49 -16.14 -31.59
N ASN B 313 -34.38 -17.44 -31.88
CA ASN B 313 -33.14 -18.16 -31.59
C ASN B 313 -31.99 -17.70 -32.46
N TRP B 314 -32.26 -17.07 -33.61
CA TRP B 314 -31.20 -16.57 -34.45
C TRP B 314 -30.81 -15.13 -34.14
N MET B 315 -31.57 -14.44 -33.28
CA MET B 315 -31.18 -13.10 -32.89
C MET B 315 -30.21 -13.11 -31.70
N ARG B 316 -29.86 -14.30 -31.21
CA ARG B 316 -28.75 -14.41 -30.28
C ARG B 316 -27.55 -14.97 -31.05
N PRO B 317 -26.66 -14.12 -31.53
CA PRO B 317 -25.51 -14.61 -32.29
C PRO B 317 -24.62 -15.52 -31.43
N GLY B 318 -24.11 -16.57 -32.06
CA GLY B 318 -23.27 -17.50 -31.34
C GLY B 318 -21.97 -16.85 -30.89
N ALA B 319 -21.44 -17.34 -29.77
CA ALA B 319 -20.22 -16.77 -29.23
C ALA B 319 -19.00 -17.19 -30.05
N PHE B 320 -18.95 -18.46 -30.46
CA PHE B 320 -17.81 -19.01 -31.16
C PHE B 320 -18.22 -19.44 -32.57
N ASP B 321 -17.25 -19.95 -33.33
CA ASP B 321 -17.50 -20.26 -34.73
C ASP B 321 -18.56 -21.33 -34.90
N LYS B 322 -18.47 -22.41 -34.12
CA LYS B 322 -19.51 -23.43 -34.16
C LYS B 322 -20.78 -22.87 -33.53
N ILE B 323 -21.91 -23.19 -34.15
CA ILE B 323 -23.21 -22.68 -33.72
C ILE B 323 -24.17 -23.84 -33.58
N THR B 324 -24.89 -23.89 -32.45
CA THR B 324 -25.88 -24.94 -32.22
C THR B 324 -27.11 -24.29 -31.61
N LYS B 325 -28.15 -24.12 -32.40
CA LYS B 325 -29.38 -23.46 -31.98
C LYS B 325 -30.53 -24.44 -32.08
N LEU B 326 -31.34 -24.52 -31.02
CA LEU B 326 -32.45 -25.45 -31.00
C LEU B 326 -33.49 -25.06 -32.05
N ILE B 327 -33.96 -26.05 -32.80
CA ILE B 327 -34.98 -25.79 -33.81
C ILE B 327 -36.19 -26.71 -33.69
N ARG B 328 -36.09 -27.90 -33.10
CA ARG B 328 -37.26 -28.75 -32.93
C ARG B 328 -37.19 -29.42 -31.57
N ILE B 329 -38.33 -29.51 -30.89
CA ILE B 329 -38.36 -30.09 -29.55
C ILE B 329 -39.49 -31.11 -29.47
N ASN B 330 -39.31 -32.10 -28.60
CA ASN B 330 -40.35 -33.08 -28.30
C ASN B 330 -40.33 -33.36 -26.81
N LYS B 331 -41.47 -33.18 -26.15
CA LYS B 331 -41.54 -33.25 -24.70
C LYS B 331 -42.54 -34.27 -24.18
N ASN B 332 -43.21 -35.01 -25.05
CA ASN B 332 -44.28 -35.91 -24.63
C ASN B 332 -43.95 -37.39 -24.80
N ASP B 333 -43.55 -37.82 -25.99
CA ASP B 333 -43.43 -39.23 -26.32
C ASP B 333 -41.97 -39.62 -26.44
N THR B 334 -41.61 -40.73 -25.80
CA THR B 334 -40.29 -41.31 -25.97
C THR B 334 -40.10 -41.74 -27.43
N LEU B 335 -38.87 -41.59 -27.92
CA LEU B 335 -38.55 -42.01 -29.28
C LEU B 335 -38.11 -43.47 -29.29
N PRO B 336 -38.97 -44.38 -29.72
CA PRO B 336 -38.60 -45.79 -29.69
C PRO B 336 -37.48 -46.13 -30.67
N ALA B 337 -36.71 -47.16 -30.34
CA ALA B 337 -35.60 -47.57 -31.18
C ALA B 337 -36.10 -48.03 -32.54
N GLY B 338 -35.43 -47.60 -33.59
CA GLY B 338 -35.81 -47.96 -34.93
C GLY B 338 -35.18 -47.03 -35.95
N GLU B 339 -35.59 -47.21 -37.20
CA GLU B 339 -35.10 -46.42 -38.32
C GLU B 339 -36.05 -45.27 -38.59
N TYR B 340 -35.49 -44.07 -38.71
CA TYR B 340 -36.27 -42.85 -38.90
C TYR B 340 -35.76 -42.06 -40.08
N GLN B 341 -36.66 -41.28 -40.68
CA GLN B 341 -36.39 -40.49 -41.87
C GLN B 341 -36.65 -39.02 -41.56
N LEU B 342 -35.80 -38.15 -42.09
CA LEU B 342 -35.92 -36.72 -41.92
C LEU B 342 -35.74 -36.05 -43.28
N ASP B 343 -36.68 -35.20 -43.66
CA ASP B 343 -36.61 -34.47 -44.92
C ASP B 343 -36.35 -32.99 -44.65
N ILE B 344 -35.30 -32.46 -45.24
CA ILE B 344 -34.76 -31.14 -44.90
C ILE B 344 -34.62 -30.33 -46.17
N GLY B 345 -35.11 -29.08 -46.13
CA GLY B 345 -34.85 -28.18 -47.23
C GLY B 345 -33.40 -27.77 -47.32
N LEU B 346 -33.01 -27.21 -48.45
CA LEU B 346 -31.63 -26.79 -48.70
C LEU B 346 -31.59 -25.38 -49.27
N HIS B 347 -32.29 -24.46 -48.62
CA HIS B 347 -32.29 -23.07 -49.09
C HIS B 347 -31.00 -22.33 -48.71
N TRP B 348 -30.41 -22.64 -47.56
CA TRP B 348 -29.31 -21.83 -47.02
C TRP B 348 -27.99 -22.32 -47.60
N PRO B 349 -27.27 -21.50 -48.35
CA PRO B 349 -26.01 -21.96 -48.95
C PRO B 349 -24.87 -21.98 -47.94
N VAL B 350 -24.04 -23.01 -48.04
CA VAL B 350 -22.96 -23.24 -47.08
C VAL B 350 -21.60 -23.35 -47.76
N LEU B 351 -21.51 -24.12 -48.86
CA LEU B 351 -20.22 -24.44 -49.45
C LEU B 351 -19.51 -23.23 -50.06
N GLU B 352 -20.19 -22.10 -50.20
CA GLU B 352 -19.56 -20.93 -50.78
C GLU B 352 -18.38 -20.43 -49.95
N PHE B 353 -18.47 -20.55 -48.62
CA PHE B 353 -17.37 -20.19 -47.73
C PHE B 353 -16.74 -21.42 -47.08
N ASN B 354 -16.93 -22.60 -47.68
CA ASN B 354 -16.34 -23.85 -47.20
C ASN B 354 -16.74 -24.10 -45.74
N GLY B 355 -18.00 -23.83 -45.42
CA GLY B 355 -18.54 -24.10 -44.11
C GLY B 355 -19.10 -25.50 -44.01
N LYS B 356 -19.80 -25.74 -42.90
CA LYS B 356 -20.49 -27.01 -42.70
C LYS B 356 -21.83 -26.74 -42.02
N LYS B 357 -22.79 -27.63 -42.25
CA LYS B 357 -24.06 -27.56 -41.55
C LYS B 357 -24.60 -28.98 -41.40
N GLY B 358 -25.49 -29.15 -40.43
CA GLY B 358 -26.01 -30.48 -40.17
C GLY B 358 -27.02 -30.46 -39.04
N ILE B 359 -27.47 -31.65 -38.67
CA ILE B 359 -28.43 -31.82 -37.58
C ILE B 359 -27.74 -32.49 -36.41
N TYR B 360 -28.26 -32.22 -35.22
CA TYR B 360 -27.73 -32.74 -33.96
C TYR B 360 -28.92 -33.10 -33.09
N LEU B 361 -29.20 -34.39 -32.96
CA LEU B 361 -30.35 -34.88 -32.23
C LEU B 361 -29.90 -35.55 -30.95
N THR B 362 -30.44 -35.09 -29.82
CA THR B 362 -30.01 -35.65 -28.54
C THR B 362 -31.09 -35.48 -27.50
N HIS B 363 -31.00 -36.31 -26.46
CA HIS B 363 -31.82 -36.13 -25.27
C HIS B 363 -31.21 -35.13 -24.31
N GLY B 364 -29.90 -34.92 -24.37
CA GLY B 364 -29.23 -34.05 -23.44
C GLY B 364 -29.08 -34.70 -22.08
N SER B 365 -28.69 -33.88 -21.11
CA SER B 365 -28.55 -34.32 -19.73
C SER B 365 -28.65 -33.10 -18.82
N HIS B 366 -28.29 -33.26 -17.55
CA HIS B 366 -28.34 -32.16 -16.61
C HIS B 366 -27.17 -31.20 -16.78
N LEU B 367 -26.13 -31.57 -17.52
CA LEU B 367 -25.00 -30.70 -17.80
C LEU B 367 -24.85 -30.45 -19.29
N GLY B 368 -25.96 -30.49 -20.03
CA GLY B 368 -25.92 -30.29 -21.47
C GLY B 368 -25.76 -31.58 -22.24
N GLY B 369 -25.15 -31.49 -23.42
CA GLY B 369 -24.92 -32.65 -24.24
C GLY B 369 -23.72 -33.45 -23.77
N ARG B 370 -23.23 -34.31 -24.65
CA ARG B 370 -22.08 -35.15 -24.32
C ARG B 370 -20.82 -34.29 -24.29
N ASN B 371 -20.23 -34.15 -23.10
CA ASN B 371 -19.00 -33.39 -22.95
C ASN B 371 -18.21 -33.94 -21.78
N PRO B 372 -17.10 -34.63 -22.03
CA PRO B 372 -16.31 -35.23 -20.94
C PRO B 372 -15.48 -34.22 -20.17
N PHE B 373 -15.47 -32.95 -20.58
CA PHE B 373 -14.52 -31.99 -20.05
C PHE B 373 -14.69 -31.80 -18.54
N LEU B 374 -15.93 -31.68 -18.08
CA LEU B 374 -16.16 -31.43 -16.65
C LEU B 374 -15.64 -32.59 -15.80
N GLY B 375 -15.97 -33.81 -16.18
CA GLY B 375 -15.49 -34.96 -15.43
C GLY B 375 -13.99 -35.11 -15.49
N ILE B 376 -13.41 -34.89 -16.67
CA ILE B 376 -11.96 -34.99 -16.81
C ILE B 376 -11.27 -33.98 -15.89
N VAL B 377 -11.77 -32.75 -15.85
CA VAL B 377 -11.08 -31.74 -15.07
C VAL B 377 -11.32 -31.92 -13.57
N TYR B 378 -12.49 -32.41 -13.14
CA TYR B 378 -12.60 -32.81 -11.74
C TYR B 378 -11.64 -33.93 -11.39
N LEU B 379 -11.48 -34.92 -12.26
CA LEU B 379 -10.52 -35.98 -11.97
C LEU B 379 -9.11 -35.43 -11.89
N ILE B 380 -8.76 -34.50 -12.79
CA ILE B 380 -7.43 -33.91 -12.76
C ILE B 380 -7.21 -33.12 -11.49
N GLY B 381 -8.21 -32.35 -11.06
CA GLY B 381 -8.07 -31.60 -9.83
C GLY B 381 -7.91 -32.50 -8.61
N GLY B 382 -8.72 -33.56 -8.54
CA GLY B 382 -8.60 -34.50 -7.43
C GLY B 382 -7.26 -35.22 -7.43
N CYS B 383 -6.81 -35.66 -8.61
CA CYS B 383 -5.52 -36.34 -8.70
C CYS B 383 -4.37 -35.42 -8.32
N ILE B 384 -4.42 -34.17 -8.77
CA ILE B 384 -3.36 -33.22 -8.43
C ILE B 384 -3.36 -32.92 -6.94
N CYS B 385 -4.55 -32.76 -6.34
CA CYS B 385 -4.60 -32.54 -4.91
C CYS B 385 -4.05 -33.72 -4.13
N ALA B 386 -4.40 -34.94 -4.54
CA ALA B 386 -3.87 -36.12 -3.87
C ALA B 386 -2.36 -36.23 -4.04
N ALA B 387 -1.87 -35.97 -5.25
CA ALA B 387 -0.43 -36.03 -5.49
C ALA B 387 0.31 -35.00 -4.65
N MET B 388 -0.25 -33.79 -4.54
CA MET B 388 0.38 -32.77 -3.69
C MET B 388 0.33 -33.18 -2.22
N ALA B 389 -0.75 -33.81 -1.79
CA ALA B 389 -0.83 -34.28 -0.41
C ALA B 389 0.27 -35.30 -0.13
N LEU B 390 0.45 -36.26 -1.04
CA LEU B 390 1.52 -37.25 -0.87
C LEU B 390 2.90 -36.59 -0.93
N ILE B 391 3.08 -35.60 -1.80
CA ILE B 391 4.36 -34.92 -1.90
C ILE B 391 4.70 -34.21 -0.60
N LEU B 392 3.73 -33.48 -0.04
CA LEU B 392 3.95 -32.84 1.25
C LEU B 392 4.19 -33.87 2.35
N LEU B 393 3.47 -34.99 2.33
CA LEU B 393 3.67 -36.01 3.35
C LEU B 393 5.09 -36.55 3.30
N THR B 394 5.59 -36.87 2.11
CA THR B 394 6.94 -37.40 1.98
C THR B 394 7.98 -36.37 2.35
N PHE B 395 7.83 -35.14 1.85
CA PHE B 395 8.81 -34.09 2.16
C PHE B 395 8.72 -33.61 3.60
N TRP B 396 7.66 -33.95 4.32
CA TRP B 396 7.55 -33.67 5.74
C TRP B 396 8.12 -34.79 6.59
N LEU B 397 7.98 -36.05 6.14
CA LEU B 397 8.58 -37.16 6.85
C LEU B 397 10.07 -37.31 6.55
N PHE B 398 10.58 -36.64 5.51
CA PHE B 398 11.98 -36.72 5.15
C PHE B 398 12.76 -35.46 5.47
N GLY B 399 12.31 -34.27 5.04
CA GLY B 399 12.85 -32.99 5.56
C GLY B 399 12.08 -32.45 6.75
N GLY B 400 11.91 -33.26 7.79
CA GLY B 400 11.17 -32.82 8.96
C GLY B 400 11.91 -31.75 9.73
N ARG B 401 11.14 -30.92 10.45
CA ARG B 401 11.70 -29.86 11.26
C ARG B 401 10.72 -29.53 12.38
N LYS B 402 11.24 -28.91 13.44
CA LYS B 402 10.39 -28.50 14.54
C LYS B 402 9.40 -27.44 14.08
N ILE B 403 8.20 -27.48 14.66
CA ILE B 403 7.12 -26.63 14.17
C ILE B 403 7.33 -25.18 14.61
N ALA B 404 7.42 -24.94 15.92
CA ALA B 404 7.71 -23.61 16.45
C ALA B 404 9.18 -23.49 16.79
N ASP B 405 10.02 -23.61 15.77
CA ASP B 405 11.47 -23.64 15.93
C ASP B 405 12.03 -22.23 16.09
N ALA B 406 12.10 -21.79 17.35
CA ALA B 406 12.61 -20.46 17.65
C ALA B 406 14.09 -20.29 17.29
N SER B 407 14.83 -21.39 17.21
CA SER B 407 16.25 -21.35 16.87
C SER B 407 16.49 -21.39 15.38
N SER B 408 15.46 -21.10 14.57
CA SER B 408 15.60 -21.07 13.13
C SER B 408 15.38 -19.69 12.54
N LEU B 409 15.21 -18.66 13.36
CA LEU B 409 14.99 -17.32 12.86
C LEU B 409 16.25 -16.77 12.21
N SER B 410 16.07 -15.81 11.31
CA SER B 410 17.19 -15.29 10.53
C SER B 410 18.20 -14.53 11.38
N TRP B 411 17.79 -13.98 12.52
CA TRP B 411 18.69 -13.24 13.38
C TRP B 411 19.29 -14.07 14.51
N ASN B 412 18.77 -15.27 14.75
CA ASN B 412 19.30 -16.15 15.78
C ASN B 412 20.38 -17.08 15.26
N MET B 413 20.73 -17.00 13.98
CA MET B 413 21.79 -17.82 13.43
C MET B 413 23.03 -16.99 13.13
C1 NAG C . -49.46 -11.15 -49.52
C2 NAG C . -50.71 -11.72 -50.19
C3 NAG C . -50.74 -13.24 -50.03
C4 NAG C . -49.43 -13.85 -50.53
C5 NAG C . -48.24 -13.19 -49.85
C6 NAG C . -46.91 -13.66 -50.38
C7 NAG C . -52.51 -10.06 -50.18
C8 NAG C . -53.74 -9.58 -49.49
N2 NAG C . -51.91 -11.13 -49.65
O3 NAG C . -51.83 -13.77 -50.77
O4 NAG C . -49.42 -15.25 -50.25
O5 NAG C . -48.29 -11.77 -50.05
O6 NAG C . -46.59 -14.96 -49.90
O7 NAG C . -52.07 -9.51 -51.19
C1 NAG C . -49.40 -15.99 -51.49
C2 NAG C . -49.24 -17.50 -51.18
C3 NAG C . -50.46 -18.07 -50.45
C4 NAG C . -51.72 -17.27 -50.77
C5 NAG C . -51.64 -16.77 -52.21
C6 NAG C . -52.92 -16.13 -52.70
C7 NAG C . -48.37 -19.46 -52.37
C8 NAG C . -48.15 -20.11 -53.70
N2 NAG C . -48.95 -18.26 -52.38
O3 NAG C . -50.23 -18.04 -49.05
O4 NAG C . -52.87 -18.09 -50.63
O5 NAG C . -50.61 -15.77 -52.30
O6 NAG C . -53.28 -16.62 -53.98
O7 NAG C . -48.04 -20.02 -51.32
C1 NAG D . -32.44 -18.10 -47.50
C2 NAG D . -33.06 -17.61 -48.82
C3 NAG D . -32.04 -17.64 -49.95
C4 NAG D . -30.79 -16.88 -49.54
C5 NAG D . -30.22 -17.49 -48.27
C6 NAG D . -28.99 -16.78 -47.76
C7 NAG D . -35.44 -18.20 -48.64
C8 NAG D . -36.51 -19.13 -49.11
N2 NAG D . -34.22 -18.41 -49.17
O3 NAG D . -32.61 -17.05 -51.11
O4 NAG D . -29.82 -16.93 -50.59
O5 NAG D . -31.22 -17.38 -47.24
O6 NAG D . -29.29 -15.96 -46.65
O7 NAG D . -35.65 -17.31 -47.82
C1 NAG D . -29.63 -15.59 -51.09
C2 NAG D . -28.18 -15.43 -51.53
C3 NAG D . -27.96 -14.01 -52.06
C4 NAG D . -28.98 -13.66 -53.13
C5 NAG D . -30.40 -13.96 -52.65
C6 NAG D . -31.44 -13.80 -53.73
C7 NAG D . -25.98 -16.01 -50.62
C8 NAG D . -25.18 -16.28 -49.37
N2 NAG D . -27.27 -15.70 -50.43
O3 NAG D . -26.64 -13.91 -52.59
O4 NAG D . -28.91 -12.26 -53.41
O5 NAG D . -30.50 -15.31 -52.18
O6 NAG D . -32.66 -14.44 -53.39
O7 NAG D . -25.49 -16.10 -51.73
C1 MAN D . -28.19 -12.00 -54.62
C2 MAN D . -28.88 -10.79 -55.29
C3 MAN D . -29.05 -11.04 -56.77
C4 MAN D . -27.75 -11.59 -57.36
C5 MAN D . -27.45 -12.97 -56.74
C6 MAN D . -25.98 -13.18 -56.45
O2 MAN D . -28.06 -9.61 -55.19
O3 MAN D . -29.46 -9.87 -57.47
O4 MAN D . -27.88 -11.72 -58.77
O5 MAN D . -28.17 -13.13 -55.49
O6 MAN D . -25.23 -12.73 -57.57
C1 MAN D . -29.78 -7.44 -58.48
C2 MAN D . -30.54 -8.16 -57.35
C3 MAN D . -30.80 -9.62 -57.72
C4 MAN D . -31.39 -9.73 -59.13
C5 MAN D . -30.50 -9.00 -60.14
C6 MAN D . -31.08 -9.00 -61.55
O1 MAN D . -28.46 -7.93 -58.42
O2 MAN D . -31.83 -7.59 -57.14
O3 MAN D . -31.65 -10.25 -56.78
O4 MAN D . -31.50 -11.10 -59.51
O5 MAN D . -30.36 -7.63 -59.73
O6 MAN D . -30.12 -8.39 -62.42
C1 NAG E . -46.40 -40.48 -41.42
C2 NAG E . -47.87 -40.53 -41.84
C3 NAG E . -47.99 -41.07 -43.26
C4 NAG E . -47.10 -40.29 -44.21
C5 NAG E . -45.67 -40.23 -43.67
C6 NAG E . -44.76 -39.34 -44.51
C7 NAG E . -49.59 -40.83 -40.12
C8 NAG E . -50.30 -41.79 -39.22
N2 NAG E . -48.65 -41.34 -40.92
O3 NAG E . -49.34 -40.99 -43.68
O4 NAG E . -47.07 -40.94 -45.48
O5 NAG E . -45.67 -39.70 -42.34
O6 NAG E . -45.37 -38.08 -44.75
O7 NAG E . -49.86 -39.63 -40.12
C1 NAG E . -47.69 -40.08 -46.46
C2 NAG E . -47.66 -40.80 -47.81
C3 NAG E . -48.33 -39.94 -48.89
C4 NAG E . -49.74 -39.56 -48.43
C5 NAG E . -49.71 -38.91 -47.05
C6 NAG E . -51.08 -38.63 -46.51
C7 NAG E . -45.74 -42.32 -48.04
C8 NAG E . -44.32 -42.46 -48.49
N2 NAG E . -46.29 -41.10 -48.20
O3 NAG E . -48.39 -40.66 -50.10
O4 NAG E . -50.31 -38.65 -49.37
O5 NAG E . -49.05 -39.78 -46.12
O6 NAG E . -51.67 -39.80 -45.95
O7 NAG E . -46.37 -43.25 -47.55
C1 NAG F . -47.09 -32.27 -26.30
C2 NAG F . -47.33 -31.75 -27.72
C3 NAG F . -47.73 -30.29 -27.69
C4 NAG F . -48.92 -30.08 -26.76
C5 NAG F . -48.63 -30.69 -25.39
C6 NAG F . -49.82 -30.64 -24.45
C7 NAG F . -45.94 -33.03 -29.29
C8 NAG F . -44.67 -33.06 -30.08
N2 NAG F . -46.14 -31.94 -28.54
O3 NAG F . -48.06 -29.87 -29.01
O4 NAG F . -49.17 -28.68 -26.60
O5 NAG F . -48.26 -32.06 -25.52
O6 NAG F . -51.04 -30.78 -25.16
O7 NAG F . -46.76 -33.95 -29.34
C1 NAG F . -50.36 -28.32 -27.32
C2 NAG F . -50.80 -26.94 -26.86
C3 NAG F . -52.03 -26.48 -27.63
C4 NAG F . -51.78 -26.58 -29.13
C5 NAG F . -51.30 -27.98 -29.50
C6 NAG F . -50.93 -28.11 -30.96
C7 NAG F . -50.12 -26.64 -24.52
C8 NAG F . -50.56 -26.66 -23.09
N2 NAG F . -51.05 -26.91 -25.42
O3 NAG F . -52.36 -25.15 -27.28
O4 NAG F . -52.99 -26.29 -29.83
O5 NAG F . -50.15 -28.32 -28.73
O6 NAG F . -51.61 -29.18 -31.59
O7 NAG F . -48.95 -26.38 -24.84
C1 CLR G . -3.49 -19.57 -33.88
C2 CLR G . -3.73 -19.89 -35.36
C3 CLR G . -4.78 -18.92 -35.89
C4 CLR G . -4.20 -17.51 -35.82
C5 CLR G . -3.83 -17.20 -34.40
C6 CLR G . -4.11 -15.99 -33.95
C7 CLR G . -3.79 -15.57 -32.57
C8 CLR G . -2.57 -16.33 -32.07
C9 CLR G . -2.75 -17.83 -32.23
C10 CLR G . -2.91 -18.16 -33.73
C11 CLR G . -1.58 -18.60 -31.63
C12 CLR G . -1.28 -18.21 -30.19
C13 CLR G . -1.11 -16.70 -30.07
C14 CLR G . -2.40 -16.04 -30.60
C15 CLR G . -2.20 -14.61 -30.19
C16 CLR G . -1.72 -14.75 -28.76
C17 CLR G . -1.05 -16.14 -28.64
C18 CLR G . 0.09 -16.20 -30.88
C19 CLR G . -1.55 -18.08 -34.43
C20 CLR G . 0.37 -16.01 -28.07
C21 CLR G . 0.79 -17.30 -27.41
C22 CLR G . 0.42 -14.87 -27.07
C23 CLR G . 1.79 -14.79 -26.44
C24 CLR G . 1.67 -14.32 -24.99
C25 CLR G . 0.90 -13.00 -24.91
C26 CLR G . 0.54 -12.71 -23.46
C27 CLR G . 1.75 -11.86 -25.47
O1 CLR G . -5.01 -19.27 -37.22
C1 CLR H . 3.52 -22.32 -15.08
C2 CLR H . 2.92 -23.19 -16.19
C3 CLR H . 2.43 -24.50 -15.59
C4 CLR H . 1.32 -24.17 -14.60
C5 CLR H . 1.86 -23.28 -13.55
C6 CLR H . 2.04 -23.78 -12.35
C7 CLR H . 2.73 -23.04 -11.29
C8 CLR H . 2.54 -21.56 -11.54
C9 CLR H . 3.12 -21.17 -12.89
C10 CLR H . 2.45 -21.98 -14.04
C11 CLR H . 2.96 -19.65 -13.10
C12 CLR H . 3.55 -18.81 -11.96
C13 CLR H . 3.02 -19.31 -10.61
C14 CLR H . 3.34 -20.79 -10.52
C15 CLR H . 3.05 -21.09 -9.07
C16 CLR H . 3.80 -19.96 -8.39
C17 CLR H . 3.74 -18.75 -9.34
C18 CLR H . 1.50 -19.09 -10.49
C19 CLR H . 1.35 -21.17 -14.69
C20 CLR H . 3.02 -17.59 -8.69
C21 CLR H . 3.48 -16.29 -9.32
C22 CLR H . 3.28 -17.55 -7.17
C23 CLR H . 4.51 -16.72 -6.87
C24 CLR H . 4.72 -16.58 -5.37
C25 CLR H . 5.12 -15.14 -5.02
C26 CLR H . 5.51 -15.06 -3.56
C27 CLR H . 6.27 -14.67 -5.90
O1 CLR H . 1.93 -25.27 -16.63
C1 CLR I . -6.74 -28.22 -25.41
C2 CLR I . -7.30 -28.33 -26.81
C3 CLR I . -8.42 -27.30 -26.98
C4 CLR I . -7.82 -25.91 -26.84
C5 CLR I . -7.16 -25.78 -25.51
C6 CLR I . -7.54 -24.81 -24.70
C7 CLR I . -7.05 -24.68 -23.33
C8 CLR I . -5.65 -25.26 -23.24
C9 CLR I . -5.66 -26.72 -23.70
C10 CLR I . -6.12 -26.83 -25.17
C11 CLR I . -4.26 -27.36 -23.52
C12 CLR I . -3.65 -27.15 -22.12
C13 CLR I . -3.68 -25.66 -21.77
C14 CLR I . -5.16 -25.22 -21.82
C15 CLR I . -5.14 -23.89 -21.12
C16 CLR I . -4.24 -24.15 -19.92
C17 CLR I . -3.26 -25.28 -20.32
C18 CLR I . -2.86 -24.84 -22.79
C19 CLR I . -4.95 -26.63 -26.12
C20 CLR I . -1.78 -24.85 -20.22
C21 CLR I . -0.90 -26.04 -19.89
C22 CLR I . -1.57 -23.74 -19.20
C23 CLR I . -1.08 -22.49 -19.91
C24 CLR I . 0.13 -21.91 -19.20
C25 CLR I . 0.28 -20.43 -19.57
C26 CLR I . 1.54 -19.86 -18.94
C27 CLR I . 0.34 -20.26 -21.10
O1 CLR I . -8.95 -27.48 -28.26
C1 CLR J . -25.78 -26.68 -5.42
C2 CLR J . -24.45 -27.33 -5.77
C3 CLR J . -24.69 -28.47 -6.79
C4 CLR J . -25.36 -27.88 -8.04
C5 CLR J . -26.57 -27.11 -7.69
C6 CLR J . -27.67 -27.27 -8.41
C7 CLR J . -28.88 -26.43 -8.25
C8 CLR J . -28.48 -25.10 -7.62
C9 CLR J . -27.72 -25.36 -6.30
C10 CLR J . -26.39 -26.03 -6.66
C11 CLR J . -27.45 -24.04 -5.52
C12 CLR J . -28.65 -23.10 -5.43
C13 CLR J . -29.25 -22.87 -6.82
C14 CLR J . -29.70 -24.26 -7.33
C15 CLR J . -30.60 -23.91 -8.49
C16 CLR J . -31.41 -22.73 -7.96
C17 CLR J . -30.55 -22.05 -6.88
C18 CLR J . -28.21 -22.27 -7.78
C19 CLR J . -25.41 -24.99 -7.21
C20 CLR J . -30.26 -20.55 -7.18
C21 CLR J . -30.51 -19.70 -5.93
C22 CLR J . -31.07 -20.05 -8.40
C23 CLR J . -32.26 -19.22 -7.94
C24 CLR J . -33.37 -19.28 -8.98
C25 CLR J . -32.94 -18.55 -10.24
C26 CLR J . -34.07 -18.62 -11.25
C27 CLR J . -32.61 -17.10 -9.93
O1 CLR J . -23.45 -29.00 -7.11
MG MG K . 15.46 22.06 21.60
PG ACP L . 20.44 22.31 23.09
O1G ACP L . 20.44 20.97 22.45
O2G ACP L . 19.92 22.17 24.61
O3G ACP L . 19.46 23.29 22.28
PB ACP L . 22.62 23.33 21.37
O1B ACP L . 22.19 22.22 20.50
O2B ACP L . 24.22 23.47 21.30
C3B ACP L . 22.12 22.99 23.08
PA ACP L . 22.08 26.04 21.72
O1A ACP L . 21.54 25.79 23.11
O2A ACP L . 21.54 27.19 20.90
O3A ACP L . 21.93 24.69 20.87
O5' ACP L . 23.68 26.23 21.83
C5' ACP L . 24.24 27.25 22.66
C4' ACP L . 24.91 26.62 23.86
O4' ACP L . 24.84 27.51 24.98
C3' ACP L . 24.22 25.32 24.27
O3' ACP L . 25.14 24.23 24.13
C2' ACP L . 23.75 25.52 25.70
O2' ACP L . 24.32 24.56 26.60
C1' ACP L . 24.18 26.93 26.09
N9 ACP L . 22.98 27.73 26.44
C8 ACP L . 21.75 27.24 26.70
N7 ACP L . 20.88 28.24 26.98
C5 ACP L . 21.55 29.40 26.92
C6 ACP L . 21.24 30.83 27.11
N6 ACP L . 19.99 31.24 27.45
N1 ACP L . 22.25 31.73 26.96
C2 ACP L . 23.49 31.33 26.63
N3 ACP L . 23.85 30.06 26.44
C4 ACP L . 22.94 29.05 26.57
C1 MAN M . -22.32 -7.68 -55.82
C2 MAN M . -23.35 -7.82 -54.69
C3 MAN M . -23.19 -9.16 -53.99
C4 MAN M . -23.15 -10.30 -55.00
C5 MAN M . -22.03 -10.06 -56.02
C6 MAN M . -21.96 -11.12 -57.09
O1 MAN M . -21.08 -7.42 -55.19
O2 MAN M . -24.68 -7.82 -55.20
O3 MAN M . -24.21 -9.38 -53.02
O4 MAN M . -22.93 -11.54 -54.34
O5 MAN M . -22.28 -8.80 -56.67
O6 MAN M . -23.10 -11.01 -57.92
C1 CLR N . -1.75 -35.28 -16.23
C2 CLR N . -1.09 -34.49 -15.10
C3 CLR N . 0.21 -33.89 -15.63
C4 CLR N . -0.13 -32.90 -16.74
C5 CLR N . -0.90 -33.58 -17.82
C6 CLR N . -0.69 -33.21 -19.07
C7 CLR N . -1.47 -33.72 -20.22
C8 CLR N . -2.84 -34.22 -19.75
C9 CLR N . -2.68 -35.16 -18.55
C10 CLR N . -2.12 -34.34 -17.37
C11 CLR N . -4.01 -35.80 -18.14
C12 CLR N . -4.71 -36.49 -19.30
C13 CLR N . -4.91 -35.48 -20.44
C14 CLR N . -3.51 -34.99 -20.87
C15 CLR N . -3.82 -34.22 -22.15
C16 CLR N . -4.86 -35.12 -22.84
C17 CLR N . -5.45 -36.06 -21.75
C18 CLR N . -5.78 -34.29 -20.00
C19 CLR N . -3.15 -33.31 -16.90
C20 CLR N . -6.98 -36.12 -21.81
C21 CLR N . -7.48 -37.47 -21.32
C22 CLR N . -7.47 -35.86 -23.23
C23 CLR N . -8.96 -36.15 -23.33
C24 CLR N . -9.44 -35.97 -24.75
C25 CLR N . -10.87 -36.48 -24.88
C26 CLR N . -11.35 -36.28 -26.31
C27 CLR N . -10.94 -37.95 -24.50
O1 CLR N . 0.81 -33.23 -14.56
C1 NAG O . -18.18 -37.72 -52.28
C2 NAG O . -17.01 -37.50 -53.26
C3 NAG O . -16.08 -38.70 -53.23
C4 NAG O . -15.61 -38.98 -51.80
C5 NAG O . -16.83 -39.14 -50.89
C6 NAG O . -16.44 -39.29 -49.43
C7 NAG O . -17.67 -36.04 -55.11
C8 NAG O . -18.18 -35.97 -56.52
N2 NAG O . -17.50 -37.26 -54.60
O3 NAG O . -14.94 -38.43 -54.05
O4 NAG O . -14.84 -40.18 -51.77
O5 NAG O . -17.66 -37.97 -50.96
O6 NAG O . -16.79 -38.15 -48.68
O7 NAG O . -17.42 -35.03 -54.46
#